data_7A57
#
_entry.id   7A57
#
_cell.length_a   170.873
_cell.length_b   170.873
_cell.length_c   379.220
_cell.angle_alpha   90.000
_cell.angle_beta   90.000
_cell.angle_gamma   120.000
#
_symmetry.space_group_name_H-M   'P 61 2 2'
#
loop_
_entity.id
_entity.type
_entity.pdbx_description
1 polymer 'Envelopment polyprotein'
2 branched 2-acetamido-2-deoxy-beta-D-glucopyranose-(1-4)-[alpha-L-fucopyranose-(1-6)]2-acetamido-2-deoxy-beta-D-glucopyranose
#
_entity_poly.entity_id   1
_entity_poly.type   'polypeptide(L)'
_entity_poly.pdbx_seq_one_letter_code
;EWSHPQFEKGGIAKIDVHNIEDIEQYKKAITQKLQTSLSLFKYAKTKNLPHIKPIYKYITIEGTETAEGIESAYIESEVP
ALAGTSIGFKINSKEGKHLLDVIAYVKSASYSSVYTKLYSTGPTSGINTKHDELCTGPCPANINHQVGWLTFARERTSSH
GCEEFGCLAVSDGCVFGSCQDIIKEELSVYRKETEEVTDVELCLTFSDKTYCTNLNPVTPIITDLFEVQFKTVETYSLPR
IVAVQNHEIKIGQINDLGVYSKGCGNVQKVNGTIYGNGVPRFDYLCHLASRKEVIVRKCFDNDYQACKFLQSPASYRLEE
DSGTVTIIDYKKILGTIKMKAILGDVKYKTFADSVDITAEGSCTGCINCFENIHCELTLHTTIEASCPIKSSCTVFHDRI
LVTPNEHKYALKMVCTEKPGNTLTIKVCNTKVEASMALVDAKPIIELAPVDQTAYIRE
;
_entity_poly.pdbx_strand_id   A,B,C
#
# COMPACT_ATOMS: atom_id res chain seq x y z
N ASP A 22 -51.25 18.91 -23.43
CA ASP A 22 -50.39 20.09 -23.47
C ASP A 22 -49.04 19.76 -22.83
N ILE A 23 -47.97 20.36 -23.36
CA ILE A 23 -46.63 19.97 -22.93
C ILE A 23 -46.23 20.62 -21.61
N GLU A 24 -46.74 21.82 -21.32
CA GLU A 24 -46.36 22.52 -20.09
C GLU A 24 -46.82 21.74 -18.86
N GLN A 25 -48.13 21.49 -18.77
CA GLN A 25 -48.69 20.71 -17.68
C GLN A 25 -48.02 19.34 -17.56
N TYR A 26 -47.62 18.73 -18.67
CA TYR A 26 -47.01 17.40 -18.61
C TYR A 26 -45.59 17.46 -18.05
N LYS A 27 -44.77 18.41 -18.53
CA LYS A 27 -43.41 18.53 -17.98
C LYS A 27 -43.44 18.93 -16.51
N LYS A 28 -44.40 19.76 -16.11
CA LYS A 28 -44.55 20.05 -14.68
C LYS A 28 -45.03 18.82 -13.92
N ALA A 29 -45.86 17.99 -14.56
CA ALA A 29 -46.35 16.77 -13.92
C ALA A 29 -45.22 15.76 -13.72
N ILE A 30 -44.35 15.60 -14.71
CA ILE A 30 -43.26 14.64 -14.56
C ILE A 30 -42.16 15.20 -13.65
N THR A 31 -41.92 16.52 -13.70
CA THR A 31 -41.00 17.14 -12.75
C THR A 31 -41.48 16.91 -11.33
N GLN A 32 -42.78 17.05 -11.10
CA GLN A 32 -43.34 16.79 -9.78
C GLN A 32 -43.25 15.30 -9.44
N LYS A 33 -43.46 14.42 -10.44
CA LYS A 33 -43.45 12.98 -10.18
C LYS A 33 -42.06 12.48 -9.79
N LEU A 34 -41.04 12.85 -10.56
CA LEU A 34 -39.67 12.54 -10.18
C LEU A 34 -39.29 13.24 -8.89
N GLN A 35 -39.79 14.46 -8.70
CA GLN A 35 -39.49 15.24 -7.52
C GLN A 35 -39.98 14.54 -6.26
N THR A 36 -41.22 14.04 -6.29
CA THR A 36 -41.76 13.29 -5.16
C THR A 36 -41.22 11.87 -5.09
N SER A 37 -40.71 11.32 -6.20
CA SER A 37 -39.99 10.05 -6.12
C SER A 37 -38.72 10.21 -5.29
N LEU A 38 -37.94 11.26 -5.57
CA LEU A 38 -36.69 11.47 -4.86
C LEU A 38 -36.95 11.96 -3.44
N SER A 39 -37.98 12.80 -3.28
CA SER A 39 -38.35 13.25 -1.94
C SER A 39 -38.86 12.08 -1.11
N LEU A 40 -39.61 11.16 -1.75
CA LEU A 40 -40.08 9.97 -1.06
C LEU A 40 -38.91 9.13 -0.58
N PHE A 41 -37.86 9.03 -1.40
CA PHE A 41 -36.68 8.30 -0.95
C PHE A 41 -35.71 9.27 -0.27
N LYS A 42 -34.49 8.81 -0.02
CA LYS A 42 -33.57 9.49 0.88
C LYS A 42 -32.99 10.79 0.32
N TYR A 43 -33.31 11.24 -0.88
CA TYR A 43 -32.59 12.39 -1.40
C TYR A 43 -33.05 13.67 -0.69
N ALA A 44 -32.11 14.60 -0.50
CA ALA A 44 -32.36 15.86 0.18
C ALA A 44 -32.26 17.02 -0.81
N LYS A 45 -33.10 18.03 -0.62
CA LYS A 45 -33.14 19.18 -1.52
C LYS A 45 -32.07 20.19 -1.14
N THR A 46 -31.33 20.68 -2.14
CA THR A 46 -30.26 21.63 -1.91
C THR A 46 -30.35 22.75 -2.94
N LYS A 47 -29.39 23.68 -2.89
CA LYS A 47 -29.40 24.85 -3.75
C LYS A 47 -28.89 24.49 -5.13
N ASN A 48 -29.69 24.72 -6.16
CA ASN A 48 -29.29 24.33 -7.52
C ASN A 48 -27.99 25.01 -7.92
N LEU A 49 -27.10 24.24 -8.55
CA LEU A 49 -25.81 24.73 -9.01
C LEU A 49 -25.87 25.04 -10.49
N PRO A 50 -25.66 26.29 -10.89
CA PRO A 50 -25.75 26.65 -12.32
C PRO A 50 -24.55 26.21 -13.14
N HIS A 51 -23.39 26.11 -12.49
CA HIS A 51 -22.13 25.87 -13.15
C HIS A 51 -21.87 24.39 -13.44
N ILE A 52 -22.77 23.50 -13.06
CA ILE A 52 -22.60 22.07 -13.33
C ILE A 52 -23.31 21.69 -14.62
N LYS A 53 -22.51 21.31 -15.62
CA LYS A 53 -22.99 20.82 -16.90
C LYS A 53 -22.06 19.70 -17.33
N PRO A 54 -22.59 18.66 -17.99
CA PRO A 54 -21.74 17.54 -18.39
C PRO A 54 -20.78 17.95 -19.49
N ILE A 55 -19.53 17.50 -19.35
CA ILE A 55 -18.51 17.78 -20.35
C ILE A 55 -18.31 16.59 -21.30
N TYR A 56 -18.75 15.40 -20.91
CA TYR A 56 -18.44 14.15 -21.60
C TYR A 56 -19.75 13.38 -21.81
N LYS A 57 -19.77 12.52 -22.83
CA LYS A 57 -20.93 11.70 -23.13
C LYS A 57 -20.54 10.24 -22.99
N TYR A 58 -21.41 9.43 -22.39
CA TYR A 58 -20.96 8.09 -22.01
C TYR A 58 -21.85 7.04 -22.66
N ILE A 59 -21.45 5.77 -22.48
CA ILE A 59 -22.17 4.66 -23.11
C ILE A 59 -23.50 4.44 -22.41
N THR A 60 -24.57 4.35 -23.20
CA THR A 60 -25.92 4.15 -22.66
C THR A 60 -26.56 2.93 -23.31
N ILE A 61 -27.35 2.23 -22.52
CA ILE A 61 -28.19 1.12 -22.96
C ILE A 61 -29.63 1.48 -22.63
N GLU A 62 -30.49 1.49 -23.65
CA GLU A 62 -31.88 1.84 -23.43
C GLU A 62 -32.75 0.60 -23.54
N GLY A 63 -34.00 0.75 -23.13
CA GLY A 63 -34.93 -0.37 -23.18
C GLY A 63 -36.27 0.04 -22.62
N THR A 64 -37.16 -0.95 -22.52
CA THR A 64 -38.50 -0.75 -21.97
C THR A 64 -38.86 -1.93 -21.08
N GLU A 65 -39.28 -1.64 -19.86
CA GLU A 65 -39.85 -2.63 -18.96
C GLU A 65 -41.34 -2.37 -18.82
N THR A 66 -42.09 -3.46 -18.67
CA THR A 66 -43.55 -3.42 -18.58
C THR A 66 -43.97 -3.91 -17.22
N ALA A 67 -44.71 -3.08 -16.49
CA ALA A 67 -45.25 -3.43 -15.18
C ALA A 67 -46.77 -3.44 -15.33
N GLU A 68 -47.37 -4.61 -15.20
CA GLU A 68 -48.82 -4.78 -15.37
C GLU A 68 -49.26 -4.18 -16.70
N GLY A 69 -50.18 -3.23 -16.66
CA GLY A 69 -50.66 -2.60 -17.87
C GLY A 69 -49.83 -1.44 -18.37
N ILE A 70 -48.95 -0.87 -17.53
CA ILE A 70 -48.22 0.33 -17.88
C ILE A 70 -46.84 -0.07 -18.40
N GLU A 71 -46.41 0.59 -19.47
CA GLU A 71 -45.11 0.37 -20.08
C GLU A 71 -44.24 1.60 -19.89
N SER A 72 -42.99 1.38 -19.46
CA SER A 72 -42.07 2.48 -19.16
C SER A 72 -40.72 2.22 -19.80
N ALA A 73 -40.14 3.29 -20.37
CA ALA A 73 -38.86 3.21 -21.06
C ALA A 73 -37.75 3.73 -20.16
N TYR A 74 -36.67 2.95 -20.06
CA TYR A 74 -35.53 3.25 -19.20
C TYR A 74 -34.27 3.46 -20.03
N ILE A 75 -33.43 4.39 -19.57
CA ILE A 75 -32.06 4.53 -20.04
C ILE A 75 -31.14 4.17 -18.90
N GLU A 76 -30.02 3.50 -19.24
CA GLU A 76 -29.07 2.99 -18.25
C GLU A 76 -27.67 3.41 -18.67
N SER A 77 -26.94 4.04 -17.75
CA SER A 77 -25.63 4.55 -18.09
C SER A 77 -24.70 4.43 -16.88
N GLU A 78 -23.41 4.24 -17.15
CA GLU A 78 -22.42 4.06 -16.11
C GLU A 78 -21.38 5.17 -16.17
N VAL A 79 -20.98 5.63 -14.98
CA VAL A 79 -20.16 6.84 -14.80
C VAL A 79 -19.05 6.57 -13.79
N PRO A 80 -17.82 7.07 -14.01
CA PRO A 80 -16.80 6.91 -12.97
C PRO A 80 -17.17 7.68 -11.72
N ALA A 81 -16.87 7.07 -10.57
CA ALA A 81 -17.16 7.67 -9.27
C ALA A 81 -15.99 8.58 -8.94
N LEU A 82 -16.05 9.80 -9.47
CA LEU A 82 -15.00 10.78 -9.33
C LEU A 82 -15.64 12.13 -9.07
N ALA A 83 -15.06 12.90 -8.14
CA ALA A 83 -15.63 14.20 -7.81
C ALA A 83 -15.62 15.09 -9.04
N GLY A 84 -16.76 15.75 -9.31
CA GLY A 84 -16.90 16.64 -10.44
C GLY A 84 -17.46 16.01 -11.71
N THR A 85 -17.64 14.70 -11.74
CA THR A 85 -18.13 14.04 -12.94
C THR A 85 -19.64 14.18 -13.05
N SER A 86 -20.13 14.37 -14.28
CA SER A 86 -21.56 14.54 -14.49
C SER A 86 -21.92 14.03 -15.88
N ILE A 87 -23.21 13.69 -16.07
CA ILE A 87 -23.74 13.23 -17.34
C ILE A 87 -25.08 13.90 -17.56
N GLY A 88 -25.40 14.21 -18.82
CA GLY A 88 -26.66 14.84 -19.14
C GLY A 88 -27.69 13.94 -19.81
N PHE A 89 -28.95 14.13 -19.44
CA PHE A 89 -30.06 13.47 -20.10
C PHE A 89 -31.09 14.50 -20.50
N LYS A 90 -31.50 14.47 -21.77
CA LYS A 90 -32.64 15.23 -22.27
C LYS A 90 -33.81 14.29 -22.47
N ILE A 91 -34.95 14.63 -21.86
CA ILE A 91 -36.17 13.84 -21.94
C ILE A 91 -37.13 14.51 -22.93
N ASN A 92 -37.56 13.75 -23.92
CA ASN A 92 -38.46 14.18 -24.97
C ASN A 92 -39.74 13.37 -24.87
N SER A 93 -40.80 13.87 -25.51
CA SER A 93 -42.03 13.11 -25.65
C SER A 93 -42.03 12.45 -27.02
N LYS A 94 -42.50 11.21 -27.09
CA LYS A 94 -42.49 10.49 -28.35
C LYS A 94 -43.04 11.36 -29.48
N GLU A 95 -42.17 11.68 -30.44
CA GLU A 95 -42.41 12.57 -31.58
C GLU A 95 -42.36 14.06 -31.23
N GLY A 96 -41.91 14.43 -30.04
CA GLY A 96 -41.94 15.83 -29.63
C GLY A 96 -40.86 16.17 -28.63
N LYS A 97 -40.42 17.42 -28.66
CA LYS A 97 -39.28 17.84 -27.85
C LYS A 97 -39.31 19.33 -27.48
N HIS A 98 -38.82 19.66 -26.27
CA HIS A 98 -38.43 18.64 -25.30
C HIS A 98 -39.16 18.90 -23.99
N LEU A 99 -39.08 17.93 -23.07
CA LEU A 99 -39.77 18.03 -21.78
C LEU A 99 -38.88 18.65 -20.71
N LEU A 100 -37.82 17.94 -20.34
CA LEU A 100 -37.04 18.30 -19.17
C LEU A 100 -35.61 17.81 -19.34
N ASP A 101 -34.67 18.51 -18.71
CA ASP A 101 -33.27 18.10 -18.67
C ASP A 101 -32.91 17.69 -17.25
N VAL A 102 -32.29 16.52 -17.10
CA VAL A 102 -31.79 16.07 -15.82
C VAL A 102 -30.29 15.82 -15.93
N ILE A 103 -29.53 16.43 -15.03
CA ILE A 103 -28.08 16.27 -14.97
C ILE A 103 -27.76 15.46 -13.73
N ALA A 104 -26.93 14.43 -13.90
CA ALA A 104 -26.48 13.60 -12.81
C ALA A 104 -25.04 13.97 -12.49
N TYR A 105 -24.85 14.59 -11.33
CA TYR A 105 -23.57 15.13 -10.90
C TYR A 105 -23.06 14.33 -9.71
N VAL A 106 -21.77 13.98 -9.75
CA VAL A 106 -21.11 13.33 -8.62
C VAL A 106 -20.46 14.43 -7.79
N LYS A 107 -21.06 14.74 -6.65
CA LYS A 107 -20.57 15.85 -5.84
C LYS A 107 -19.36 15.45 -5.01
N SER A 108 -19.35 14.24 -4.48
CA SER A 108 -18.27 13.84 -3.59
C SER A 108 -17.83 12.42 -3.91
N ALA A 109 -16.52 12.22 -4.04
CA ALA A 109 -15.93 10.89 -4.09
C ALA A 109 -14.66 10.94 -3.27
N SER A 110 -14.66 10.26 -2.11
CA SER A 110 -13.51 10.32 -1.22
C SER A 110 -13.49 9.07 -0.35
N TYR A 111 -12.33 8.83 0.26
CA TYR A 111 -12.22 7.83 1.31
C TYR A 111 -11.43 8.40 2.47
N SER A 112 -11.80 7.99 3.69
CA SER A 112 -11.27 8.63 4.89
C SER A 112 -11.00 7.59 5.97
N SER A 113 -10.14 7.98 6.93
CA SER A 113 -9.91 7.23 8.16
C SER A 113 -9.57 8.20 9.28
N VAL A 114 -9.82 7.79 10.53
CA VAL A 114 -9.51 8.62 11.69
C VAL A 114 -8.31 8.02 12.41
N TYR A 115 -7.40 8.88 12.87
CA TYR A 115 -6.18 8.40 13.50
C TYR A 115 -6.09 8.93 14.93
N THR A 116 -5.39 8.18 15.77
CA THR A 116 -5.18 8.54 17.17
C THR A 116 -3.77 9.08 17.34
N LYS A 117 -3.62 10.04 18.24
CA LYS A 117 -2.32 10.66 18.46
C LYS A 117 -1.40 9.69 19.21
N LEU A 118 -0.20 9.50 18.67
CA LEU A 118 0.81 8.66 19.31
C LEU A 118 1.75 9.48 20.19
N TYR A 119 2.45 10.45 19.60
CA TYR A 119 3.46 11.21 20.33
C TYR A 119 3.65 12.57 19.66
N SER A 120 4.38 13.44 20.35
CA SER A 120 4.92 14.66 19.79
C SER A 120 6.44 14.54 19.73
N THR A 121 7.06 15.25 18.79
CA THR A 121 8.50 15.20 18.65
C THR A 121 9.03 16.55 18.21
N GLY A 122 10.34 16.62 18.06
CA GLY A 122 11.01 17.84 17.68
C GLY A 122 12.49 17.80 18.02
N PRO A 123 13.21 18.86 17.68
CA PRO A 123 14.64 18.89 17.94
C PRO A 123 14.93 19.00 19.44
N THR A 124 16.16 18.65 19.81
CA THR A 124 16.57 18.61 21.21
C THR A 124 17.12 19.97 21.61
N SER A 125 16.45 20.64 22.55
CA SER A 125 16.90 21.94 23.04
C SER A 125 17.86 21.84 24.22
N GLY A 126 17.77 20.80 25.03
CA GLY A 126 18.63 20.66 26.19
C GLY A 126 18.74 19.21 26.61
N ILE A 127 19.41 19.01 27.75
CA ILE A 127 19.53 17.68 28.36
C ILE A 127 19.48 17.81 29.87
N ASN A 128 18.63 17.01 30.52
CA ASN A 128 18.65 16.87 31.96
C ASN A 128 19.54 15.70 32.38
N THR A 129 20.33 15.92 33.42
CA THR A 129 21.29 14.94 33.89
C THR A 129 21.24 14.85 35.40
N LYS A 130 21.33 13.62 35.91
CA LYS A 130 21.52 13.33 37.32
C LYS A 130 22.69 12.38 37.42
N HIS A 131 23.65 12.66 38.30
CA HIS A 131 24.79 11.76 38.43
C HIS A 131 25.20 11.68 39.89
N ASP A 132 25.86 10.59 40.22
CA ASP A 132 26.36 10.34 41.55
C ASP A 132 27.70 9.62 41.40
N GLU A 133 28.53 9.74 42.43
CA GLU A 133 29.88 9.22 42.41
C GLU A 133 30.16 8.31 43.60
N LEU A 134 30.98 7.30 43.38
CA LEU A 134 31.40 6.38 44.44
C LEU A 134 32.93 6.36 44.50
N CYS A 135 33.47 6.60 45.69
CA CYS A 135 34.91 6.51 45.91
C CYS A 135 35.41 5.08 45.78
N THR A 136 34.71 4.13 46.39
CA THR A 136 35.15 2.75 46.45
C THR A 136 34.06 1.82 45.93
N GLY A 137 34.47 0.66 45.43
CA GLY A 137 33.55 -0.34 44.97
C GLY A 137 33.29 -0.25 43.47
N PRO A 138 32.65 -1.27 42.92
CA PRO A 138 32.26 -1.23 41.51
C PRO A 138 30.98 -0.41 41.33
N CYS A 139 30.65 -0.19 40.05
CA CYS A 139 29.41 0.51 39.73
C CYS A 139 28.21 -0.35 40.10
N PRO A 140 27.11 0.29 40.46
CA PRO A 140 25.92 -0.48 40.86
C PRO A 140 25.45 -1.40 39.75
N ALA A 141 25.09 -2.63 40.14
CA ALA A 141 24.67 -3.62 39.16
C ALA A 141 23.41 -3.15 38.44
N ASN A 142 22.48 -2.52 39.16
CA ASN A 142 21.33 -1.85 38.57
C ASN A 142 21.44 -0.37 38.90
N ILE A 143 21.57 0.46 37.87
CA ILE A 143 21.67 1.91 38.06
C ILE A 143 20.27 2.48 38.18
N ASN A 144 20.05 3.30 39.20
CA ASN A 144 18.75 3.91 39.37
C ASN A 144 18.53 5.08 38.40
N HIS A 145 17.37 5.05 37.74
CA HIS A 145 17.05 6.05 36.75
C HIS A 145 15.54 6.24 36.68
N GLN A 146 15.15 7.43 36.27
CA GLN A 146 13.75 7.76 36.12
C GLN A 146 13.21 7.13 34.83
N VAL A 147 11.88 7.16 34.71
CA VAL A 147 11.26 6.55 33.56
C VAL A 147 11.69 7.28 32.29
N GLY A 148 12.03 6.52 31.26
CA GLY A 148 12.44 7.07 29.99
C GLY A 148 13.82 7.70 29.97
N TRP A 149 14.50 7.80 31.10
CA TRP A 149 15.87 8.27 31.08
C TRP A 149 16.83 7.15 30.72
N LEU A 150 18.02 7.53 30.27
CA LEU A 150 19.07 6.58 29.96
C LEU A 150 20.11 6.58 31.08
N THR A 151 20.78 5.44 31.25
CA THR A 151 21.79 5.29 32.27
C THR A 151 23.18 5.29 31.64
N PHE A 152 24.15 5.79 32.37
CA PHE A 152 25.54 5.76 31.96
C PHE A 152 26.43 5.49 33.18
N ALA A 153 27.51 4.74 32.97
CA ALA A 153 28.41 4.39 34.07
C ALA A 153 29.83 4.23 33.57
N ARG A 154 30.77 4.62 34.42
CA ARG A 154 32.20 4.44 34.20
C ARG A 154 32.78 3.83 35.47
N GLU A 155 33.47 2.69 35.31
CA GLU A 155 34.22 2.07 36.38
C GLU A 155 35.52 2.82 36.60
N ARG A 156 36.20 2.49 37.70
CA ARG A 156 37.61 2.82 37.87
C ARG A 156 37.84 4.33 37.85
N THR A 157 36.90 5.08 38.39
CA THR A 157 36.94 6.54 38.24
C THR A 157 38.03 7.15 39.11
N SER A 158 38.20 6.63 40.32
CA SER A 158 39.19 7.18 41.23
C SER A 158 40.57 6.67 40.81
N SER A 159 41.43 7.58 40.34
CA SER A 159 42.77 7.27 39.86
C SER A 159 43.70 8.37 40.32
N HIS A 160 45.00 8.17 40.06
CA HIS A 160 46.00 9.15 40.49
C HIS A 160 45.71 10.52 39.87
N GLY A 161 45.76 11.56 40.69
CA GLY A 161 45.43 12.90 40.26
C GLY A 161 43.96 13.19 40.04
N CYS A 162 43.11 12.18 40.11
CA CYS A 162 41.68 12.32 39.90
C CYS A 162 40.94 11.93 41.17
N GLU A 163 40.60 12.91 42.01
CA GLU A 163 40.00 12.58 43.28
C GLU A 163 38.87 13.55 43.61
N GLU A 164 38.07 13.14 44.59
CA GLU A 164 37.33 14.01 45.48
C GLU A 164 37.99 13.93 46.84
N PHE A 165 37.70 14.90 47.71
CA PHE A 165 38.32 14.88 49.03
C PHE A 165 37.83 13.69 49.83
N GLY A 166 38.76 13.06 50.54
CA GLY A 166 38.47 11.90 51.36
C GLY A 166 38.57 10.57 50.65
N CYS A 167 38.84 10.57 49.34
CA CYS A 167 38.86 9.33 48.58
C CYS A 167 40.30 8.80 48.55
N LEU A 168 40.47 7.57 49.02
CA LEU A 168 41.78 6.98 49.23
C LEU A 168 42.26 6.11 48.08
N ALA A 169 41.37 5.72 47.17
CA ALA A 169 41.56 4.56 46.32
C ALA A 169 42.18 4.92 44.97
N VAL A 170 42.60 3.87 44.26
CA VAL A 170 43.16 3.98 42.91
C VAL A 170 42.60 2.83 42.07
N SER A 171 42.31 3.12 40.79
CA SER A 171 41.72 2.15 39.86
C SER A 171 40.48 1.48 40.44
N ASP A 172 39.64 2.28 41.09
CA ASP A 172 38.45 1.77 41.76
C ASP A 172 37.43 2.89 41.84
N GLY A 173 36.23 2.55 42.31
CA GLY A 173 35.15 3.50 42.37
C GLY A 173 34.29 3.50 41.13
N CYS A 174 33.37 4.47 41.09
CA CYS A 174 32.41 4.52 40.00
C CYS A 174 31.92 5.94 39.80
N VAL A 175 31.43 6.21 38.60
CA VAL A 175 30.59 7.38 38.32
C VAL A 175 29.41 6.93 37.48
N PHE A 176 28.20 7.15 37.96
CA PHE A 176 26.99 6.78 37.23
C PHE A 176 26.00 7.93 37.16
N GLY A 177 25.03 7.78 36.27
CA GLY A 177 24.03 8.82 36.11
C GLY A 177 22.95 8.43 35.13
N SER A 178 22.01 9.36 34.96
CA SER A 178 20.84 9.25 34.10
C SER A 178 20.70 10.54 33.32
N CYS A 179 20.13 10.46 32.11
CA CYS A 179 19.90 11.66 31.33
C CYS A 179 18.60 11.53 30.54
N GLN A 180 18.05 12.68 30.16
CA GLN A 180 16.88 12.76 29.29
C GLN A 180 17.01 13.98 28.40
N ASP A 181 16.70 13.83 27.10
CA ASP A 181 16.69 15.02 26.27
C ASP A 181 15.50 15.92 26.63
N ILE A 182 15.68 17.21 26.39
CA ILE A 182 14.64 18.22 26.46
C ILE A 182 14.43 18.74 25.04
N ILE A 183 13.19 18.65 24.56
CA ILE A 183 12.87 19.01 23.19
C ILE A 183 11.82 20.10 23.18
N LYS A 184 11.66 20.73 22.03
CA LYS A 184 10.57 21.64 21.74
C LYS A 184 9.62 20.95 20.78
N GLU A 185 8.35 20.86 21.16
CA GLU A 185 7.36 20.11 20.37
C GLU A 185 7.10 20.88 19.10
N GLU A 186 7.51 20.33 17.97
CA GLU A 186 7.38 21.01 16.70
C GLU A 186 6.67 20.17 15.64
N LEU A 187 6.08 19.03 16.02
CA LEU A 187 5.46 18.07 15.12
C LEU A 187 4.65 17.07 15.94
N SER A 188 3.60 16.50 15.33
CA SER A 188 2.81 15.45 15.97
C SER A 188 2.64 14.26 15.02
N VAL A 189 2.54 13.06 15.59
CA VAL A 189 2.47 11.82 14.81
C VAL A 189 1.26 11.00 15.23
N TYR A 190 0.42 10.64 14.26
CA TYR A 190 -0.77 9.88 14.60
C TYR A 190 -0.75 8.56 13.83
N ARG A 191 -1.48 7.58 14.36
CA ARG A 191 -1.58 6.23 13.81
C ARG A 191 -3.01 5.95 13.39
N LYS A 192 -3.16 5.29 12.24
CA LYS A 192 -4.49 5.04 11.67
C LYS A 192 -5.21 3.97 12.49
N GLU A 193 -6.34 4.34 13.09
CA GLU A 193 -7.04 3.43 13.99
C GLU A 193 -8.20 2.70 13.32
N THR A 194 -8.96 3.39 12.46
CA THR A 194 -10.11 2.82 11.76
C THR A 194 -9.77 2.44 10.33
N GLU A 195 -10.47 1.45 9.81
CA GLU A 195 -10.34 1.11 8.40
C GLU A 195 -10.90 2.23 7.53
N GLU A 196 -10.58 2.18 6.24
CA GLU A 196 -10.86 3.26 5.33
C GLU A 196 -12.28 3.09 4.80
N VAL A 197 -13.08 4.16 4.91
CA VAL A 197 -14.48 4.10 4.53
C VAL A 197 -14.73 5.13 3.42
N THR A 198 -15.69 4.81 2.56
CA THR A 198 -15.90 5.55 1.32
C THR A 198 -17.13 6.44 1.43
N ASP A 199 -16.96 7.73 1.11
CA ASP A 199 -18.03 8.72 1.04
C ASP A 199 -18.22 9.17 -0.41
N VAL A 200 -19.37 8.84 -0.98
CA VAL A 200 -19.77 9.26 -2.32
C VAL A 200 -21.11 9.96 -2.22
N GLU A 201 -21.21 11.14 -2.83
CA GLU A 201 -22.41 11.95 -2.81
C GLU A 201 -22.79 12.30 -4.24
N LEU A 202 -24.02 11.95 -4.64
CA LEU A 202 -24.53 12.14 -5.99
C LEU A 202 -25.69 13.13 -5.95
N CYS A 203 -25.91 13.82 -7.06
CA CYS A 203 -26.95 14.85 -7.12
C CYS A 203 -27.67 14.78 -8.47
N LEU A 204 -28.88 15.34 -8.49
CA LEU A 204 -29.69 15.44 -9.70
C LEU A 204 -30.24 16.86 -9.78
N THR A 205 -30.17 17.46 -10.97
CA THR A 205 -30.65 18.82 -11.17
C THR A 205 -31.66 18.82 -12.30
N PHE A 206 -32.87 19.30 -12.01
CA PHE A 206 -33.89 19.51 -13.03
C PHE A 206 -34.79 20.67 -12.57
N SER A 207 -35.20 21.51 -13.52
CA SER A 207 -36.11 22.62 -13.26
C SER A 207 -35.65 23.47 -12.07
N ASP A 208 -34.35 23.76 -12.02
CA ASP A 208 -33.75 24.58 -10.97
C ASP A 208 -34.01 24.00 -9.58
N LYS A 209 -33.95 22.68 -9.49
CA LYS A 209 -34.05 21.98 -8.22
C LYS A 209 -33.01 20.88 -8.23
N THR A 210 -32.35 20.68 -7.10
CA THR A 210 -31.29 19.70 -6.99
C THR A 210 -31.53 18.82 -5.78
N TYR A 211 -31.37 17.51 -5.96
CA TYR A 211 -31.53 16.54 -4.88
C TYR A 211 -30.28 15.69 -4.80
N CYS A 212 -29.72 15.56 -3.59
CA CYS A 212 -28.45 14.88 -3.39
C CYS A 212 -28.64 13.76 -2.38
N THR A 213 -27.71 12.81 -2.39
CA THR A 213 -27.75 11.69 -1.46
C THR A 213 -26.35 11.09 -1.35
N ASN A 214 -26.12 10.41 -0.22
CA ASN A 214 -24.94 9.57 -0.10
C ASN A 214 -25.20 8.21 -0.74
N LEU A 215 -24.12 7.50 -1.05
CA LEU A 215 -24.19 6.19 -1.69
C LEU A 215 -23.44 5.16 -0.85
N ASN A 216 -23.83 3.91 -1.03
CA ASN A 216 -23.26 2.78 -0.31
C ASN A 216 -22.88 1.69 -1.30
N PRO A 217 -21.72 1.05 -1.13
CA PRO A 217 -21.39 -0.10 -1.97
C PRO A 217 -22.32 -1.27 -1.75
N VAL A 218 -22.92 -1.38 -0.56
CA VAL A 218 -23.74 -2.54 -0.21
C VAL A 218 -25.15 -2.40 -0.76
N THR A 219 -25.82 -1.30 -0.42
CA THR A 219 -27.25 -1.17 -0.65
C THR A 219 -27.52 -0.25 -1.84
N PRO A 220 -28.17 -0.72 -2.91
CA PRO A 220 -28.56 0.18 -3.99
C PRO A 220 -29.69 1.11 -3.57
N ILE A 221 -29.76 2.25 -4.21
CA ILE A 221 -30.85 3.21 -4.02
C ILE A 221 -31.81 3.05 -5.19
N ILE A 222 -32.99 2.51 -4.91
CA ILE A 222 -34.01 2.24 -5.92
C ILE A 222 -35.19 3.16 -5.62
N THR A 223 -35.39 4.17 -6.47
CA THR A 223 -36.60 4.99 -6.42
C THR A 223 -37.60 4.48 -7.43
N ASP A 224 -38.72 5.21 -7.54
CA ASP A 224 -39.74 4.81 -8.52
C ASP A 224 -39.24 5.05 -9.95
N LEU A 225 -38.69 6.23 -10.20
CA LEU A 225 -38.28 6.63 -11.54
C LEU A 225 -36.78 6.53 -11.78
N PHE A 226 -35.97 6.29 -10.75
CA PHE A 226 -34.53 6.43 -10.90
C PHE A 226 -33.81 5.50 -9.93
N GLU A 227 -32.72 4.88 -10.40
CA GLU A 227 -32.00 3.86 -9.64
C GLU A 227 -30.51 4.09 -9.78
N VAL A 228 -29.80 4.00 -8.66
CA VAL A 228 -28.34 4.08 -8.69
C VAL A 228 -27.74 2.93 -7.90
N GLN A 229 -26.58 2.49 -8.36
CA GLN A 229 -25.81 1.44 -7.70
C GLN A 229 -24.34 1.81 -7.78
N PHE A 230 -23.65 1.80 -6.63
CA PHE A 230 -22.25 2.19 -6.56
C PHE A 230 -21.36 0.95 -6.52
N LYS A 231 -20.48 0.85 -7.51
CA LYS A 231 -19.56 -0.28 -7.68
C LYS A 231 -18.14 0.15 -7.32
N THR A 232 -17.43 -0.73 -6.62
CA THR A 232 -16.07 -0.41 -6.19
C THR A 232 -15.34 -1.70 -5.84
N VAL A 233 -14.04 -1.58 -5.65
CA VAL A 233 -13.30 -2.61 -4.90
C VAL A 233 -12.74 -1.90 -3.68
N GLU A 234 -12.68 -2.63 -2.57
CA GLU A 234 -12.44 -2.02 -1.27
C GLU A 234 -10.96 -2.20 -0.92
N THR A 235 -10.14 -1.34 -1.51
CA THR A 235 -8.69 -1.29 -1.30
C THR A 235 -8.24 0.15 -1.37
N TYR A 236 -7.75 0.71 -0.26
CA TYR A 236 -7.44 2.13 -0.22
C TYR A 236 -6.11 2.35 0.48
N SER A 237 -5.31 3.25 -0.07
CA SER A 237 -3.98 3.52 0.45
C SER A 237 -4.03 4.76 1.33
N LEU A 238 -4.44 4.56 2.58
CA LEU A 238 -4.18 5.63 3.55
C LEU A 238 -3.00 5.24 4.42
N PRO A 239 -2.01 6.12 4.54
CA PRO A 239 -0.79 5.75 5.26
C PRO A 239 -1.07 5.44 6.72
N ARG A 240 -0.37 4.42 7.23
CA ARG A 240 -0.66 3.93 8.57
C ARG A 240 -0.21 4.93 9.63
N ILE A 241 0.86 5.66 9.38
CA ILE A 241 1.39 6.63 10.34
C ILE A 241 1.65 7.96 9.62
N VAL A 242 1.18 9.04 10.21
CA VAL A 242 1.18 10.36 9.58
C VAL A 242 1.75 11.39 10.55
N ALA A 243 2.53 12.32 10.02
CA ALA A 243 2.96 13.50 10.75
C ALA A 243 2.08 14.69 10.39
N VAL A 244 1.81 15.53 11.38
CA VAL A 244 1.11 16.80 11.21
C VAL A 244 2.03 17.88 11.70
N GLN A 245 2.26 18.88 10.85
CA GLN A 245 3.12 20.02 11.16
C GLN A 245 2.46 21.28 10.62
N ASN A 246 2.18 22.23 11.52
CA ASN A 246 1.52 23.48 11.16
C ASN A 246 0.30 23.21 10.30
N HIS A 247 -0.52 22.27 10.76
CA HIS A 247 -1.80 21.95 10.15
C HIS A 247 -1.65 21.38 8.75
N GLU A 248 -0.44 20.95 8.38
CA GLU A 248 -0.21 20.21 7.16
C GLU A 248 0.11 18.75 7.47
N ILE A 249 -0.05 17.93 6.45
CA ILE A 249 0.03 16.48 6.57
C ILE A 249 1.26 16.00 5.81
N LYS A 250 2.25 15.46 6.53
CA LYS A 250 3.48 14.97 5.94
C LYS A 250 3.62 13.48 6.20
N ILE A 251 3.93 12.72 5.14
CA ILE A 251 4.08 11.28 5.24
C ILE A 251 5.49 10.90 4.80
N GLY A 252 5.90 9.71 5.19
CA GLY A 252 7.25 9.23 4.96
C GLY A 252 7.58 8.14 5.96
N GLN A 253 8.87 7.97 6.22
CA GLN A 253 9.30 6.96 7.18
C GLN A 253 9.25 7.57 8.57
N ILE A 254 8.21 7.24 9.31
CA ILE A 254 7.91 7.89 10.60
C ILE A 254 7.66 6.79 11.62
N ASN A 255 8.42 6.84 12.71
CA ASN A 255 8.42 5.75 13.68
C ASN A 255 7.05 5.58 14.32
N ASP A 256 6.62 4.33 14.45
CA ASP A 256 5.44 4.00 15.23
C ASP A 256 5.78 4.10 16.72
N LEU A 257 4.73 4.13 17.54
CA LEU A 257 4.91 4.27 18.99
C LEU A 257 5.91 3.25 19.54
N GLY A 258 6.88 3.76 20.30
CA GLY A 258 7.90 2.94 20.93
C GLY A 258 8.99 2.41 20.03
N VAL A 259 9.01 2.85 18.76
CA VAL A 259 10.00 2.41 17.80
C VAL A 259 11.05 3.50 17.70
N TYR A 260 12.29 3.17 18.07
CA TYR A 260 13.33 4.16 18.26
C TYR A 260 14.32 4.21 17.10
N SER A 261 14.06 3.49 16.00
CA SER A 261 14.98 3.45 14.88
C SER A 261 15.31 4.86 14.41
N LYS A 262 16.56 5.05 14.00
CA LYS A 262 17.04 6.38 13.64
C LYS A 262 16.26 6.93 12.45
N GLY A 263 15.66 8.09 12.64
CA GLY A 263 14.79 8.65 11.63
C GLY A 263 13.81 9.62 12.28
N CYS A 264 12.79 9.97 11.50
CA CYS A 264 11.82 10.94 11.99
C CYS A 264 10.99 10.33 13.10
N GLY A 265 11.02 10.98 14.27
CA GLY A 265 10.24 10.52 15.41
C GLY A 265 10.89 9.47 16.28
N ASN A 266 12.22 9.44 16.34
CA ASN A 266 12.91 8.52 17.25
C ASN A 266 13.04 9.08 18.65
N VAL A 267 12.51 10.28 18.90
CA VAL A 267 12.35 10.83 20.24
C VAL A 267 10.88 11.16 20.39
N GLN A 268 10.17 10.38 21.20
CA GLN A 268 8.72 10.46 21.26
C GLN A 268 8.31 10.96 22.64
N LYS A 269 7.53 12.03 22.69
CA LYS A 269 7.00 12.54 23.94
C LYS A 269 5.57 12.06 24.04
N VAL A 270 5.35 11.06 24.88
CA VAL A 270 4.05 10.42 25.03
C VAL A 270 3.53 10.73 26.42
N ASN A 271 2.32 11.26 26.47
CA ASN A 271 1.70 11.68 27.73
C ASN A 271 2.63 12.67 28.41
N GLY A 272 3.14 12.39 29.60
CA GLY A 272 3.92 13.36 30.33
C GLY A 272 5.40 13.36 30.05
N THR A 273 5.98 12.20 29.79
CA THR A 273 7.42 12.04 29.76
C THR A 273 7.92 11.74 28.36
N ILE A 274 9.13 12.23 28.06
CA ILE A 274 9.78 12.01 26.77
C ILE A 274 10.54 10.69 26.83
N TYR A 275 10.33 9.84 25.83
CA TYR A 275 11.06 8.59 25.76
C TYR A 275 11.97 8.64 24.53
N GLY A 276 13.13 8.02 24.65
CA GLY A 276 14.05 7.96 23.54
C GLY A 276 15.04 6.84 23.80
N ASN A 277 15.98 6.67 22.87
CA ASN A 277 16.97 5.61 22.96
C ASN A 277 18.26 6.10 22.33
N GLY A 278 19.35 5.44 22.70
CA GLY A 278 20.67 5.77 22.20
C GLY A 278 21.71 5.40 23.24
N VAL A 279 22.97 5.70 22.91
CA VAL A 279 24.07 5.54 23.85
C VAL A 279 24.55 6.94 24.23
N PRO A 280 24.39 7.35 25.48
CA PRO A 280 24.78 8.71 25.85
C PRO A 280 26.27 8.90 25.69
N ARG A 281 26.65 10.04 25.14
CA ARG A 281 28.05 10.44 25.07
C ARG A 281 28.40 11.08 26.40
N PHE A 282 29.20 10.38 27.20
CA PHE A 282 29.39 10.72 28.59
C PHE A 282 30.84 10.57 28.99
N ASP A 283 31.35 11.56 29.71
CA ASP A 283 32.70 11.52 30.23
C ASP A 283 32.78 12.53 31.38
N TYR A 284 33.86 12.45 32.13
CA TYR A 284 34.10 13.38 33.24
C TYR A 284 35.40 14.15 33.08
N LEU A 285 35.52 15.19 33.91
CA LEU A 285 36.74 15.93 34.15
C LEU A 285 37.15 15.73 35.61
N CYS A 286 38.45 15.77 35.86
CA CYS A 286 38.98 15.57 37.21
C CYS A 286 39.37 16.92 37.78
N HIS A 287 39.10 17.12 39.06
CA HIS A 287 39.65 18.25 39.79
C HIS A 287 40.35 17.77 41.04
N LEU A 288 41.39 18.49 41.42
CA LEU A 288 42.10 18.17 42.66
C LEU A 288 41.31 18.67 43.86
N ALA A 289 40.85 19.92 43.82
CA ALA A 289 40.20 20.54 44.97
C ALA A 289 38.68 20.48 44.90
N SER A 290 38.11 19.93 43.82
CA SER A 290 36.68 19.92 43.64
C SER A 290 36.20 18.50 43.35
N ARG A 291 34.87 18.36 43.27
CA ARG A 291 34.23 17.14 42.82
C ARG A 291 34.36 17.03 41.31
N LYS A 292 34.29 15.81 40.79
CA LYS A 292 34.46 15.64 39.36
C LYS A 292 33.26 16.21 38.58
N GLU A 293 33.55 16.80 37.44
CA GLU A 293 32.54 17.40 36.57
C GLU A 293 32.17 16.41 35.46
N VAL A 294 30.89 16.39 35.10
CA VAL A 294 30.37 15.49 34.09
C VAL A 294 30.22 16.23 32.77
N ILE A 295 30.62 15.57 31.67
CA ILE A 295 30.47 16.08 30.31
C ILE A 295 29.50 15.16 29.58
N VAL A 296 28.33 15.67 29.24
CA VAL A 296 27.34 14.95 28.45
C VAL A 296 27.14 15.72 27.15
N ARG A 297 27.60 15.14 26.03
CA ARG A 297 27.45 15.76 24.72
C ARG A 297 26.16 15.36 24.03
N LYS A 298 25.61 14.20 24.36
CA LYS A 298 24.41 13.69 23.71
C LYS A 298 23.75 12.69 24.65
N CYS A 299 22.43 12.67 24.65
CA CYS A 299 21.73 11.66 25.44
C CYS A 299 20.93 10.78 24.50
N PHE A 300 19.74 11.23 24.10
CA PHE A 300 18.99 10.50 23.08
C PHE A 300 19.63 10.72 21.72
N ASP A 301 19.54 9.70 20.87
CA ASP A 301 19.66 9.92 19.44
C ASP A 301 18.39 10.63 18.98
N ASN A 302 18.54 11.82 18.40
CA ASN A 302 17.40 12.58 17.91
C ASN A 302 17.66 12.96 16.47
N ASP A 303 16.98 12.30 15.54
CA ASP A 303 17.13 12.52 14.11
C ASP A 303 16.02 13.38 13.52
N TYR A 304 15.46 14.29 14.32
CA TYR A 304 14.37 15.15 13.85
C TYR A 304 14.68 15.85 12.54
N GLN A 305 15.97 16.08 12.22
CA GLN A 305 16.27 16.78 10.96
C GLN A 305 15.68 16.01 9.79
N ALA A 306 15.65 14.68 9.87
CA ALA A 306 15.13 13.86 8.79
C ALA A 306 13.66 14.14 8.52
N CYS A 307 12.92 14.60 9.54
CA CYS A 307 11.51 14.94 9.34
C CYS A 307 11.35 16.01 8.27
N LYS A 308 12.38 16.84 8.08
CA LYS A 308 12.33 17.88 7.06
C LYS A 308 12.24 17.30 5.66
N PHE A 309 12.64 16.04 5.47
CA PHE A 309 12.71 15.44 4.14
C PHE A 309 11.50 14.60 3.81
N LEU A 310 10.50 14.55 4.70
CA LEU A 310 9.26 13.84 4.42
C LEU A 310 8.56 14.45 3.22
N GLN A 311 7.83 13.61 2.50
CA GLN A 311 6.97 14.10 1.43
C GLN A 311 5.67 14.65 2.00
N SER A 312 5.10 15.62 1.30
CA SER A 312 3.82 16.24 1.68
C SER A 312 2.80 15.94 0.60
N PRO A 313 1.91 14.96 0.81
CA PRO A 313 1.02 14.53 -0.28
C PRO A 313 -0.04 15.57 -0.58
N ALA A 314 -0.27 15.80 -1.87
CA ALA A 314 -1.21 16.83 -2.30
C ALA A 314 -2.66 16.36 -2.32
N SER A 315 -2.90 15.06 -2.38
CA SER A 315 -4.24 14.53 -2.60
C SER A 315 -5.02 14.30 -1.30
N TYR A 316 -4.52 14.75 -0.15
CA TYR A 316 -5.22 14.57 1.12
C TYR A 316 -5.64 15.91 1.69
N ARG A 317 -6.53 15.86 2.69
CA ARG A 317 -6.86 17.02 3.50
C ARG A 317 -7.20 16.54 4.92
N LEU A 318 -6.91 17.41 5.89
CA LEU A 318 -7.01 17.09 7.32
C LEU A 318 -8.29 17.62 7.94
N GLU A 319 -8.75 16.89 8.96
CA GLU A 319 -9.71 17.40 9.93
C GLU A 319 -9.12 17.13 11.30
N GLU A 320 -8.80 18.17 12.05
CA GLU A 320 -8.19 18.03 13.38
C GLU A 320 -9.27 18.12 14.44
N ASP A 321 -9.38 17.08 15.25
CA ASP A 321 -10.13 17.07 16.49
C ASP A 321 -9.15 16.85 17.63
N SER A 322 -9.56 17.25 18.83
CA SER A 322 -8.63 17.19 19.95
C SER A 322 -8.14 15.76 20.14
N GLY A 323 -6.83 15.55 19.93
CA GLY A 323 -6.22 14.25 20.09
C GLY A 323 -6.35 13.29 18.92
N THR A 324 -7.17 13.59 17.91
CA THR A 324 -7.42 12.67 16.81
C THR A 324 -7.50 13.44 15.51
N VAL A 325 -7.04 12.81 14.42
CA VAL A 325 -6.97 13.46 13.12
C VAL A 325 -7.61 12.57 12.07
N THR A 326 -8.69 13.07 11.46
CA THR A 326 -9.30 12.41 10.30
C THR A 326 -8.56 12.85 9.04
N ILE A 327 -8.22 11.90 8.18
CA ILE A 327 -7.53 12.15 6.92
C ILE A 327 -8.42 11.69 5.78
N ILE A 328 -8.57 12.57 4.77
CA ILE A 328 -9.48 12.35 3.66
C ILE A 328 -8.72 12.45 2.34
N ASP A 329 -8.95 11.50 1.44
CA ASP A 329 -8.48 11.55 0.06
C ASP A 329 -9.69 11.78 -0.85
N TYR A 330 -9.76 12.97 -1.45
CA TYR A 330 -10.86 13.37 -2.34
C TYR A 330 -10.62 13.21 -3.84
N LYS A 331 -9.39 13.06 -4.31
CA LYS A 331 -9.13 13.34 -5.72
C LYS A 331 -9.24 12.13 -6.64
N LYS A 332 -9.50 10.93 -6.14
CA LYS A 332 -9.26 9.72 -6.90
C LYS A 332 -10.57 9.06 -7.31
N ILE A 333 -10.47 8.14 -8.26
CA ILE A 333 -11.61 7.43 -8.81
C ILE A 333 -11.92 6.24 -7.93
N LEU A 334 -13.13 6.18 -7.38
CA LEU A 334 -13.46 5.13 -6.43
C LEU A 334 -14.33 4.03 -7.01
N GLY A 335 -14.65 4.06 -8.30
CA GLY A 335 -15.49 3.01 -8.83
C GLY A 335 -16.32 3.52 -9.99
N THR A 336 -17.50 2.91 -10.13
CA THR A 336 -18.46 3.24 -11.17
C THR A 336 -19.82 3.47 -10.55
N ILE A 337 -20.51 4.50 -11.02
CA ILE A 337 -21.90 4.76 -10.66
C ILE A 337 -22.77 4.23 -11.80
N LYS A 338 -23.62 3.25 -11.51
CA LYS A 338 -24.54 2.74 -12.51
C LYS A 338 -25.92 3.34 -12.25
N MET A 339 -26.54 3.85 -13.31
CA MET A 339 -27.82 4.56 -13.20
C MET A 339 -28.82 3.95 -14.16
N LYS A 340 -30.06 3.84 -13.70
CA LYS A 340 -31.19 3.45 -14.53
C LYS A 340 -32.28 4.49 -14.33
N ALA A 341 -32.52 5.30 -15.33
CA ALA A 341 -33.57 6.32 -15.29
C ALA A 341 -34.76 5.80 -16.08
N ILE A 342 -35.81 5.42 -15.36
CA ILE A 342 -37.05 4.92 -15.96
C ILE A 342 -38.16 5.91 -15.62
N LEU A 343 -38.46 6.82 -16.54
CA LEU A 343 -39.36 7.94 -16.30
C LEU A 343 -40.77 7.72 -16.86
N GLY A 344 -41.05 6.55 -17.43
CA GLY A 344 -42.31 6.35 -18.10
C GLY A 344 -42.15 6.34 -19.61
N ASP A 345 -43.21 6.70 -20.34
CA ASP A 345 -43.15 6.73 -21.80
C ASP A 345 -42.60 8.06 -22.27
N VAL A 346 -41.32 8.07 -22.62
CA VAL A 346 -40.57 9.25 -23.03
C VAL A 346 -39.45 8.76 -23.94
N LYS A 347 -38.67 9.68 -24.49
CA LYS A 347 -37.46 9.33 -25.23
C LYS A 347 -36.27 10.02 -24.59
N TYR A 348 -35.16 9.32 -24.54
CA TYR A 348 -33.96 9.81 -23.86
C TYR A 348 -32.90 10.12 -24.89
N LYS A 349 -32.22 11.27 -24.73
CA LYS A 349 -31.03 11.56 -25.53
C LYS A 349 -30.02 12.26 -24.64
N THR A 350 -28.87 11.62 -24.42
CA THR A 350 -27.87 12.18 -23.52
C THR A 350 -27.18 13.38 -24.15
N PHE A 351 -26.86 14.38 -23.33
CA PHE A 351 -26.00 15.48 -23.77
C PHE A 351 -24.83 15.73 -22.85
N ALA A 352 -23.91 16.49 -23.43
CA ALA A 352 -22.79 17.17 -22.79
C ALA A 352 -22.44 18.38 -23.64
N ASP A 353 -22.04 19.46 -23.00
CA ASP A 353 -21.60 20.68 -23.67
C ASP A 353 -20.11 20.65 -23.99
N SER A 354 -19.67 21.66 -24.74
CA SER A 354 -18.25 21.86 -25.00
C SER A 354 -17.66 22.71 -23.88
N VAL A 355 -16.40 22.46 -23.56
CA VAL A 355 -15.73 23.15 -22.46
C VAL A 355 -14.86 24.26 -23.03
N ASP A 356 -15.02 25.46 -22.49
CA ASP A 356 -14.19 26.61 -22.84
C ASP A 356 -13.35 26.96 -21.63
N ILE A 357 -12.03 26.97 -21.82
CA ILE A 357 -11.08 27.29 -20.76
C ILE A 357 -10.06 28.25 -21.33
N THR A 358 -9.75 29.31 -20.58
CA THR A 358 -8.63 30.19 -20.90
C THR A 358 -7.58 30.01 -19.83
N ALA A 359 -6.31 30.08 -20.22
CA ALA A 359 -5.27 29.72 -19.26
C ALA A 359 -3.96 30.42 -19.57
N GLU A 360 -3.18 30.60 -18.52
CA GLU A 360 -1.77 30.94 -18.62
C GLU A 360 -1.04 30.09 -17.59
N GLY A 361 0.26 29.97 -17.73
CA GLY A 361 1.03 29.14 -16.83
C GLY A 361 2.43 29.68 -16.62
N SER A 362 2.96 29.42 -15.43
CA SER A 362 4.35 29.76 -15.11
C SER A 362 4.98 28.59 -14.38
N CYS A 363 6.07 28.06 -14.93
CA CYS A 363 6.75 26.88 -14.39
C CYS A 363 8.20 27.23 -14.10
N THR A 364 8.67 26.84 -12.93
CA THR A 364 10.09 26.97 -12.61
C THR A 364 10.52 25.73 -11.84
N GLY A 365 11.78 25.37 -12.01
CA GLY A 365 12.29 24.19 -11.34
C GLY A 365 13.59 23.75 -11.96
N CYS A 366 13.90 22.48 -11.77
CA CYS A 366 15.18 21.94 -12.20
C CYS A 366 14.97 20.52 -12.71
N ILE A 367 16.09 19.84 -12.96
CA ILE A 367 16.14 18.49 -13.48
C ILE A 367 17.08 17.70 -12.58
N ASN A 368 16.82 16.39 -12.47
CA ASN A 368 17.71 15.50 -11.74
C ASN A 368 17.88 16.01 -10.31
N CYS A 369 16.81 16.56 -9.76
CA CYS A 369 16.82 17.21 -8.46
C CYS A 369 15.63 16.72 -7.65
N PHE A 370 15.65 17.02 -6.35
CA PHE A 370 14.56 16.56 -5.47
C PHE A 370 13.28 17.36 -5.71
N GLU A 371 13.39 18.67 -5.97
CA GLU A 371 12.19 19.51 -6.06
C GLU A 371 11.54 19.47 -7.44
N ASN A 372 12.29 19.13 -8.48
CA ASN A 372 11.79 18.98 -9.87
C ASN A 372 11.15 20.31 -10.28
N ILE A 373 9.99 20.30 -10.95
CA ILE A 373 9.42 21.51 -11.52
C ILE A 373 8.08 21.78 -10.88
N HIS A 374 7.81 23.06 -10.61
CA HIS A 374 6.52 23.51 -10.10
C HIS A 374 5.89 24.47 -11.09
N CYS A 375 4.59 24.30 -11.30
CA CYS A 375 3.84 25.09 -12.26
C CYS A 375 2.63 25.66 -11.56
N GLU A 376 2.44 26.97 -11.68
CA GLU A 376 1.21 27.64 -11.27
C GLU A 376 0.45 28.08 -12.51
N LEU A 377 -0.76 27.58 -12.65
CA LEU A 377 -1.63 27.83 -13.78
C LEU A 377 -2.77 28.75 -13.34
N THR A 378 -3.10 29.71 -14.20
CA THR A 378 -4.35 30.45 -14.09
C THR A 378 -5.30 29.83 -15.11
N LEU A 379 -6.33 29.15 -14.60
CA LEU A 379 -7.30 28.41 -15.39
C LEU A 379 -8.68 29.01 -15.12
N HIS A 380 -9.27 29.63 -16.13
CA HIS A 380 -10.60 30.19 -16.07
C HIS A 380 -11.54 29.28 -16.86
N THR A 381 -12.56 28.75 -16.18
CA THR A 381 -13.59 27.92 -16.80
C THR A 381 -14.98 28.46 -16.49
N THR A 382 -15.87 28.31 -17.46
CA THR A 382 -17.26 28.74 -17.29
C THR A 382 -18.10 27.72 -16.53
N ILE A 383 -17.79 26.42 -16.68
CA ILE A 383 -18.48 25.34 -15.99
C ILE A 383 -17.44 24.46 -15.30
N GLU A 384 -17.88 23.76 -14.26
CA GLU A 384 -16.98 22.89 -13.53
C GLU A 384 -16.62 21.69 -14.38
N ALA A 385 -15.32 21.45 -14.55
CA ALA A 385 -14.84 20.39 -15.43
C ALA A 385 -13.76 19.58 -14.74
N SER A 386 -13.84 18.26 -14.92
CA SER A 386 -12.79 17.33 -14.53
C SER A 386 -11.90 17.10 -15.74
N CYS A 387 -10.71 17.71 -15.74
CA CYS A 387 -9.88 17.78 -16.93
C CYS A 387 -8.70 16.82 -16.86
N PRO A 388 -8.60 15.87 -17.78
CA PRO A 388 -7.32 15.17 -17.94
C PRO A 388 -6.30 16.14 -18.51
N ILE A 389 -5.13 16.18 -17.88
CA ILE A 389 -4.06 17.08 -18.30
C ILE A 389 -2.96 16.25 -18.93
N LYS A 390 -2.41 16.75 -20.03
CA LYS A 390 -1.38 16.05 -20.79
C LYS A 390 -0.15 16.94 -20.89
N SER A 391 1.02 16.32 -20.88
CA SER A 391 2.27 17.06 -21.00
C SER A 391 3.33 16.18 -21.62
N SER A 392 4.31 16.84 -22.26
CA SER A 392 5.49 16.13 -22.73
C SER A 392 6.21 15.47 -21.56
N CYS A 393 6.45 16.23 -20.50
CA CYS A 393 7.04 15.70 -19.28
C CYS A 393 6.02 14.85 -18.52
N THR A 394 6.48 14.25 -17.42
CA THR A 394 5.62 13.46 -16.55
C THR A 394 5.11 14.36 -15.43
N VAL A 395 3.82 14.70 -15.48
CA VAL A 395 3.18 15.53 -14.47
C VAL A 395 2.81 14.65 -13.28
N PHE A 396 2.82 15.23 -12.07
CA PHE A 396 2.55 14.42 -10.89
C PHE A 396 1.14 13.84 -10.93
N HIS A 397 0.14 14.69 -11.00
CA HIS A 397 -1.22 14.21 -10.94
C HIS A 397 -1.81 14.18 -12.36
N ASP A 398 -2.41 13.06 -12.72
CA ASP A 398 -2.81 12.82 -14.10
C ASP A 398 -3.87 13.80 -14.59
N ARG A 399 -4.64 14.39 -13.68
CA ARG A 399 -5.77 15.25 -14.02
C ARG A 399 -5.79 16.45 -13.08
N ILE A 400 -6.73 17.36 -13.35
CA ILE A 400 -6.95 18.56 -12.57
C ILE A 400 -8.40 19.01 -12.73
N LEU A 401 -9.04 19.41 -11.63
CA LEU A 401 -10.45 19.79 -11.64
C LEU A 401 -10.58 21.31 -11.56
N VAL A 402 -11.07 21.92 -12.63
CA VAL A 402 -11.24 23.35 -12.71
C VAL A 402 -12.68 23.69 -12.34
N THR A 403 -12.85 24.68 -11.48
CA THR A 403 -14.16 25.17 -11.07
C THR A 403 -14.18 26.69 -11.18
N PRO A 404 -15.33 27.28 -11.52
CA PRO A 404 -15.38 28.73 -11.77
C PRO A 404 -15.01 29.59 -10.57
N ASN A 405 -14.97 29.02 -9.36
CA ASN A 405 -14.66 29.80 -8.17
C ASN A 405 -13.19 30.15 -8.11
N GLU A 406 -12.33 29.13 -8.09
CA GLU A 406 -10.89 29.29 -7.94
C GLU A 406 -10.23 29.30 -9.31
N HIS A 407 -9.38 30.30 -9.55
CA HIS A 407 -8.68 30.46 -10.81
C HIS A 407 -7.24 29.99 -10.80
N LYS A 408 -6.67 29.71 -9.62
CA LYS A 408 -5.25 29.36 -9.51
C LYS A 408 -5.13 27.90 -9.12
N TYR A 409 -4.41 27.14 -9.94
CA TYR A 409 -4.27 25.70 -9.79
C TYR A 409 -2.79 25.36 -9.92
N ALA A 410 -2.30 24.41 -9.13
CA ALA A 410 -0.89 24.06 -9.14
C ALA A 410 -0.68 22.64 -9.62
N LEU A 411 0.47 22.41 -10.28
CA LEU A 411 0.85 21.06 -10.66
C LEU A 411 2.35 21.01 -10.88
N LYS A 412 2.95 19.86 -10.57
CA LYS A 412 4.39 19.67 -10.61
C LYS A 412 4.77 18.62 -11.65
N MET A 413 6.05 18.64 -12.03
CA MET A 413 6.53 17.80 -13.11
C MET A 413 7.91 17.25 -12.80
N VAL A 414 8.17 16.09 -13.40
CA VAL A 414 9.51 15.54 -13.51
C VAL A 414 9.83 15.48 -15.00
N CYS A 415 10.76 16.34 -15.44
CA CYS A 415 11.24 16.32 -16.82
C CYS A 415 12.56 15.56 -16.85
N THR A 416 12.57 14.41 -17.53
CA THR A 416 13.80 13.66 -17.73
C THR A 416 14.80 14.40 -18.60
N GLU A 417 14.32 15.28 -19.47
CA GLU A 417 15.12 16.04 -20.41
C GLU A 417 15.16 17.51 -19.97
N LYS A 418 15.86 18.35 -20.74
CA LYS A 418 16.00 19.75 -20.36
C LYS A 418 15.00 20.61 -21.12
N PRO A 419 14.06 21.26 -20.45
CA PRO A 419 13.06 22.07 -21.14
C PRO A 419 13.60 23.43 -21.58
N GLY A 420 12.91 24.01 -22.55
CA GLY A 420 13.23 25.33 -23.05
C GLY A 420 12.43 26.42 -22.36
N ASN A 421 12.12 27.48 -23.12
CA ASN A 421 11.26 28.52 -22.58
C ASN A 421 9.80 28.11 -22.56
N THR A 422 9.34 27.47 -23.63
CA THR A 422 7.97 27.00 -23.73
C THR A 422 7.85 25.62 -23.08
N LEU A 423 6.83 25.44 -22.26
CA LEU A 423 6.50 24.13 -21.72
C LEU A 423 5.00 23.95 -21.88
N THR A 424 4.61 23.10 -22.83
CA THR A 424 3.22 22.97 -23.25
C THR A 424 2.50 21.95 -22.39
N ILE A 425 1.37 22.35 -21.82
CA ILE A 425 0.55 21.45 -21.01
C ILE A 425 -0.90 21.66 -21.42
N LYS A 426 -1.69 20.59 -21.41
CA LYS A 426 -3.02 20.58 -22.01
C LYS A 426 -4.05 20.26 -20.95
N VAL A 427 -4.93 21.23 -20.68
CA VAL A 427 -6.00 21.11 -19.69
C VAL A 427 -7.30 20.99 -20.47
N CYS A 428 -7.97 19.85 -20.36
CA CYS A 428 -9.09 19.51 -21.24
C CYS A 428 -8.63 19.73 -22.68
N ASN A 429 -9.37 20.46 -23.50
CA ASN A 429 -8.91 20.73 -24.86
C ASN A 429 -8.11 22.01 -24.98
N THR A 430 -8.03 22.81 -23.92
CA THR A 430 -7.28 24.05 -23.94
C THR A 430 -5.79 23.74 -23.82
N LYS A 431 -5.02 24.19 -24.82
CA LYS A 431 -3.59 23.92 -24.90
C LYS A 431 -2.85 25.16 -24.41
N VAL A 432 -2.01 24.98 -23.40
CA VAL A 432 -1.45 26.07 -22.61
C VAL A 432 0.05 26.11 -22.84
N GLU A 433 0.55 27.29 -23.18
CA GLU A 433 1.98 27.53 -23.24
C GLU A 433 2.42 28.08 -21.89
N ALA A 434 3.29 27.35 -21.21
CA ALA A 434 3.75 27.75 -19.89
C ALA A 434 5.16 28.32 -19.99
N SER A 435 5.38 29.44 -19.32
CA SER A 435 6.70 30.05 -19.27
C SER A 435 7.55 29.25 -18.31
N MET A 436 8.68 28.73 -18.79
CA MET A 436 9.54 27.88 -17.99
C MET A 436 10.87 28.57 -17.73
N ALA A 437 11.35 28.49 -16.49
CA ALA A 437 12.66 28.98 -16.13
C ALA A 437 13.37 27.92 -15.30
N LEU A 438 14.48 27.40 -15.82
CA LEU A 438 15.29 26.47 -15.05
C LEU A 438 16.06 27.24 -14.00
N VAL A 439 15.88 26.87 -12.74
CA VAL A 439 16.70 27.38 -11.66
C VAL A 439 17.55 26.23 -11.13
N ASP A 440 18.73 26.57 -10.63
CA ASP A 440 19.61 25.57 -10.04
C ASP A 440 18.90 24.89 -8.87
N ALA A 441 19.27 23.64 -8.62
CA ALA A 441 18.70 22.92 -7.49
C ALA A 441 19.05 23.61 -6.18
N LYS A 442 18.08 23.68 -5.27
CA LYS A 442 18.33 24.30 -3.98
C LYS A 442 19.40 23.52 -3.24
N PRO A 443 20.31 24.21 -2.53
CA PRO A 443 21.36 23.47 -1.83
C PRO A 443 20.77 22.62 -0.71
N ILE A 444 21.39 21.47 -0.49
CA ILE A 444 20.94 20.51 0.50
C ILE A 444 21.57 20.88 1.84
N ILE A 445 20.72 21.09 2.86
CA ILE A 445 21.20 21.53 4.15
C ILE A 445 20.65 20.62 5.24
N GLU A 446 21.44 20.46 6.30
CA GLU A 446 21.04 19.72 7.48
C GLU A 446 20.73 18.26 7.17
N LEU A 447 21.38 17.70 6.15
CA LEU A 447 21.25 16.27 5.88
C LEU A 447 21.99 15.42 6.91
N ALA A 448 23.14 15.91 7.43
CA ALA A 448 23.97 15.14 8.37
C ALA A 448 23.33 15.13 9.76
N PRO A 449 23.55 14.05 10.52
CA PRO A 449 22.97 13.96 11.87
C PRO A 449 23.70 14.85 12.88
N VAL A 450 23.10 14.98 14.06
CA VAL A 450 23.70 15.76 15.14
C VAL A 450 24.53 14.84 16.04
N ASP A 451 25.85 15.01 16.01
CA ASP A 451 26.71 14.34 16.97
C ASP A 451 26.37 14.78 18.39
N GLN A 452 26.21 16.08 18.58
CA GLN A 452 26.17 16.70 19.90
C GLN A 452 24.91 17.55 20.02
N THR A 453 23.95 17.08 20.82
CA THR A 453 22.71 17.84 21.00
C THR A 453 22.95 19.06 21.86
N ALA A 454 23.81 18.94 22.88
CA ALA A 454 24.24 20.10 23.66
C ALA A 454 25.53 19.75 24.38
N TYR A 455 26.13 20.76 25.02
CA TYR A 455 27.32 20.56 25.85
C TYR A 455 26.93 20.85 27.29
N ILE A 456 26.82 19.80 28.10
CA ILE A 456 26.40 19.90 29.49
C ILE A 456 27.60 19.60 30.37
N ARG A 457 28.02 20.59 31.16
CA ARG A 457 29.10 20.43 32.12
C ARG A 457 28.56 20.78 33.50
N GLU A 458 28.42 19.78 34.36
CA GLU A 458 27.94 19.99 35.73
C GLU A 458 28.58 18.97 36.68
N GLY B 10 -20.96 13.54 -35.30
CA GLY B 10 -21.67 12.28 -35.48
C GLY B 10 -22.19 12.06 -36.89
N GLY B 11 -21.39 12.44 -37.89
CA GLY B 11 -21.84 12.39 -39.27
C GLY B 11 -21.74 11.04 -39.95
N ILE B 12 -20.77 10.21 -39.58
CA ILE B 12 -20.56 8.93 -40.27
C ILE B 12 -21.61 7.87 -39.90
N ALA B 13 -22.28 8.00 -38.76
CA ALA B 13 -23.38 7.10 -38.43
C ALA B 13 -24.60 7.33 -39.32
N LYS B 14 -24.74 8.53 -39.89
CA LYS B 14 -25.93 8.92 -40.64
C LYS B 14 -26.00 8.32 -42.04
N ILE B 15 -24.89 7.87 -42.60
CA ILE B 15 -24.94 7.14 -43.86
C ILE B 15 -25.50 5.76 -43.58
N ASP B 16 -26.53 5.37 -44.35
CA ASP B 16 -27.23 4.12 -44.13
C ASP B 16 -26.93 3.17 -45.26
N VAL B 17 -26.29 2.05 -44.92
CA VAL B 17 -25.95 1.02 -45.88
C VAL B 17 -26.84 -0.18 -45.59
N HIS B 18 -28.08 0.09 -45.13
CA HIS B 18 -29.04 -0.98 -44.81
C HIS B 18 -29.14 -2.08 -45.87
N ASN B 19 -29.31 -1.71 -47.14
CA ASN B 19 -29.50 -2.72 -48.20
C ASN B 19 -28.67 -2.40 -49.45
N ILE B 20 -27.87 -3.36 -49.85
CA ILE B 20 -27.17 -3.33 -51.13
C ILE B 20 -27.38 -4.67 -51.83
N GLU B 21 -27.47 -4.64 -53.16
CA GLU B 21 -27.70 -5.87 -53.90
C GLU B 21 -26.54 -6.85 -53.75
N ASP B 22 -25.31 -6.37 -53.86
CA ASP B 22 -24.15 -7.24 -53.77
C ASP B 22 -23.73 -7.40 -52.32
N ILE B 23 -23.20 -8.56 -51.96
CA ILE B 23 -22.73 -8.77 -50.60
C ILE B 23 -21.24 -8.45 -50.46
N GLU B 24 -20.45 -8.61 -51.52
CA GLU B 24 -19.06 -8.21 -51.49
C GLU B 24 -18.94 -6.68 -51.42
N GLN B 25 -19.73 -5.98 -52.24
CA GLN B 25 -19.80 -4.53 -52.17
C GLN B 25 -20.36 -4.06 -50.84
N TYR B 26 -21.28 -4.83 -50.25
CA TYR B 26 -21.84 -4.46 -48.95
C TYR B 26 -20.81 -4.60 -47.84
N LYS B 27 -20.06 -5.71 -47.83
CA LYS B 27 -19.01 -5.85 -46.83
C LYS B 27 -17.89 -4.82 -47.05
N LYS B 28 -17.59 -4.49 -48.31
CA LYS B 28 -16.61 -3.42 -48.55
C LYS B 28 -17.15 -2.07 -48.08
N ALA B 29 -18.45 -1.84 -48.25
CA ALA B 29 -19.04 -0.59 -47.80
C ALA B 29 -19.02 -0.47 -46.29
N ILE B 30 -19.33 -1.56 -45.56
CA ILE B 30 -19.37 -1.48 -44.10
C ILE B 30 -17.95 -1.45 -43.54
N THR B 31 -17.03 -2.18 -44.16
CA THR B 31 -15.63 -2.11 -43.76
C THR B 31 -15.08 -0.71 -43.92
N GLN B 32 -15.39 -0.04 -45.03
CA GLN B 32 -14.95 1.34 -45.19
C GLN B 32 -15.65 2.24 -44.20
N LYS B 33 -16.93 1.98 -43.93
CA LYS B 33 -17.72 2.82 -43.05
C LYS B 33 -17.13 2.82 -41.64
N LEU B 34 -16.85 1.63 -41.11
CA LEU B 34 -16.16 1.51 -39.82
C LEU B 34 -14.73 2.03 -39.92
N GLN B 35 -14.06 1.85 -41.06
CA GLN B 35 -12.69 2.31 -41.20
C GLN B 35 -12.58 3.81 -41.04
N THR B 36 -13.43 4.58 -41.71
CA THR B 36 -13.41 6.03 -41.53
C THR B 36 -14.10 6.47 -40.24
N SER B 37 -14.99 5.63 -39.69
CA SER B 37 -15.55 5.91 -38.38
C SER B 37 -14.48 5.93 -37.29
N LEU B 38 -13.60 4.92 -37.27
CA LEU B 38 -12.53 4.89 -36.28
C LEU B 38 -11.38 5.80 -36.67
N SER B 39 -11.08 5.88 -37.97
CA SER B 39 -9.95 6.69 -38.44
C SER B 39 -10.18 8.18 -38.21
N LEU B 40 -11.42 8.64 -38.43
CA LEU B 40 -11.71 10.06 -38.25
C LEU B 40 -11.49 10.49 -36.80
N PHE B 41 -11.85 9.64 -35.86
CA PHE B 41 -11.69 9.91 -34.44
C PHE B 41 -10.33 9.43 -33.96
N LYS B 42 -10.22 9.20 -32.65
CA LYS B 42 -8.94 9.07 -31.98
C LYS B 42 -8.14 7.82 -32.38
N TYR B 43 -8.68 6.91 -33.18
CA TYR B 43 -7.90 5.71 -33.48
C TYR B 43 -6.89 5.97 -34.58
N ALA B 44 -5.72 5.33 -34.46
CA ALA B 44 -4.63 5.42 -35.43
C ALA B 44 -4.42 4.07 -36.09
N LYS B 45 -4.04 4.10 -37.36
CA LYS B 45 -3.84 2.86 -38.11
C LYS B 45 -2.44 2.31 -37.82
N THR B 46 -2.36 1.02 -37.52
CA THR B 46 -1.08 0.39 -37.18
C THR B 46 -0.98 -0.96 -37.87
N LYS B 47 0.16 -1.62 -37.68
CA LYS B 47 0.42 -2.91 -38.32
C LYS B 47 -0.31 -4.02 -37.57
N ASN B 48 -1.11 -4.79 -38.30
CA ASN B 48 -1.96 -5.78 -37.70
C ASN B 48 -1.18 -7.00 -37.22
N LEU B 49 -1.57 -7.52 -36.07
CA LEU B 49 -0.93 -8.69 -35.50
C LEU B 49 -1.80 -9.91 -35.84
N PRO B 50 -1.25 -10.85 -36.61
CA PRO B 50 -2.06 -12.00 -37.05
C PRO B 50 -2.31 -13.01 -35.95
N HIS B 51 -1.41 -13.10 -34.98
CA HIS B 51 -1.42 -14.15 -33.97
C HIS B 51 -2.41 -13.91 -32.83
N ILE B 52 -3.08 -12.77 -32.80
CA ILE B 52 -4.04 -12.48 -31.73
C ILE B 52 -5.44 -12.91 -32.17
N LYS B 53 -6.01 -13.86 -31.44
CA LYS B 53 -7.35 -14.37 -31.66
C LYS B 53 -7.98 -14.53 -30.28
N PRO B 54 -9.27 -14.28 -30.15
CA PRO B 54 -9.92 -14.41 -28.84
C PRO B 54 -10.00 -15.86 -28.39
N ILE B 55 -9.71 -16.06 -27.10
CA ILE B 55 -9.78 -17.39 -26.51
C ILE B 55 -11.07 -17.60 -25.70
N TYR B 56 -11.79 -16.53 -25.36
CA TYR B 56 -12.88 -16.57 -24.39
C TYR B 56 -14.10 -15.84 -24.93
N LYS B 57 -15.26 -16.18 -24.36
CA LYS B 57 -16.52 -15.48 -24.65
C LYS B 57 -17.06 -14.84 -23.38
N TYR B 58 -17.62 -13.63 -23.53
CA TYR B 58 -18.00 -12.78 -22.41
C TYR B 58 -19.48 -12.47 -22.49
N ILE B 59 -20.02 -11.88 -21.43
CA ILE B 59 -21.46 -11.61 -21.38
C ILE B 59 -21.79 -10.43 -22.28
N THR B 60 -22.82 -10.59 -23.12
CA THR B 60 -23.23 -9.59 -24.09
C THR B 60 -24.70 -9.24 -23.93
N ILE B 61 -25.03 -7.96 -24.16
CA ILE B 61 -26.40 -7.45 -24.21
C ILE B 61 -26.59 -6.77 -25.56
N GLU B 62 -27.60 -7.21 -26.32
CA GLU B 62 -27.87 -6.64 -27.62
C GLU B 62 -29.14 -5.80 -27.60
N GLY B 63 -29.36 -5.07 -28.70
CA GLY B 63 -30.55 -4.25 -28.83
C GLY B 63 -30.53 -3.49 -30.14
N THR B 64 -31.56 -2.65 -30.31
CA THR B 64 -31.67 -1.82 -31.50
C THR B 64 -32.16 -0.43 -31.12
N GLU B 65 -31.47 0.59 -31.60
CA GLU B 65 -31.87 1.99 -31.50
C GLU B 65 -32.24 2.49 -32.89
N THR B 66 -33.28 3.33 -33.00
CA THR B 66 -33.70 3.88 -34.28
C THR B 66 -33.65 5.40 -34.22
N ALA B 67 -32.84 5.99 -35.09
CA ALA B 67 -32.65 7.44 -35.18
C ALA B 67 -33.05 7.93 -36.57
N GLU B 68 -34.06 8.78 -36.64
CA GLU B 68 -34.57 9.33 -37.90
C GLU B 68 -34.93 8.17 -38.82
N GLY B 69 -34.39 8.09 -40.03
CA GLY B 69 -34.72 6.99 -40.91
C GLY B 69 -33.93 5.73 -40.70
N ILE B 70 -32.86 5.81 -39.90
CA ILE B 70 -31.88 4.74 -39.77
C ILE B 70 -32.18 3.86 -38.56
N GLU B 71 -32.02 2.55 -38.75
CA GLU B 71 -32.11 1.59 -37.65
C GLU B 71 -30.72 0.99 -37.44
N SER B 72 -30.27 0.97 -36.18
CA SER B 72 -28.93 0.51 -35.86
C SER B 72 -28.99 -0.48 -34.70
N ALA B 73 -28.28 -1.60 -34.82
CA ALA B 73 -28.26 -2.65 -33.81
C ALA B 73 -26.95 -2.60 -33.04
N TYR B 74 -27.04 -2.64 -31.70
CA TYR B 74 -25.86 -2.53 -30.85
C TYR B 74 -25.66 -3.81 -30.06
N ILE B 75 -24.39 -4.18 -29.88
CA ILE B 75 -23.98 -5.20 -28.91
C ILE B 75 -23.09 -4.51 -27.88
N GLU B 76 -23.24 -4.90 -26.62
CA GLU B 76 -22.52 -4.27 -25.51
C GLU B 76 -21.93 -5.37 -24.65
N SER B 77 -20.61 -5.32 -24.44
CA SER B 77 -19.89 -6.38 -23.73
C SER B 77 -18.75 -5.77 -22.95
N GLU B 78 -18.43 -6.41 -21.82
CA GLU B 78 -17.38 -5.95 -20.91
C GLU B 78 -16.30 -7.01 -20.75
N VAL B 79 -15.05 -6.52 -20.68
CA VAL B 79 -13.85 -7.33 -20.77
C VAL B 79 -12.89 -6.93 -19.65
N PRO B 80 -12.19 -7.85 -19.01
CA PRO B 80 -11.20 -7.44 -18.01
C PRO B 80 -10.09 -6.64 -18.68
N ALA B 81 -9.63 -5.60 -17.97
CA ALA B 81 -8.58 -4.72 -18.47
C ALA B 81 -7.23 -5.35 -18.16
N LEU B 82 -6.85 -6.28 -19.02
CA LEU B 82 -5.65 -7.09 -18.88
C LEU B 82 -4.99 -7.21 -20.24
N ALA B 83 -3.67 -7.02 -20.28
CA ALA B 83 -2.95 -7.10 -21.54
C ALA B 83 -3.07 -8.48 -22.15
N GLY B 84 -3.32 -8.52 -23.45
CA GLY B 84 -3.47 -9.78 -24.16
C GLY B 84 -4.88 -10.32 -24.24
N THR B 85 -5.83 -9.70 -23.54
CA THR B 85 -7.21 -10.16 -23.56
C THR B 85 -7.88 -9.65 -24.83
N SER B 86 -8.73 -10.49 -25.42
CA SER B 86 -9.36 -10.15 -26.69
C SER B 86 -10.72 -10.84 -26.77
N ILE B 87 -11.60 -10.28 -27.60
CA ILE B 87 -12.94 -10.81 -27.83
C ILE B 87 -13.25 -10.71 -29.31
N GLY B 88 -14.00 -11.69 -29.83
CA GLY B 88 -14.41 -11.67 -31.21
C GLY B 88 -15.88 -11.35 -31.43
N PHE B 89 -16.15 -10.60 -32.51
CA PHE B 89 -17.52 -10.31 -32.95
C PHE B 89 -17.67 -10.68 -34.41
N LYS B 90 -18.73 -11.41 -34.71
CA LYS B 90 -19.15 -11.67 -36.09
C LYS B 90 -20.34 -10.77 -36.38
N ILE B 91 -20.22 -9.96 -37.44
CA ILE B 91 -21.28 -9.08 -37.89
C ILE B 91 -21.89 -9.68 -39.15
N ASN B 92 -23.19 -9.97 -39.10
CA ASN B 92 -23.97 -10.48 -40.21
C ASN B 92 -25.10 -9.52 -40.50
N SER B 93 -25.65 -9.57 -41.72
CA SER B 93 -26.83 -8.78 -42.07
C SER B 93 -28.06 -9.69 -42.13
N LYS B 94 -28.94 -9.55 -41.15
CA LYS B 94 -30.28 -10.13 -41.20
C LYS B 94 -30.27 -11.58 -41.70
N GLU B 95 -29.60 -12.43 -40.92
CA GLU B 95 -29.40 -13.85 -41.22
C GLU B 95 -28.73 -14.08 -42.57
N GLY B 96 -27.98 -13.10 -43.06
CA GLY B 96 -27.11 -13.29 -44.20
C GLY B 96 -25.67 -13.38 -43.74
N LYS B 97 -24.84 -14.09 -44.50
CA LYS B 97 -23.50 -14.35 -44.00
C LYS B 97 -22.39 -14.46 -45.05
N HIS B 98 -21.23 -13.92 -44.69
CA HIS B 98 -21.16 -13.09 -43.49
C HIS B 98 -20.61 -11.76 -43.94
N LEU B 99 -20.70 -10.75 -43.08
CA LEU B 99 -20.20 -9.42 -43.41
C LEU B 99 -18.77 -9.26 -42.94
N LEU B 100 -18.57 -9.25 -41.63
CA LEU B 100 -17.27 -8.81 -41.15
C LEU B 100 -16.98 -9.46 -39.80
N ASP B 101 -15.69 -9.68 -39.52
CA ASP B 101 -15.23 -10.12 -38.21
C ASP B 101 -14.39 -9.01 -37.61
N VAL B 102 -14.67 -8.63 -36.36
CA VAL B 102 -13.85 -7.65 -35.66
C VAL B 102 -13.34 -8.26 -34.35
N ILE B 103 -12.03 -8.19 -34.16
CA ILE B 103 -11.38 -8.68 -32.94
C ILE B 103 -10.92 -7.48 -32.14
N ALA B 104 -11.27 -7.45 -30.86
CA ALA B 104 -10.83 -6.42 -29.92
C ALA B 104 -9.87 -7.05 -28.90
N TYR B 105 -8.57 -6.81 -29.06
CA TYR B 105 -7.65 -7.06 -27.96
C TYR B 105 -7.34 -5.82 -27.14
N VAL B 106 -6.86 -6.08 -25.93
CA VAL B 106 -6.20 -5.11 -25.08
C VAL B 106 -4.71 -5.26 -25.30
N LYS B 107 -4.11 -4.30 -26.00
CA LYS B 107 -2.70 -4.39 -26.33
C LYS B 107 -1.81 -4.04 -25.14
N SER B 108 -2.23 -3.04 -24.35
CA SER B 108 -1.40 -2.60 -23.22
C SER B 108 -2.27 -2.32 -22.01
N ALA B 109 -1.89 -2.84 -20.84
CA ALA B 109 -2.51 -2.46 -19.57
C ALA B 109 -1.41 -2.34 -18.53
N SER B 110 -1.12 -1.12 -18.07
CA SER B 110 -0.01 -0.95 -17.14
C SER B 110 -0.24 0.31 -16.30
N TYR B 111 0.49 0.40 -15.19
CA TYR B 111 0.56 1.65 -14.45
C TYR B 111 2.00 1.95 -14.09
N SER B 112 2.35 3.24 -14.08
CA SER B 112 3.76 3.64 -13.99
C SER B 112 3.92 4.84 -13.07
N SER B 113 5.17 5.01 -12.60
CA SER B 113 5.59 6.22 -11.86
C SER B 113 7.05 6.51 -12.18
N VAL B 114 7.45 7.77 -12.06
CA VAL B 114 8.84 8.16 -12.28
C VAL B 114 9.44 8.52 -10.94
N TYR B 115 10.70 8.14 -10.74
CA TYR B 115 11.36 8.35 -9.46
C TYR B 115 12.60 9.22 -9.62
N THR B 116 12.95 9.93 -8.53
CA THR B 116 14.13 10.78 -8.49
C THR B 116 15.23 10.09 -7.67
N LYS B 117 16.48 10.30 -8.07
CA LYS B 117 17.59 9.68 -7.37
C LYS B 117 17.81 10.38 -6.04
N LEU B 118 17.87 9.59 -4.97
CA LEU B 118 18.18 10.10 -3.65
C LEU B 118 19.68 10.01 -3.35
N TYR B 119 20.23 8.81 -3.36
CA TYR B 119 21.61 8.61 -2.94
C TYR B 119 22.19 7.35 -3.58
N SER B 120 23.49 7.20 -3.43
CA SER B 120 24.19 5.96 -3.71
C SER B 120 24.66 5.36 -2.39
N THR B 121 24.80 4.04 -2.35
CA THR B 121 25.23 3.37 -1.14
C THR B 121 26.10 2.18 -1.53
N GLY B 122 26.63 1.50 -0.52
CA GLY B 122 27.51 0.36 -0.73
C GLY B 122 28.35 0.05 0.48
N PRO B 123 29.17 -1.00 0.39
CA PRO B 123 30.01 -1.37 1.53
C PRO B 123 31.13 -0.36 1.76
N THR B 124 31.67 -0.39 2.98
CA THR B 124 32.69 0.56 3.40
C THR B 124 34.07 -0.04 3.14
N SER B 125 34.83 0.58 2.23
CA SER B 125 36.18 0.10 1.93
C SER B 125 37.25 0.69 2.84
N GLY B 126 37.04 1.90 3.35
CA GLY B 126 38.05 2.51 4.18
C GLY B 126 37.46 3.53 5.12
N ILE B 127 38.35 4.24 5.82
CA ILE B 127 37.96 5.32 6.72
C ILE B 127 38.97 6.45 6.61
N ASN B 128 38.48 7.67 6.39
CA ASN B 128 39.29 8.87 6.53
C ASN B 128 39.17 9.42 7.95
N THR B 129 40.31 9.81 8.51
CA THR B 129 40.39 10.27 9.89
C THR B 129 41.23 11.52 9.97
N LYS B 130 40.80 12.46 10.83
CA LYS B 130 41.59 13.62 11.24
C LYS B 130 41.54 13.65 12.75
N HIS B 131 42.70 13.77 13.40
CA HIS B 131 42.72 13.77 14.85
C HIS B 131 43.81 14.70 15.39
N ASP B 132 43.59 15.18 16.61
CA ASP B 132 44.50 16.07 17.32
C ASP B 132 44.40 15.78 18.81
N GLU B 133 45.48 16.02 19.56
CA GLU B 133 45.49 15.84 21.01
C GLU B 133 45.97 17.09 21.71
N LEU B 134 45.50 17.27 22.94
CA LEU B 134 45.85 18.41 23.77
C LEU B 134 46.49 17.91 25.05
N CYS B 135 47.65 18.49 25.39
CA CYS B 135 48.33 18.15 26.64
C CYS B 135 47.49 18.53 27.85
N THR B 136 46.93 19.75 27.84
CA THR B 136 46.24 20.28 29.00
C THR B 136 44.85 20.76 28.63
N GLY B 137 43.96 20.79 29.62
CA GLY B 137 42.63 21.31 29.44
C GLY B 137 41.61 20.25 29.08
N PRO B 138 40.34 20.62 29.12
CA PRO B 138 39.29 19.70 28.68
C PRO B 138 39.19 19.65 27.16
N CYS B 139 38.36 18.72 26.68
CA CYS B 139 38.09 18.62 25.26
C CYS B 139 37.29 19.82 24.78
N PRO B 140 37.48 20.22 23.52
CA PRO B 140 36.75 21.38 23.01
C PRO B 140 35.24 21.19 23.11
N ALA B 141 34.54 22.25 23.51
CA ALA B 141 33.10 22.16 23.70
C ALA B 141 32.40 21.79 22.40
N ASN B 142 32.83 22.37 21.30
CA ASN B 142 32.39 21.98 19.97
C ASN B 142 33.62 21.50 19.20
N ILE B 143 33.61 20.25 18.78
CA ILE B 143 34.69 19.68 17.99
C ILE B 143 34.50 20.07 16.53
N ASN B 144 35.55 20.60 15.93
CA ASN B 144 35.53 21.00 14.53
C ASN B 144 35.55 19.75 13.66
N HIS B 145 34.65 19.68 12.68
CA HIS B 145 34.59 18.55 11.76
C HIS B 145 34.01 19.00 10.43
N GLN B 146 34.36 18.29 9.36
CA GLN B 146 33.78 18.59 8.06
C GLN B 146 32.35 18.06 8.00
N VAL B 147 31.60 18.49 6.98
CA VAL B 147 30.19 18.11 6.89
C VAL B 147 30.09 16.61 6.69
N GLY B 148 29.15 15.99 7.40
CA GLY B 148 28.94 14.57 7.30
C GLY B 148 29.96 13.70 8.00
N TRP B 149 31.03 14.28 8.55
CA TRP B 149 31.95 13.50 9.39
C TRP B 149 31.42 13.40 10.83
N LEU B 150 31.89 12.37 11.53
CA LEU B 150 31.52 12.17 12.92
C LEU B 150 32.68 12.58 13.82
N THR B 151 32.34 13.03 15.03
CA THR B 151 33.35 13.44 16.00
C THR B 151 33.46 12.42 17.11
N PHE B 152 34.67 12.30 17.64
CA PHE B 152 34.96 11.45 18.78
C PHE B 152 35.95 12.18 19.68
N ALA B 153 35.78 12.02 20.99
CA ALA B 153 36.65 12.70 21.94
C ALA B 153 36.77 11.88 23.21
N ARG B 154 37.96 11.95 23.81
CA ARG B 154 38.20 11.38 25.14
C ARG B 154 38.93 12.40 26.01
N GLU B 155 38.38 12.63 27.20
CA GLU B 155 38.97 13.46 28.23
C GLU B 155 40.14 12.72 28.90
N ARG B 156 40.94 13.47 29.65
CA ARG B 156 41.86 12.90 30.64
C ARG B 156 42.88 11.98 29.98
N THR B 157 43.28 12.31 28.75
CA THR B 157 44.11 11.37 27.98
C THR B 157 45.54 11.36 28.51
N SER B 158 46.07 12.52 28.86
CA SER B 158 47.45 12.62 29.30
C SER B 158 47.58 12.09 30.71
N SER B 159 48.35 11.01 30.87
CA SER B 159 48.57 10.38 32.17
C SER B 159 50.04 9.99 32.25
N HIS B 160 50.50 9.64 33.46
CA HIS B 160 51.90 9.30 33.63
C HIS B 160 52.25 8.08 32.80
N GLY B 161 53.40 8.16 32.12
CA GLY B 161 53.80 7.14 31.18
C GLY B 161 53.06 7.16 29.87
N CYS B 162 52.02 7.99 29.75
CA CYS B 162 51.20 8.12 28.55
C CYS B 162 51.29 9.54 27.98
N GLU B 163 52.30 10.29 28.39
CA GLU B 163 52.43 11.70 28.04
C GLU B 163 52.84 11.85 26.58
N GLU B 164 52.84 13.11 26.12
CA GLU B 164 53.63 13.50 24.98
C GLU B 164 54.85 14.26 25.50
N PHE B 165 55.64 14.83 24.59
CA PHE B 165 56.92 15.41 24.98
C PHE B 165 56.71 16.69 25.79
N GLY B 166 57.31 16.73 26.98
CA GLY B 166 57.19 17.88 27.85
C GLY B 166 55.89 17.99 28.61
N CYS B 167 54.94 17.07 28.40
CA CYS B 167 53.63 17.15 29.01
C CYS B 167 53.68 16.43 30.35
N LEU B 168 53.32 17.14 31.42
CA LEU B 168 53.40 16.60 32.77
C LEU B 168 52.05 16.41 33.46
N ALA B 169 50.96 16.86 32.86
CA ALA B 169 49.69 16.78 33.54
C ALA B 169 49.20 15.33 33.60
N VAL B 170 48.23 15.09 34.49
CA VAL B 170 47.62 13.77 34.68
C VAL B 170 46.12 13.96 34.84
N SER B 171 45.35 13.00 34.32
CA SER B 171 43.90 13.10 34.32
C SER B 171 43.46 14.43 33.72
N ASP B 172 44.13 14.81 32.63
CA ASP B 172 43.89 16.10 31.99
C ASP B 172 44.28 15.94 30.53
N GLY B 173 43.96 16.94 29.73
CA GLY B 173 44.21 16.85 28.31
C GLY B 173 43.04 16.27 27.56
N CYS B 174 43.26 16.03 26.27
CA CYS B 174 42.18 15.53 25.42
C CYS B 174 42.79 14.81 24.21
N VAL B 175 42.00 13.91 23.62
CA VAL B 175 42.28 13.41 22.27
C VAL B 175 40.96 13.41 21.51
N PHE B 176 40.90 14.16 20.40
CA PHE B 176 39.66 14.27 19.65
C PHE B 176 39.94 14.13 18.16
N GLY B 177 38.88 13.87 17.40
CA GLY B 177 39.02 13.73 15.96
C GLY B 177 37.68 13.53 15.31
N SER B 178 37.72 13.39 13.98
CA SER B 178 36.55 13.19 13.15
C SER B 178 36.89 12.11 12.12
N CYS B 179 35.87 11.40 11.66
CA CYS B 179 36.06 10.35 10.67
C CYS B 179 34.89 10.31 9.68
N GLN B 180 35.17 9.73 8.51
CA GLN B 180 34.16 9.50 7.48
C GLN B 180 34.47 8.18 6.79
N ASP B 181 33.43 7.39 6.51
CA ASP B 181 33.64 6.16 5.75
C ASP B 181 33.99 6.47 4.29
N ILE B 182 34.73 5.55 3.68
CA ILE B 182 34.97 5.53 2.25
C ILE B 182 34.30 4.27 1.71
N ILE B 183 33.37 4.45 0.77
CA ILE B 183 32.57 3.34 0.28
C ILE B 183 32.74 3.19 -1.23
N LYS B 184 32.35 2.02 -1.72
CA LYS B 184 32.25 1.75 -3.15
C LYS B 184 30.78 1.63 -3.54
N GLU B 185 30.37 2.43 -4.51
CA GLU B 185 28.96 2.48 -4.90
C GLU B 185 28.57 1.22 -5.69
N GLU B 186 27.67 0.41 -5.12
CA GLU B 186 27.17 -0.76 -5.84
C GLU B 186 25.67 -0.69 -6.03
N LEU B 187 25.03 0.43 -5.69
CA LEU B 187 23.58 0.47 -5.72
C LEU B 187 23.12 1.93 -5.65
N SER B 188 21.97 2.21 -6.26
CA SER B 188 21.39 3.55 -6.21
C SER B 188 19.93 3.45 -5.76
N VAL B 189 19.47 4.46 -5.03
CA VAL B 189 18.15 4.43 -4.42
C VAL B 189 17.34 5.61 -4.93
N TYR B 190 16.15 5.32 -5.44
CA TYR B 190 15.26 6.31 -6.02
C TYR B 190 13.97 6.35 -5.21
N ARG B 191 13.31 7.51 -5.22
CA ARG B 191 12.09 7.75 -4.48
C ARG B 191 10.96 8.11 -5.43
N LYS B 192 9.76 7.59 -5.12
CA LYS B 192 8.60 7.73 -6.00
C LYS B 192 8.07 9.16 -5.97
N GLU B 193 8.19 9.86 -7.09
CA GLU B 193 7.88 11.29 -7.13
C GLU B 193 6.49 11.59 -7.67
N THR B 194 6.06 10.91 -8.73
CA THR B 194 4.76 11.14 -9.36
C THR B 194 3.76 10.10 -8.90
N GLU B 195 2.48 10.49 -8.89
CA GLU B 195 1.45 9.49 -8.69
C GLU B 195 1.37 8.55 -9.90
N GLU B 196 0.66 7.46 -9.68
CA GLU B 196 0.65 6.29 -10.55
C GLU B 196 -0.40 6.45 -11.64
N VAL B 197 0.02 6.30 -12.89
CA VAL B 197 -0.88 6.60 -14.01
C VAL B 197 -1.04 5.35 -14.88
N THR B 198 -2.22 5.21 -15.49
CA THR B 198 -2.60 4.00 -16.20
C THR B 198 -2.52 4.21 -17.70
N ASP B 199 -1.82 3.32 -18.37
CA ASP B 199 -1.75 3.29 -19.82
C ASP B 199 -2.49 2.04 -20.27
N VAL B 200 -3.62 2.25 -20.95
CA VAL B 200 -4.40 1.17 -21.55
C VAL B 200 -4.48 1.47 -23.03
N GLU B 201 -4.12 0.50 -23.85
CA GLU B 201 -4.13 0.66 -25.30
C GLU B 201 -4.93 -0.50 -25.86
N LEU B 202 -6.02 -0.16 -26.57
CA LEU B 202 -6.95 -1.11 -27.12
C LEU B 202 -6.95 -0.98 -28.63
N CYS B 203 -7.22 -2.10 -29.31
CA CYS B 203 -7.11 -2.12 -30.76
C CYS B 203 -8.25 -2.93 -31.35
N LEU B 204 -8.51 -2.71 -32.63
CA LEU B 204 -9.53 -3.43 -33.38
C LEU B 204 -8.91 -3.91 -34.68
N THR B 205 -9.19 -5.18 -35.04
CA THR B 205 -8.66 -5.78 -36.25
C THR B 205 -9.81 -6.32 -37.07
N PHE B 206 -9.94 -5.84 -38.31
CA PHE B 206 -10.92 -6.33 -39.27
C PHE B 206 -10.40 -6.14 -40.69
N SER B 207 -10.70 -7.09 -41.56
CA SER B 207 -10.34 -7.06 -42.98
C SER B 207 -8.85 -6.77 -43.17
N ASP B 208 -8.03 -7.47 -42.38
CA ASP B 208 -6.56 -7.37 -42.44
C ASP B 208 -6.10 -5.93 -42.20
N LYS B 209 -6.78 -5.22 -41.30
CA LYS B 209 -6.41 -3.87 -40.93
C LYS B 209 -6.60 -3.71 -39.44
N THR B 210 -5.71 -2.96 -38.79
CA THR B 210 -5.80 -2.74 -37.35
C THR B 210 -5.72 -1.26 -36.99
N TYR B 211 -6.59 -0.86 -36.07
CA TYR B 211 -6.65 0.50 -35.53
C TYR B 211 -6.58 0.47 -34.02
N CYS B 212 -5.72 1.31 -33.43
CA CYS B 212 -5.48 1.32 -32.00
C CYS B 212 -5.75 2.69 -31.40
N THR B 213 -5.88 2.71 -30.07
CA THR B 213 -6.12 3.93 -29.32
C THR B 213 -5.68 3.74 -27.88
N ASN B 214 -5.38 4.84 -27.22
CA ASN B 214 -5.25 4.86 -25.78
C ASN B 214 -6.63 5.03 -25.15
N LEU B 215 -6.75 4.70 -23.85
CA LEU B 215 -8.01 4.82 -23.14
C LEU B 215 -7.82 5.70 -21.91
N ASN B 216 -8.92 6.30 -21.45
CA ASN B 216 -8.82 7.21 -20.32
C ASN B 216 -9.87 6.86 -19.27
N PRO B 217 -9.50 6.86 -17.99
CA PRO B 217 -10.53 6.66 -16.95
C PRO B 217 -11.55 7.77 -16.89
N VAL B 218 -11.19 8.99 -17.31
CA VAL B 218 -12.13 10.10 -17.24
C VAL B 218 -13.01 10.14 -18.47
N THR B 219 -12.41 10.15 -19.66
CA THR B 219 -13.14 10.45 -20.89
C THR B 219 -13.39 9.18 -21.68
N PRO B 220 -14.66 8.83 -21.95
CA PRO B 220 -14.93 7.72 -22.86
C PRO B 220 -14.60 8.10 -24.29
N ILE B 221 -14.29 7.09 -25.09
CA ILE B 221 -14.05 7.25 -26.52
C ILE B 221 -15.33 6.85 -27.25
N ILE B 222 -16.04 7.84 -27.78
CA ILE B 222 -17.31 7.60 -28.46
C ILE B 222 -17.10 7.90 -29.94
N THR B 223 -17.09 6.85 -30.75
CA THR B 223 -17.19 7.05 -32.19
C THR B 223 -18.64 6.86 -32.58
N ASP B 224 -18.92 7.03 -33.87
CA ASP B 224 -20.29 6.83 -34.31
C ASP B 224 -20.67 5.36 -34.29
N LEU B 225 -19.78 4.49 -34.76
CA LEU B 225 -20.09 3.08 -34.87
C LEU B 225 -19.58 2.23 -33.72
N PHE B 226 -18.72 2.76 -32.84
CA PHE B 226 -18.10 1.92 -31.82
C PHE B 226 -17.71 2.79 -30.64
N GLU B 227 -17.96 2.29 -29.43
CA GLU B 227 -17.77 3.07 -28.21
C GLU B 227 -17.04 2.22 -27.17
N VAL B 228 -16.05 2.81 -26.51
CA VAL B 228 -15.36 2.15 -25.41
C VAL B 228 -15.35 3.10 -24.22
N GLN B 229 -15.42 2.53 -23.03
CA GLN B 229 -15.39 3.25 -21.78
C GLN B 229 -14.56 2.44 -20.80
N PHE B 230 -13.55 3.06 -20.19
CA PHE B 230 -12.65 2.35 -19.28
C PHE B 230 -13.06 2.63 -17.84
N LYS B 231 -13.49 1.59 -17.15
CA LYS B 231 -13.94 1.69 -15.77
C LYS B 231 -12.90 1.04 -14.87
N THR B 232 -12.64 1.67 -13.72
CA THR B 232 -11.63 1.20 -12.78
C THR B 232 -11.88 1.84 -11.43
N VAL B 233 -11.08 1.42 -10.46
CA VAL B 233 -10.84 2.21 -9.25
C VAL B 233 -9.36 2.52 -9.22
N GLU B 234 -9.01 3.71 -8.73
CA GLU B 234 -7.65 4.23 -8.85
C GLU B 234 -6.94 4.01 -7.52
N THR B 235 -6.45 2.79 -7.33
CA THR B 235 -5.68 2.45 -6.14
C THR B 235 -4.58 1.51 -6.59
N TYR B 236 -3.34 1.98 -6.52
CA TYR B 236 -2.21 1.25 -7.06
C TYR B 236 -1.06 1.39 -6.08
N SER B 237 -0.32 0.31 -5.86
CA SER B 237 0.84 0.32 -4.96
C SER B 237 2.12 0.20 -5.78
N LEU B 238 2.67 1.31 -6.19
CA LEU B 238 4.07 1.16 -6.61
C LEU B 238 4.95 1.55 -5.45
N PRO B 239 5.95 0.75 -5.10
CA PRO B 239 6.68 0.99 -3.86
C PRO B 239 7.29 2.38 -3.82
N ARG B 240 7.26 2.98 -2.63
CA ARG B 240 7.63 4.39 -2.49
C ARG B 240 9.12 4.60 -2.67
N ILE B 241 9.94 3.66 -2.20
CA ILE B 241 11.38 3.78 -2.34
C ILE B 241 11.92 2.49 -2.91
N VAL B 242 12.75 2.62 -3.94
CA VAL B 242 13.23 1.47 -4.70
C VAL B 242 14.73 1.56 -4.83
N ALA B 243 15.39 0.42 -4.73
CA ALA B 243 16.80 0.33 -5.07
C ALA B 243 16.96 -0.24 -6.47
N VAL B 244 17.98 0.24 -7.17
CA VAL B 244 18.38 -0.30 -8.47
C VAL B 244 19.84 -0.74 -8.35
N GLN B 245 20.10 -1.98 -8.74
CA GLN B 245 21.44 -2.55 -8.69
C GLN B 245 21.70 -3.34 -9.97
N ASN B 246 22.72 -2.93 -10.72
CA ASN B 246 23.08 -3.56 -11.99
C ASN B 246 21.84 -3.77 -12.86
N HIS B 247 21.04 -2.71 -12.98
CA HIS B 247 19.87 -2.66 -13.85
C HIS B 247 18.77 -3.60 -13.39
N GLU B 248 18.82 -4.07 -12.15
CA GLU B 248 17.71 -4.79 -11.54
C GLU B 248 17.04 -3.89 -10.52
N ILE B 249 15.82 -4.26 -10.20
CA ILE B 249 14.93 -3.48 -9.35
C ILE B 249 14.71 -4.27 -8.08
N LYS B 250 15.20 -3.74 -6.96
CA LYS B 250 15.13 -4.41 -5.66
C LYS B 250 14.32 -3.57 -4.69
N ILE B 251 13.34 -4.21 -4.04
CA ILE B 251 12.45 -3.54 -3.11
C ILE B 251 12.57 -4.19 -1.74
N GLY B 252 12.15 -3.46 -0.73
CA GLY B 252 12.27 -3.91 0.65
C GLY B 252 12.29 -2.73 1.60
N GLN B 253 12.89 -2.95 2.77
CA GLN B 253 13.04 -1.89 3.76
C GLN B 253 14.31 -1.12 3.41
N ILE B 254 14.14 0.05 2.79
CA ILE B 254 15.23 0.81 2.21
C ILE B 254 15.12 2.25 2.68
N ASN B 255 16.21 2.78 3.23
CA ASN B 255 16.17 4.07 3.90
C ASN B 255 15.78 5.20 2.96
N ASP B 256 14.88 6.06 3.42
CA ASP B 256 14.58 7.30 2.73
C ASP B 256 15.73 8.28 2.92
N LEU B 257 15.74 9.34 2.11
CA LEU B 257 16.82 10.34 2.17
C LEU B 257 17.01 10.85 3.58
N GLY B 258 18.26 10.81 4.05
CA GLY B 258 18.59 11.32 5.37
C GLY B 258 18.17 10.46 6.53
N VAL B 259 17.68 9.25 6.27
CA VAL B 259 17.23 8.33 7.32
C VAL B 259 18.30 7.29 7.57
N TYR B 260 18.82 7.26 8.79
CA TYR B 260 20.02 6.51 9.12
C TYR B 260 19.73 5.19 9.83
N SER B 261 18.46 4.80 9.93
CA SER B 261 18.09 3.58 10.64
C SER B 261 18.87 2.39 10.10
N LYS B 262 19.23 1.48 11.00
CA LYS B 262 20.08 0.36 10.62
C LYS B 262 19.36 -0.53 9.61
N GLY B 263 19.98 -0.71 8.45
CA GLY B 263 19.35 -1.40 7.35
C GLY B 263 20.00 -0.99 6.05
N CYS B 264 19.35 -1.34 4.95
CA CYS B 264 19.91 -1.07 3.62
C CYS B 264 19.91 0.43 3.35
N GLY B 265 21.09 0.97 3.06
CA GLY B 265 21.19 2.38 2.75
C GLY B 265 21.32 3.31 3.94
N ASN B 266 21.90 2.85 5.05
CA ASN B 266 22.13 3.73 6.18
C ASN B 266 23.42 4.55 6.04
N VAL B 267 24.14 4.41 4.94
CA VAL B 267 25.22 5.30 4.55
C VAL B 267 24.90 5.81 3.16
N GLN B 268 24.59 7.11 3.06
CA GLN B 268 24.05 7.71 1.84
C GLN B 268 25.05 8.71 1.27
N LYS B 269 25.40 8.53 -0.01
CA LYS B 269 26.24 9.47 -0.74
C LYS B 269 25.35 10.25 -1.72
N VAL B 270 25.03 11.51 -1.38
CA VAL B 270 24.18 12.36 -2.20
C VAL B 270 25.04 13.51 -2.70
N ASN B 271 24.96 13.80 -4.00
CA ASN B 271 25.78 14.84 -4.63
C ASN B 271 27.25 14.52 -4.35
N GLY B 272 27.99 15.39 -3.66
CA GLY B 272 29.41 15.15 -3.52
C GLY B 272 29.84 14.33 -2.32
N THR B 273 29.12 14.44 -1.22
CA THR B 273 29.61 13.94 0.06
C THR B 273 28.78 12.75 0.56
N ILE B 274 29.48 11.84 1.24
CA ILE B 274 28.90 10.65 1.85
C ILE B 274 28.41 11.00 3.24
N TYR B 275 27.14 10.67 3.54
CA TYR B 275 26.65 10.94 4.89
C TYR B 275 26.32 9.63 5.58
N GLY B 276 26.48 9.62 6.90
CA GLY B 276 26.17 8.45 7.70
C GLY B 276 26.01 8.84 9.15
N ASN B 277 25.79 7.82 9.99
CA ASN B 277 25.60 8.03 11.42
C ASN B 277 26.12 6.80 12.17
N GLY B 278 26.38 6.98 13.45
CA GLY B 278 26.87 5.91 14.31
C GLY B 278 27.70 6.47 15.44
N VAL B 279 28.25 5.56 16.24
CA VAL B 279 29.23 5.90 17.26
C VAL B 279 30.56 5.30 16.87
N PRO B 280 31.57 6.13 16.57
CA PRO B 280 32.86 5.60 16.13
C PRO B 280 33.56 4.79 17.22
N ARG B 281 34.16 3.68 16.82
CA ARG B 281 34.98 2.89 17.73
C ARG B 281 36.37 3.51 17.76
N PHE B 282 36.71 4.12 18.89
CA PHE B 282 37.87 5.00 19.00
C PHE B 282 38.59 4.77 20.31
N ASP B 283 39.92 4.74 20.24
CA ASP B 283 40.74 4.57 21.43
C ASP B 283 42.16 5.01 21.07
N TYR B 284 43.00 5.19 22.08
CA TYR B 284 44.39 5.56 21.86
C TYR B 284 45.36 4.55 22.46
N LEU B 285 46.62 4.71 22.03
CA LEU B 285 47.78 4.01 22.57
C LEU B 285 48.72 5.02 23.21
N CYS B 286 49.50 4.58 24.20
CA CYS B 286 50.37 5.46 24.96
C CYS B 286 51.83 5.37 24.53
N HIS B 287 52.50 6.52 24.54
CA HIS B 287 53.95 6.59 24.48
C HIS B 287 54.45 7.45 25.65
N LEU B 288 55.72 7.27 26.02
CA LEU B 288 56.27 8.05 27.13
C LEU B 288 56.54 9.49 26.70
N ALA B 289 57.38 9.67 25.69
CA ALA B 289 57.84 10.98 25.27
C ALA B 289 57.28 11.40 23.91
N SER B 290 56.42 10.62 23.30
CA SER B 290 55.94 10.90 21.95
C SER B 290 54.43 11.10 21.96
N ARG B 291 53.88 11.46 20.80
CA ARG B 291 52.45 11.68 20.67
C ARG B 291 51.68 10.37 20.65
N LYS B 292 50.43 10.46 21.10
CA LYS B 292 49.54 9.31 21.24
C LYS B 292 49.08 8.81 19.88
N GLU B 293 48.92 7.49 19.77
CA GLU B 293 48.41 6.90 18.53
C GLU B 293 46.91 6.67 18.65
N VAL B 294 46.19 6.93 17.55
CA VAL B 294 44.74 6.81 17.50
C VAL B 294 44.36 5.48 16.86
N ILE B 295 43.41 4.79 17.47
CA ILE B 295 42.89 3.52 16.95
C ILE B 295 41.43 3.75 16.59
N VAL B 296 41.13 3.68 15.30
CA VAL B 296 39.77 3.77 14.78
C VAL B 296 39.42 2.44 14.12
N ARG B 297 38.51 1.69 14.73
CA ARG B 297 38.03 0.44 14.17
C ARG B 297 36.78 0.60 13.31
N LYS B 298 35.98 1.64 13.56
CA LYS B 298 34.73 1.81 12.83
C LYS B 298 34.33 3.27 12.93
N CYS B 299 33.70 3.78 11.87
CA CYS B 299 33.18 5.14 11.95
C CYS B 299 31.66 5.12 11.79
N PHE B 300 31.17 5.05 10.56
CA PHE B 300 29.73 4.89 10.34
C PHE B 300 29.26 3.48 10.67
N ASP B 301 28.03 3.38 11.15
CA ASP B 301 27.30 2.13 11.06
C ASP B 301 26.87 1.94 9.61
N ASN B 302 27.30 0.83 8.98
CA ASN B 302 26.95 0.57 7.58
C ASN B 302 26.35 -0.84 7.48
N ASP B 303 25.04 -0.91 7.24
CA ASP B 303 24.34 -2.17 7.12
C ASP B 303 24.08 -2.58 5.66
N TYR B 304 24.93 -2.16 4.73
CA TYR B 304 24.73 -2.51 3.33
C TYR B 304 24.55 -4.01 3.10
N GLN B 305 25.08 -4.87 3.99
CA GLN B 305 24.92 -6.30 3.78
C GLN B 305 23.45 -6.69 3.69
N ALA B 306 22.59 -6.00 4.45
CA ALA B 306 21.17 -6.30 4.43
C ALA B 306 20.55 -6.11 3.06
N CYS B 307 21.15 -5.25 2.21
CA CYS B 307 20.64 -5.06 0.86
C CYS B 307 20.59 -6.37 0.09
N LYS B 308 21.43 -7.34 0.44
CA LYS B 308 21.40 -8.62 -0.28
C LYS B 308 20.09 -9.37 -0.06
N PHE B 309 19.35 -9.03 0.99
CA PHE B 309 18.14 -9.76 1.36
C PHE B 309 16.87 -9.10 0.84
N LEU B 310 17.01 -8.01 0.08
CA LEU B 310 15.86 -7.37 -0.56
C LEU B 310 15.18 -8.35 -1.52
N GLN B 311 13.88 -8.16 -1.68
CA GLN B 311 13.13 -8.89 -2.70
C GLN B 311 13.32 -8.25 -4.07
N SER B 312 13.25 -9.10 -5.11
CA SER B 312 13.37 -8.66 -6.50
C SER B 312 12.07 -8.94 -7.23
N PRO B 313 11.18 -7.95 -7.41
CA PRO B 313 9.86 -8.25 -7.97
C PRO B 313 9.92 -8.54 -9.47
N ALA B 314 9.17 -9.57 -9.87
CA ALA B 314 9.13 -9.99 -11.26
C ALA B 314 8.11 -9.23 -12.09
N SER B 315 7.10 -8.62 -11.44
CA SER B 315 5.98 -8.02 -12.15
C SER B 315 6.21 -6.56 -12.52
N TYR B 316 7.41 -6.02 -12.29
CA TYR B 316 7.73 -4.65 -12.66
C TYR B 316 8.80 -4.66 -13.74
N ARG B 317 8.98 -3.52 -14.39
CA ARG B 317 10.11 -3.33 -15.31
C ARG B 317 10.58 -1.89 -15.25
N LEU B 318 11.90 -1.72 -15.45
CA LEU B 318 12.57 -0.45 -15.31
C LEU B 318 12.75 0.22 -16.65
N GLU B 319 12.68 1.55 -16.63
CA GLU B 319 13.20 2.39 -17.70
C GLU B 319 14.09 3.43 -17.04
N GLU B 320 15.39 3.35 -17.31
CA GLU B 320 16.36 4.23 -16.70
C GLU B 320 16.61 5.42 -17.62
N ASP B 321 16.34 6.62 -17.11
CA ASP B 321 16.76 7.86 -17.73
C ASP B 321 17.69 8.57 -16.76
N SER B 322 18.50 9.48 -17.29
CA SER B 322 19.54 10.09 -16.46
C SER B 322 18.93 10.76 -15.24
N GLY B 323 19.27 10.21 -14.05
CA GLY B 323 18.81 10.75 -12.79
C GLY B 323 17.41 10.34 -12.35
N THR B 324 16.61 9.72 -13.22
CA THR B 324 15.23 9.40 -12.90
C THR B 324 14.86 8.05 -13.49
N VAL B 325 14.03 7.30 -12.80
CA VAL B 325 13.72 5.93 -13.21
C VAL B 325 12.21 5.73 -13.23
N THR B 326 11.67 5.42 -14.40
CA THR B 326 10.27 5.04 -14.51
C THR B 326 10.11 3.56 -14.20
N ILE B 327 9.13 3.22 -13.37
CA ILE B 327 8.82 1.85 -13.02
C ILE B 327 7.41 1.54 -13.51
N ILE B 328 7.27 0.38 -14.15
CA ILE B 328 6.07 0.01 -14.87
C ILE B 328 5.57 -1.33 -14.35
N ASP B 329 4.27 -1.41 -14.07
CA ASP B 329 3.59 -2.66 -13.79
C ASP B 329 2.71 -2.97 -15.00
N TYR B 330 3.11 -3.96 -15.79
CA TYR B 330 2.35 -4.36 -16.98
C TYR B 330 1.42 -5.55 -16.79
N LYS B 331 1.58 -6.34 -15.73
CA LYS B 331 1.03 -7.70 -15.73
C LYS B 331 -0.36 -7.84 -15.11
N LYS B 332 -0.97 -6.77 -14.61
CA LYS B 332 -2.12 -6.96 -13.74
C LYS B 332 -3.40 -6.45 -14.40
N ILE B 333 -4.53 -6.85 -13.81
CA ILE B 333 -5.86 -6.46 -14.28
C ILE B 333 -6.21 -5.12 -13.68
N LEU B 334 -6.44 -4.13 -14.54
CA LEU B 334 -6.59 -2.75 -14.10
C LEU B 334 -8.03 -2.27 -14.08
N GLY B 335 -9.00 -3.13 -14.38
CA GLY B 335 -10.38 -2.68 -14.40
C GLY B 335 -11.19 -3.47 -15.42
N THR B 336 -12.19 -2.78 -15.97
CA THR B 336 -13.08 -3.33 -16.98
C THR B 336 -13.16 -2.40 -18.17
N ILE B 337 -13.13 -2.97 -19.38
CA ILE B 337 -13.36 -2.24 -20.63
C ILE B 337 -14.78 -2.52 -21.07
N LYS B 338 -15.60 -1.47 -21.17
CA LYS B 338 -16.97 -1.58 -21.66
C LYS B 338 -17.02 -1.17 -23.13
N MET B 339 -17.66 -1.99 -23.95
CA MET B 339 -17.72 -1.75 -25.39
C MET B 339 -19.17 -1.79 -25.87
N LYS B 340 -19.54 -0.88 -26.76
CA LYS B 340 -20.80 -0.93 -27.46
C LYS B 340 -20.52 -0.75 -28.94
N ALA B 341 -20.73 -1.80 -29.71
CA ALA B 341 -20.57 -1.77 -31.16
C ALA B 341 -21.95 -1.62 -31.78
N ILE B 342 -22.22 -0.42 -32.31
CA ILE B 342 -23.46 -0.11 -33.00
C ILE B 342 -23.06 0.22 -34.44
N LEU B 343 -23.14 -0.78 -35.33
CA LEU B 343 -22.58 -0.70 -36.67
C LEU B 343 -23.60 -0.34 -37.75
N GLY B 344 -24.87 -0.50 -37.45
CA GLY B 344 -25.96 -0.34 -38.39
C GLY B 344 -27.00 -1.42 -38.14
N ASP B 345 -27.79 -1.71 -39.15
CA ASP B 345 -28.82 -2.75 -39.00
C ASP B 345 -28.15 -4.07 -39.32
N VAL B 346 -27.77 -4.81 -38.28
CA VAL B 346 -27.02 -6.06 -38.39
C VAL B 346 -27.36 -6.93 -37.20
N LYS B 347 -26.83 -8.15 -37.18
CA LYS B 347 -26.93 -9.05 -36.05
C LYS B 347 -25.54 -9.53 -35.68
N TYR B 348 -25.30 -9.65 -34.38
CA TYR B 348 -23.99 -9.92 -33.82
C TYR B 348 -23.94 -11.31 -33.21
N LYS B 349 -22.82 -12.01 -33.43
CA LYS B 349 -22.56 -13.27 -32.73
C LYS B 349 -21.10 -13.31 -32.34
N THR B 350 -20.82 -13.34 -31.05
CA THR B 350 -19.45 -13.31 -30.56
C THR B 350 -18.77 -14.66 -30.76
N PHE B 351 -17.48 -14.63 -31.11
CA PHE B 351 -16.67 -15.84 -31.15
C PHE B 351 -15.36 -15.72 -30.40
N ALA B 352 -14.80 -16.90 -30.17
CA ALA B 352 -13.44 -17.14 -29.71
C ALA B 352 -13.01 -18.52 -30.20
N ASP B 353 -11.72 -18.65 -30.52
CA ASP B 353 -11.13 -19.91 -30.96
C ASP B 353 -10.65 -20.75 -29.77
N SER B 354 -10.24 -21.98 -30.06
CA SER B 354 -9.61 -22.86 -29.08
C SER B 354 -8.10 -22.67 -29.07
N VAL B 355 -7.51 -22.79 -27.88
CA VAL B 355 -6.08 -22.56 -27.69
C VAL B 355 -5.35 -23.90 -27.63
N ASP B 356 -4.27 -24.02 -28.38
CA ASP B 356 -3.38 -25.19 -28.37
C ASP B 356 -2.04 -24.79 -27.77
N ILE B 357 -1.63 -25.52 -26.74
CA ILE B 357 -0.36 -25.26 -26.05
C ILE B 357 0.37 -26.58 -25.84
N THR B 358 1.66 -26.59 -26.16
CA THR B 358 2.55 -27.69 -25.79
C THR B 358 3.59 -27.14 -24.81
N ALA B 359 4.02 -27.96 -23.86
CA ALA B 359 4.85 -27.42 -22.80
C ALA B 359 5.78 -28.46 -22.21
N GLU B 360 6.79 -27.96 -21.49
CA GLU B 360 7.70 -28.79 -20.73
C GLU B 360 8.23 -27.92 -19.58
N GLY B 361 8.83 -28.55 -18.57
CA GLY B 361 9.24 -27.79 -17.41
C GLY B 361 10.29 -28.48 -16.58
N SER B 362 11.14 -27.68 -15.93
CA SER B 362 12.13 -28.15 -14.97
C SER B 362 12.14 -27.21 -13.77
N CYS B 363 11.92 -27.76 -12.58
CA CYS B 363 11.77 -27.00 -11.35
C CYS B 363 12.82 -27.45 -10.33
N THR B 364 13.47 -26.51 -9.66
CA THR B 364 14.38 -26.81 -8.57
C THR B 364 14.24 -25.77 -7.47
N GLY B 365 14.50 -26.20 -6.24
CA GLY B 365 14.37 -25.30 -5.11
C GLY B 365 14.36 -26.09 -3.81
N CYS B 366 13.80 -25.47 -2.78
CA CYS B 366 13.78 -26.03 -1.44
C CYS B 366 12.43 -25.76 -0.80
N ILE B 367 12.33 -26.06 0.50
CA ILE B 367 11.12 -25.87 1.29
C ILE B 367 11.49 -25.10 2.55
N ASN B 368 10.54 -24.28 3.04
CA ASN B 368 10.72 -23.54 4.29
C ASN B 368 11.98 -22.69 4.25
N CYS B 369 12.28 -22.16 3.07
CA CYS B 369 13.49 -21.44 2.80
C CYS B 369 13.13 -20.14 2.11
N PHE B 370 14.13 -19.26 1.96
CA PHE B 370 13.89 -17.94 1.40
C PHE B 370 13.63 -18.01 -0.10
N GLU B 371 14.30 -18.90 -0.81
CA GLU B 371 14.21 -18.97 -2.27
C GLU B 371 13.03 -19.81 -2.77
N ASN B 372 12.58 -20.78 -1.99
CA ASN B 372 11.43 -21.65 -2.35
C ASN B 372 11.75 -22.31 -3.69
N ILE B 373 10.80 -22.39 -4.62
CA ILE B 373 10.97 -23.20 -5.83
C ILE B 373 10.93 -22.33 -7.07
N HIS B 374 11.78 -22.64 -8.04
CA HIS B 374 11.82 -21.97 -9.33
C HIS B 374 11.55 -22.96 -10.45
N CYS B 375 10.76 -22.55 -11.43
CA CYS B 375 10.36 -23.39 -12.56
C CYS B 375 10.67 -22.70 -13.88
N GLU B 376 11.32 -23.44 -14.77
CA GLU B 376 11.57 -23.02 -16.16
C GLU B 376 10.65 -23.82 -17.07
N LEU B 377 9.77 -23.10 -17.76
CA LEU B 377 8.79 -23.69 -18.67
C LEU B 377 9.14 -23.35 -20.12
N THR B 378 9.01 -24.33 -20.99
CA THR B 378 8.98 -24.13 -22.44
C THR B 378 7.54 -24.26 -22.91
N LEU B 379 6.94 -23.14 -23.34
CA LEU B 379 5.55 -23.06 -23.75
C LEU B 379 5.47 -22.62 -25.20
N HIS B 380 4.96 -23.51 -26.06
CA HIS B 380 4.71 -23.20 -27.46
C HIS B 380 3.20 -23.10 -27.68
N THR B 381 2.75 -21.93 -28.16
CA THR B 381 1.35 -21.68 -28.45
C THR B 381 1.20 -21.19 -29.89
N THR B 382 0.10 -21.58 -30.52
CA THR B 382 -0.16 -21.16 -31.89
C THR B 382 -0.74 -19.75 -31.96
N ILE B 383 -1.51 -19.35 -30.94
CA ILE B 383 -2.09 -18.02 -30.89
C ILE B 383 -1.75 -17.41 -29.53
N GLU B 384 -1.75 -16.09 -29.47
CA GLU B 384 -1.46 -15.44 -28.20
C GLU B 384 -2.62 -15.67 -27.24
N ALA B 385 -2.31 -16.16 -26.04
CA ALA B 385 -3.34 -16.50 -25.06
C ALA B 385 -2.97 -15.96 -23.69
N SER B 386 -3.96 -15.42 -22.99
CA SER B 386 -3.82 -15.05 -21.58
C SER B 386 -4.31 -16.23 -20.73
N CYS B 387 -3.37 -16.95 -20.11
CA CYS B 387 -3.67 -18.22 -19.45
C CYS B 387 -3.60 -18.10 -17.93
N PRO B 388 -4.69 -18.35 -17.20
CA PRO B 388 -4.57 -18.57 -15.75
C PRO B 388 -3.88 -19.89 -15.46
N ILE B 389 -2.91 -19.86 -14.57
CA ILE B 389 -2.13 -21.05 -14.21
C ILE B 389 -2.48 -21.45 -12.78
N LYS B 390 -2.67 -22.76 -12.57
CA LYS B 390 -3.03 -23.31 -11.27
C LYS B 390 -2.02 -24.38 -10.86
N SER B 391 -1.82 -24.52 -9.54
CA SER B 391 -0.92 -25.55 -9.04
C SER B 391 -1.38 -25.96 -7.65
N SER B 392 -0.99 -27.18 -7.27
CA SER B 392 -1.21 -27.64 -5.90
C SER B 392 -0.49 -26.73 -4.90
N CYS B 393 0.77 -26.40 -5.18
CA CYS B 393 1.46 -25.41 -4.38
C CYS B 393 0.95 -24.01 -4.74
N THR B 394 1.43 -23.01 -4.01
CA THR B 394 1.05 -21.62 -4.26
C THR B 394 2.08 -20.99 -5.19
N VAL B 395 1.68 -20.72 -6.42
CA VAL B 395 2.55 -20.08 -7.40
C VAL B 395 2.51 -18.56 -7.17
N PHE B 396 3.64 -17.89 -7.45
CA PHE B 396 3.72 -16.45 -7.19
C PHE B 396 2.69 -15.67 -8.01
N HIS B 397 2.78 -15.76 -9.33
CA HIS B 397 1.90 -15.00 -10.20
C HIS B 397 0.78 -15.89 -10.69
N ASP B 398 -0.45 -15.41 -10.56
CA ASP B 398 -1.63 -16.24 -10.81
C ASP B 398 -1.77 -16.68 -12.26
N ARG B 399 -1.19 -15.95 -13.21
CA ARG B 399 -1.41 -16.21 -14.63
C ARG B 399 -0.09 -16.08 -15.39
N ILE B 400 -0.17 -16.35 -16.69
CA ILE B 400 0.97 -16.25 -17.60
C ILE B 400 0.42 -16.01 -18.99
N LEU B 401 1.05 -15.10 -19.73
CA LEU B 401 0.61 -14.73 -21.07
C LEU B 401 1.56 -15.37 -22.07
N VAL B 402 1.06 -16.35 -22.82
CA VAL B 402 1.87 -17.09 -23.78
C VAL B 402 1.71 -16.47 -25.16
N THR B 403 2.84 -16.27 -25.84
CA THR B 403 2.86 -15.68 -27.17
C THR B 403 3.69 -16.56 -28.10
N PRO B 404 3.32 -16.61 -29.38
CA PRO B 404 4.05 -17.48 -30.32
C PRO B 404 5.51 -17.10 -30.51
N ASN B 405 5.92 -15.89 -30.14
CA ASN B 405 7.30 -15.45 -30.37
C ASN B 405 8.26 -16.09 -29.38
N GLU B 406 8.10 -15.80 -28.09
CA GLU B 406 9.04 -16.26 -27.07
C GLU B 406 8.53 -17.55 -26.44
N HIS B 407 9.41 -18.55 -26.38
CA HIS B 407 9.07 -19.89 -25.90
C HIS B 407 9.51 -20.17 -24.47
N LYS B 408 10.29 -19.31 -23.84
CA LYS B 408 10.84 -19.59 -22.51
C LYS B 408 10.20 -18.67 -21.49
N TYR B 409 9.59 -19.28 -20.46
CA TYR B 409 8.84 -18.58 -19.43
C TYR B 409 9.26 -19.09 -18.07
N ALA B 410 9.32 -18.20 -17.07
CA ALA B 410 9.72 -18.58 -15.72
C ALA B 410 8.59 -18.33 -14.73
N LEU B 411 8.53 -19.15 -13.68
CA LEU B 411 7.57 -18.89 -12.61
C LEU B 411 8.02 -19.59 -11.33
N LYS B 412 7.71 -18.99 -10.19
CA LYS B 412 8.17 -19.46 -8.89
C LYS B 412 7.02 -19.91 -8.01
N MET B 413 7.34 -20.71 -6.98
CA MET B 413 6.36 -21.34 -6.12
C MET B 413 6.83 -21.39 -4.68
N VAL B 414 5.86 -21.37 -3.77
CA VAL B 414 6.06 -21.71 -2.35
C VAL B 414 5.20 -22.94 -2.08
N CYS B 415 5.84 -24.06 -1.76
CA CYS B 415 5.10 -25.27 -1.42
C CYS B 415 4.92 -25.38 0.08
N THR B 416 3.66 -25.27 0.52
CA THR B 416 3.31 -25.49 1.92
C THR B 416 3.51 -26.95 2.30
N GLU B 417 3.47 -27.84 1.30
CA GLU B 417 3.65 -29.27 1.45
C GLU B 417 4.99 -29.65 0.83
N LYS B 418 5.33 -30.94 0.86
CA LYS B 418 6.62 -31.38 0.34
C LYS B 418 6.42 -31.97 -1.05
N PRO B 419 6.97 -31.37 -2.11
CA PRO B 419 6.78 -31.93 -3.45
C PRO B 419 7.72 -33.09 -3.73
N GLY B 420 7.32 -33.92 -4.69
CA GLY B 420 8.10 -35.02 -5.19
C GLY B 420 8.84 -34.66 -6.46
N ASN B 421 9.00 -35.66 -7.33
CA ASN B 421 9.55 -35.42 -8.66
C ASN B 421 8.52 -34.78 -9.57
N THR B 422 7.25 -35.19 -9.44
CA THR B 422 6.20 -34.61 -10.25
C THR B 422 5.74 -33.31 -9.60
N LEU B 423 5.62 -32.27 -10.41
CA LEU B 423 5.07 -30.99 -9.95
C LEU B 423 4.03 -30.53 -10.95
N THR B 424 2.76 -30.57 -10.56
CA THR B 424 1.65 -30.35 -11.47
C THR B 424 1.36 -28.86 -11.58
N ILE B 425 1.38 -28.34 -12.82
CA ILE B 425 1.02 -26.94 -13.08
C ILE B 425 0.14 -26.92 -14.31
N LYS B 426 -0.87 -26.06 -14.31
CA LYS B 426 -1.89 -26.07 -15.36
C LYS B 426 -1.96 -24.70 -16.02
N VAL B 427 -1.62 -24.64 -17.30
CA VAL B 427 -1.64 -23.42 -18.09
C VAL B 427 -2.79 -23.52 -19.08
N CYS B 428 -3.79 -22.65 -18.94
CA CYS B 428 -5.06 -22.76 -19.70
C CYS B 428 -5.57 -24.19 -19.53
N ASN B 429 -5.87 -24.91 -20.61
CA ASN B 429 -6.31 -26.29 -20.53
C ASN B 429 -5.17 -27.29 -20.60
N THR B 430 -3.96 -26.85 -20.95
CA THR B 430 -2.83 -27.78 -21.03
C THR B 430 -2.30 -28.01 -19.61
N LYS B 431 -2.33 -29.27 -19.18
CA LYS B 431 -1.90 -29.67 -17.86
C LYS B 431 -0.50 -30.27 -17.97
N VAL B 432 0.46 -29.67 -17.28
CA VAL B 432 1.87 -29.96 -17.49
C VAL B 432 2.46 -30.53 -16.20
N GLU B 433 3.16 -31.65 -16.34
CA GLU B 433 3.97 -32.22 -15.27
C GLU B 433 5.39 -31.71 -15.40
N ALA B 434 5.88 -31.03 -14.37
CA ALA B 434 7.22 -30.47 -14.37
C ALA B 434 8.13 -31.33 -13.52
N SER B 435 9.30 -31.64 -14.06
CA SER B 435 10.30 -32.43 -13.36
C SER B 435 11.02 -31.56 -12.33
N MET B 436 10.91 -31.94 -11.06
CA MET B 436 11.46 -31.17 -9.97
C MET B 436 12.55 -31.94 -9.24
N ALA B 437 13.59 -31.20 -8.82
CA ALA B 437 14.65 -31.75 -7.98
C ALA B 437 14.85 -30.83 -6.78
N LEU B 438 14.63 -31.36 -5.58
CA LEU B 438 14.87 -30.62 -4.36
C LEU B 438 16.36 -30.46 -4.12
N VAL B 439 16.79 -29.22 -3.97
CA VAL B 439 18.15 -28.92 -3.56
C VAL B 439 18.08 -28.40 -2.14
N ASP B 440 19.15 -28.64 -1.37
CA ASP B 440 19.20 -28.14 0.00
C ASP B 440 19.06 -26.62 -0.01
N ALA B 441 18.49 -26.08 1.06
CA ALA B 441 18.40 -24.63 1.16
C ALA B 441 19.80 -24.04 1.11
N LYS B 442 19.97 -23.00 0.32
CA LYS B 442 21.29 -22.39 0.17
C LYS B 442 21.74 -21.78 1.50
N PRO B 443 23.03 -21.91 1.86
CA PRO B 443 23.49 -21.42 3.15
C PRO B 443 23.42 -19.91 3.27
N ILE B 444 23.14 -19.44 4.48
CA ILE B 444 22.98 -18.02 4.75
C ILE B 444 24.34 -17.42 5.11
N ILE B 445 24.74 -16.37 4.38
CA ILE B 445 26.04 -15.76 4.55
C ILE B 445 25.86 -14.25 4.72
N GLU B 446 26.75 -13.64 5.51
CA GLU B 446 26.78 -12.19 5.75
C GLU B 446 25.48 -11.67 6.36
N LEU B 447 24.78 -12.49 7.13
CA LEU B 447 23.60 -12.01 7.83
C LEU B 447 23.98 -11.04 8.95
N ALA B 448 25.11 -11.30 9.61
CA ALA B 448 25.57 -10.54 10.77
C ALA B 448 26.16 -9.19 10.34
N PRO B 449 26.07 -8.17 11.22
CA PRO B 449 26.64 -6.86 10.91
C PRO B 449 28.16 -6.87 11.00
N VAL B 450 28.76 -5.78 10.52
CA VAL B 450 30.21 -5.59 10.55
C VAL B 450 30.62 -4.78 11.79
N ASP B 451 31.32 -5.44 12.72
CA ASP B 451 31.91 -4.72 13.84
C ASP B 451 32.90 -3.67 13.37
N GLN B 452 33.79 -4.06 12.46
CA GLN B 452 34.99 -3.29 12.14
C GLN B 452 35.10 -3.12 10.63
N THR B 453 34.91 -1.88 10.17
CA THR B 453 34.99 -1.61 8.73
C THR B 453 36.44 -1.62 8.24
N ALA B 454 37.36 -1.14 9.07
CA ALA B 454 38.79 -1.26 8.81
C ALA B 454 39.53 -1.05 10.12
N TYR B 455 40.84 -1.30 10.11
CA TYR B 455 41.68 -1.05 11.28
C TYR B 455 42.62 0.09 10.93
N ILE B 456 42.38 1.25 11.52
CA ILE B 456 43.17 2.45 11.27
C ILE B 456 43.96 2.75 12.53
N ARG B 457 45.28 2.69 12.40
CA ARG B 457 46.21 3.02 13.47
C ARG B 457 47.08 4.15 12.94
N GLU B 458 46.94 5.34 13.53
CA GLU B 458 47.67 6.49 13.04
C GLU B 458 48.02 7.48 14.18
N ILE C 23 -48.15 -26.79 -14.62
CA ILE C 23 -47.02 -26.02 -14.13
C ILE C 23 -45.96 -26.91 -13.51
N GLU C 24 -46.39 -27.96 -12.82
CA GLU C 24 -45.45 -28.84 -12.12
C GLU C 24 -44.54 -29.55 -13.12
N GLN C 25 -45.12 -29.98 -14.25
CA GLN C 25 -44.38 -30.68 -15.28
C GLN C 25 -43.24 -29.79 -15.80
N TYR C 26 -43.57 -28.53 -16.07
CA TYR C 26 -42.62 -27.60 -16.65
C TYR C 26 -41.66 -27.06 -15.58
N LYS C 27 -42.16 -26.79 -14.37
CA LYS C 27 -41.27 -26.34 -13.30
C LYS C 27 -40.18 -27.36 -13.04
N LYS C 28 -40.53 -28.65 -13.06
CA LYS C 28 -39.50 -29.67 -12.97
C LYS C 28 -38.64 -29.70 -14.22
N ALA C 29 -39.22 -29.37 -15.39
CA ALA C 29 -38.43 -29.32 -16.61
C ALA C 29 -37.33 -28.25 -16.53
N ILE C 30 -37.64 -27.07 -16.00
CA ILE C 30 -36.65 -26.01 -15.90
C ILE C 30 -35.72 -26.25 -14.71
N THR C 31 -36.25 -26.79 -13.61
CA THR C 31 -35.40 -27.12 -12.47
C THR C 31 -34.33 -28.15 -12.83
N GLN C 32 -34.74 -29.24 -13.49
CA GLN C 32 -33.77 -30.24 -13.93
C GLN C 32 -32.90 -29.72 -15.07
N LYS C 33 -33.50 -28.98 -16.00
CA LYS C 33 -32.78 -28.53 -17.18
C LYS C 33 -31.65 -27.57 -16.81
N LEU C 34 -31.97 -26.57 -15.98
CA LEU C 34 -30.95 -25.70 -15.43
C LEU C 34 -30.00 -26.47 -14.52
N GLN C 35 -30.53 -27.46 -13.80
CA GLN C 35 -29.72 -28.22 -12.86
C GLN C 35 -28.58 -28.95 -13.56
N THR C 36 -28.88 -29.65 -14.65
CA THR C 36 -27.83 -30.31 -15.42
C THR C 36 -27.06 -29.35 -16.32
N SER C 37 -27.66 -28.20 -16.65
CA SER C 37 -26.90 -27.16 -17.36
C SER C 37 -25.74 -26.66 -16.51
N LEU C 38 -26.00 -26.41 -15.22
CA LEU C 38 -24.94 -25.97 -14.32
C LEU C 38 -24.04 -27.13 -13.91
N SER C 39 -24.63 -28.31 -13.71
CA SER C 39 -23.87 -29.49 -13.32
C SER C 39 -22.87 -29.90 -14.39
N LEU C 40 -23.20 -29.69 -15.66
CA LEU C 40 -22.26 -30.02 -16.74
C LEU C 40 -20.94 -29.29 -16.56
N PHE C 41 -20.98 -28.06 -16.05
CA PHE C 41 -19.78 -27.29 -15.79
C PHE C 41 -19.25 -27.61 -14.39
N LYS C 42 -18.30 -26.80 -13.93
CA LYS C 42 -17.59 -27.12 -12.70
C LYS C 42 -18.44 -27.02 -11.44
N TYR C 43 -19.72 -26.71 -11.50
CA TYR C 43 -20.41 -26.45 -10.24
C TYR C 43 -20.61 -27.74 -9.45
N ALA C 44 -20.53 -27.61 -8.13
CA ALA C 44 -20.66 -28.74 -7.21
C ALA C 44 -21.97 -28.62 -6.45
N LYS C 45 -22.58 -29.76 -6.18
CA LYS C 45 -23.89 -29.81 -5.51
C LYS C 45 -23.70 -29.76 -4.00
N THR C 46 -24.45 -28.88 -3.35
CA THR C 46 -24.41 -28.73 -1.91
C THR C 46 -25.83 -28.50 -1.39
N LYS C 47 -26.00 -28.84 -0.12
CA LYS C 47 -27.26 -28.67 0.58
C LYS C 47 -27.64 -27.20 0.62
N ASN C 48 -28.93 -27.00 0.45
CA ASN C 48 -29.47 -25.67 0.31
C ASN C 48 -29.70 -25.08 1.69
N LEU C 49 -29.36 -23.84 1.86
CA LEU C 49 -29.58 -23.25 3.16
C LEU C 49 -30.82 -22.38 3.10
N PRO C 50 -31.86 -22.67 3.90
CA PRO C 50 -33.09 -21.85 3.81
C PRO C 50 -32.89 -20.44 4.35
N HIS C 51 -31.93 -20.27 5.26
CA HIS C 51 -31.72 -19.00 5.96
C HIS C 51 -30.97 -17.96 5.14
N ILE C 52 -30.53 -18.29 3.93
CA ILE C 52 -29.92 -17.32 3.03
C ILE C 52 -31.03 -16.81 2.12
N LYS C 53 -31.40 -15.54 2.30
CA LYS C 53 -32.42 -14.91 1.47
C LYS C 53 -31.99 -13.48 1.18
N PRO C 54 -32.31 -12.97 0.00
CA PRO C 54 -31.87 -11.61 -0.36
C PRO C 54 -32.58 -10.55 0.46
N ILE C 55 -31.79 -9.56 0.91
CA ILE C 55 -32.31 -8.42 1.65
C ILE C 55 -32.49 -7.19 0.74
N TYR C 56 -31.86 -7.17 -0.44
CA TYR C 56 -31.79 -5.99 -1.29
C TYR C 56 -32.11 -6.41 -2.72
N LYS C 57 -32.66 -5.49 -3.53
CA LYS C 57 -32.85 -5.74 -4.96
C LYS C 57 -32.04 -4.70 -5.73
N TYR C 58 -31.46 -5.12 -6.86
CA TYR C 58 -30.46 -4.29 -7.51
C TYR C 58 -30.94 -3.94 -8.91
N ILE C 59 -30.15 -3.13 -9.61
CA ILE C 59 -30.53 -2.66 -10.95
C ILE C 59 -30.45 -3.82 -11.93
N THR C 60 -31.51 -4.00 -12.71
CA THR C 60 -31.61 -5.09 -13.66
C THR C 60 -31.93 -4.54 -15.05
N ILE C 61 -31.37 -5.19 -16.07
CA ILE C 61 -31.70 -4.93 -17.46
C ILE C 61 -32.22 -6.22 -18.06
N GLU C 62 -33.44 -6.18 -18.60
CA GLU C 62 -34.04 -7.36 -19.20
C GLU C 62 -34.04 -7.24 -20.72
N GLY C 63 -34.35 -8.35 -21.38
CA GLY C 63 -34.38 -8.35 -22.83
C GLY C 63 -34.70 -9.74 -23.34
N THR C 64 -34.66 -9.89 -24.67
CA THR C 64 -34.89 -11.17 -25.31
C THR C 64 -33.90 -11.35 -26.45
N GLU C 65 -33.19 -12.48 -26.45
CA GLU C 65 -32.35 -12.91 -27.54
C GLU C 65 -33.00 -14.10 -28.23
N THR C 66 -32.84 -14.19 -29.55
CA THR C 66 -33.47 -15.22 -30.36
C THR C 66 -32.39 -16.06 -31.04
N ALA C 67 -32.44 -17.37 -30.80
CA ALA C 67 -31.51 -18.32 -31.42
C ALA C 67 -32.35 -19.24 -32.30
N GLU C 68 -32.14 -19.16 -33.61
CA GLU C 68 -32.89 -19.95 -34.58
C GLU C 68 -34.38 -19.77 -34.35
N GLY C 69 -35.12 -20.86 -34.12
CA GLY C 69 -36.54 -20.76 -33.89
C GLY C 69 -36.93 -20.50 -32.45
N ILE C 70 -36.02 -20.69 -31.50
CA ILE C 70 -36.35 -20.59 -30.09
C ILE C 70 -35.96 -19.20 -29.61
N GLU C 71 -36.85 -18.58 -28.84
CA GLU C 71 -36.62 -17.26 -28.25
C GLU C 71 -36.47 -17.40 -26.75
N SER C 72 -35.46 -16.74 -26.20
CA SER C 72 -35.11 -16.85 -24.79
C SER C 72 -34.98 -15.45 -24.20
N ALA C 73 -35.54 -15.28 -23.01
CA ALA C 73 -35.54 -13.98 -22.33
C ALA C 73 -34.44 -13.97 -21.28
N TYR C 74 -33.65 -12.90 -21.27
CA TYR C 74 -32.52 -12.77 -20.36
C TYR C 74 -32.76 -11.62 -19.38
N ILE C 75 -32.33 -11.84 -18.15
CA ILE C 75 -32.20 -10.79 -17.15
C ILE C 75 -30.71 -10.65 -16.84
N GLU C 76 -30.26 -9.41 -16.64
CA GLU C 76 -28.86 -9.11 -16.40
C GLU C 76 -28.77 -8.22 -15.19
N SER C 77 -27.98 -8.64 -14.19
CA SER C 77 -27.91 -7.93 -12.92
C SER C 77 -26.49 -8.02 -12.39
N GLU C 78 -26.08 -6.96 -11.68
CA GLU C 78 -24.73 -6.87 -11.13
C GLU C 78 -24.79 -6.71 -9.62
N VAL C 79 -23.89 -7.40 -8.94
CA VAL C 79 -23.91 -7.56 -7.48
C VAL C 79 -22.51 -7.38 -6.91
N PRO C 80 -22.35 -6.73 -5.76
CA PRO C 80 -21.02 -6.62 -5.16
C PRO C 80 -20.49 -7.99 -4.74
N ALA C 81 -19.18 -8.17 -4.94
CA ALA C 81 -18.51 -9.42 -4.57
C ALA C 81 -18.13 -9.34 -3.09
N LEU C 82 -19.11 -9.66 -2.25
CA LEU C 82 -18.96 -9.56 -0.81
C LEU C 82 -19.65 -10.74 -0.15
N ALA C 83 -18.99 -11.31 0.86
CA ALA C 83 -19.57 -12.42 1.59
C ALA C 83 -20.86 -11.98 2.28
N GLY C 84 -21.91 -12.78 2.14
CA GLY C 84 -23.21 -12.48 2.70
C GLY C 84 -24.16 -11.74 1.80
N THR C 85 -23.70 -11.30 0.62
CA THR C 85 -24.56 -10.59 -0.32
C THR C 85 -25.36 -11.60 -1.13
N SER C 86 -26.63 -11.27 -1.40
CA SER C 86 -27.51 -12.19 -2.11
C SER C 86 -28.59 -11.41 -2.85
N ILE C 87 -29.15 -12.04 -3.88
CA ILE C 87 -30.20 -11.45 -4.71
C ILE C 87 -31.26 -12.51 -5.03
N GLY C 88 -32.52 -12.09 -5.10
CA GLY C 88 -33.62 -12.97 -5.45
C GLY C 88 -34.14 -12.77 -6.85
N PHE C 89 -34.47 -13.89 -7.51
CA PHE C 89 -35.12 -13.88 -8.82
C PHE C 89 -36.33 -14.81 -8.80
N LYS C 90 -37.47 -14.30 -9.26
CA LYS C 90 -38.63 -15.13 -9.57
C LYS C 90 -38.77 -15.26 -11.08
N ILE C 91 -38.82 -16.50 -11.55
CA ILE C 91 -39.02 -16.82 -12.96
C ILE C 91 -40.48 -17.23 -13.13
N ASN C 92 -41.16 -16.57 -14.05
CA ASN C 92 -42.58 -16.77 -14.32
C ASN C 92 -42.78 -17.23 -15.76
N SER C 93 -43.97 -17.76 -16.03
CA SER C 93 -44.41 -18.09 -17.38
C SER C 93 -45.29 -16.96 -17.89
N LYS C 94 -45.04 -16.53 -19.13
CA LYS C 94 -45.59 -15.27 -19.64
C LYS C 94 -47.08 -15.16 -19.35
N GLU C 95 -47.46 -14.06 -18.71
CA GLU C 95 -48.79 -13.88 -18.13
C GLU C 95 -49.19 -15.06 -17.25
N GLY C 96 -48.32 -15.39 -16.29
CA GLY C 96 -48.66 -16.30 -15.21
C GLY C 96 -47.59 -16.36 -14.15
N LYS C 97 -47.99 -16.56 -12.90
CA LYS C 97 -47.05 -16.46 -11.78
C LYS C 97 -47.49 -17.26 -10.53
N HIS C 98 -46.53 -17.85 -9.84
CA HIS C 98 -45.14 -17.86 -10.29
C HIS C 98 -44.63 -19.29 -10.48
N LEU C 99 -43.52 -19.41 -11.20
CA LEU C 99 -42.93 -20.70 -11.53
C LEU C 99 -41.86 -21.11 -10.52
N LEU C 100 -40.78 -20.33 -10.42
CA LEU C 100 -39.61 -20.79 -9.66
C LEU C 100 -38.88 -19.62 -9.02
N ASP C 101 -38.22 -19.90 -7.90
CA ASP C 101 -37.35 -18.94 -7.23
C ASP C 101 -35.90 -19.41 -7.33
N VAL C 102 -35.01 -18.52 -7.76
CA VAL C 102 -33.57 -18.77 -7.72
C VAL C 102 -32.91 -17.64 -6.95
N ILE C 103 -32.13 -18.00 -5.94
CA ILE C 103 -31.41 -17.05 -5.12
C ILE C 103 -29.93 -17.20 -5.46
N ALA C 104 -29.27 -16.07 -5.71
CA ALA C 104 -27.84 -16.06 -5.96
C ALA C 104 -27.15 -15.48 -4.73
N TYR C 105 -26.14 -16.19 -4.23
CA TYR C 105 -25.48 -15.86 -2.98
C TYR C 105 -23.97 -15.92 -3.15
N VAL C 106 -23.28 -14.91 -2.64
CA VAL C 106 -21.83 -14.85 -2.69
C VAL C 106 -21.28 -15.57 -1.46
N LYS C 107 -20.77 -16.78 -1.65
CA LYS C 107 -20.34 -17.60 -0.53
C LYS C 107 -18.98 -17.19 -0.01
N SER C 108 -18.05 -16.86 -0.92
CA SER C 108 -16.68 -16.55 -0.52
C SER C 108 -16.20 -15.34 -1.31
N ALA C 109 -15.66 -14.36 -0.59
CA ALA C 109 -14.91 -13.26 -1.20
C ALA C 109 -13.71 -13.00 -0.31
N SER C 110 -12.52 -13.34 -0.80
CA SER C 110 -11.33 -13.18 0.02
C SER C 110 -10.11 -13.08 -0.87
N TYR C 111 -9.01 -12.59 -0.30
CA TYR C 111 -7.73 -12.68 -0.97
C TYR C 111 -6.66 -13.11 0.02
N SER C 112 -5.69 -13.87 -0.48
CA SER C 112 -4.73 -14.53 0.38
C SER C 112 -3.33 -14.47 -0.24
N SER C 113 -2.33 -14.65 0.63
CA SER C 113 -0.94 -14.84 0.23
C SER C 113 -0.24 -15.70 1.25
N VAL C 114 0.81 -16.42 0.84
CA VAL C 114 1.57 -17.27 1.74
C VAL C 114 2.92 -16.61 2.01
N TYR C 115 3.37 -16.69 3.27
CA TYR C 115 4.60 -16.04 3.69
C TYR C 115 5.59 -17.07 4.18
N THR C 116 6.88 -16.72 4.09
CA THR C 116 7.96 -17.59 4.53
C THR C 116 8.52 -17.07 5.86
N LYS C 117 8.93 -18.00 6.71
CA LYS C 117 9.46 -17.60 8.01
C LYS C 117 10.84 -17.00 7.85
N LEU C 118 11.04 -15.83 8.44
CA LEU C 118 12.34 -15.17 8.45
C LEU C 118 13.11 -15.53 9.72
N TYR C 119 12.55 -15.18 10.88
CA TYR C 119 13.29 -15.32 12.13
C TYR C 119 12.34 -15.46 13.29
N SER C 120 12.91 -15.77 14.45
CA SER C 120 12.26 -15.69 15.74
C SER C 120 12.89 -14.54 16.53
N THR C 121 12.11 -13.96 17.43
CA THR C 121 12.61 -12.88 18.27
C THR C 121 11.97 -12.99 19.64
N GLY C 122 12.37 -12.09 20.53
CA GLY C 122 11.90 -12.09 21.90
C GLY C 122 12.82 -11.32 22.81
N PRO C 123 12.46 -11.22 24.08
CA PRO C 123 13.28 -10.47 25.03
C PRO C 123 14.58 -11.20 25.32
N THR C 124 15.55 -10.44 25.81
CA THR C 124 16.89 -10.97 26.07
C THR C 124 16.94 -11.49 27.50
N SER C 125 17.12 -12.81 27.66
CA SER C 125 17.17 -13.41 28.98
C SER C 125 18.57 -13.44 29.56
N GLY C 126 19.59 -13.51 28.72
CA GLY C 126 20.95 -13.57 29.20
C GLY C 126 21.91 -13.07 28.15
N ILE C 127 23.20 -13.20 28.44
CA ILE C 127 24.25 -12.87 27.48
C ILE C 127 25.37 -13.89 27.64
N ASN C 128 25.80 -14.47 26.52
CA ASN C 128 27.02 -15.27 26.49
C ASN C 128 28.18 -14.35 26.16
N THR C 129 29.28 -14.52 26.89
CA THR C 129 30.46 -13.69 26.76
C THR C 129 31.71 -14.54 26.77
N LYS C 130 32.67 -14.18 25.94
CA LYS C 130 34.00 -14.78 25.96
C LYS C 130 34.99 -13.63 25.99
N HIS C 131 35.97 -13.67 26.89
CA HIS C 131 36.91 -12.57 26.95
C HIS C 131 38.32 -13.09 27.19
N ASP C 132 39.29 -12.28 26.80
CA ASP C 132 40.71 -12.56 26.97
C ASP C 132 41.42 -11.27 27.31
N GLU C 133 42.51 -11.40 28.05
CA GLU C 133 43.29 -10.28 28.56
C GLU C 133 44.75 -10.42 28.17
N LEU C 134 45.39 -9.30 27.87
CA LEU C 134 46.81 -9.28 27.52
C LEU C 134 47.55 -8.32 28.43
N CYS C 135 48.64 -8.81 29.03
CA CYS C 135 49.49 -7.97 29.86
C CYS C 135 50.18 -6.88 29.03
N THR C 136 50.72 -7.25 27.88
CA THR C 136 51.52 -6.35 27.08
C THR C 136 50.98 -6.29 25.65
N GLY C 137 51.27 -5.18 24.99
CA GLY C 137 50.90 -5.03 23.60
C GLY C 137 49.57 -4.34 23.42
N PRO C 138 49.26 -3.94 22.19
CA PRO C 138 47.95 -3.38 21.89
C PRO C 138 46.91 -4.48 21.75
N CYS C 139 45.66 -4.06 21.57
CA CYS C 139 44.61 -5.01 21.30
C CYS C 139 44.81 -5.60 19.91
N PRO C 140 44.41 -6.85 19.71
CA PRO C 140 44.58 -7.47 18.39
C PRO C 140 43.86 -6.67 17.31
N ALA C 141 44.53 -6.53 16.16
CA ALA C 141 43.97 -5.72 15.09
C ALA C 141 42.64 -6.28 14.62
N ASN C 142 42.53 -7.59 14.52
CA ASN C 142 41.26 -8.26 14.24
C ASN C 142 40.91 -9.13 15.44
N ILE C 143 39.78 -8.84 16.09
CA ILE C 143 39.33 -9.65 17.20
C ILE C 143 38.57 -10.85 16.62
N ASN C 144 38.99 -12.05 17.01
CA ASN C 144 38.32 -13.26 16.57
C ASN C 144 37.00 -13.42 17.32
N HIS C 145 35.94 -13.74 16.60
CA HIS C 145 34.62 -13.86 17.21
C HIS C 145 33.81 -14.90 16.47
N GLN C 146 32.82 -15.46 17.17
CA GLN C 146 31.92 -16.43 16.57
C GLN C 146 30.91 -15.70 15.70
N VAL C 147 30.18 -16.46 14.87
CA VAL C 147 29.26 -15.85 13.92
C VAL C 147 28.12 -15.17 14.66
N GLY C 148 27.78 -13.95 14.24
CA GLY C 148 26.70 -13.19 14.84
C GLY C 148 27.01 -12.57 16.19
N TRP C 149 28.16 -12.87 16.77
CA TRP C 149 28.66 -12.26 17.99
C TRP C 149 29.22 -10.88 17.71
N LEU C 150 29.23 -10.04 18.73
CA LEU C 150 29.80 -8.71 18.67
C LEU C 150 31.13 -8.71 19.43
N THR C 151 32.03 -7.83 19.02
CA THR C 151 33.33 -7.68 19.65
C THR C 151 33.40 -6.39 20.46
N PHE C 152 34.20 -6.42 21.52
CA PHE C 152 34.47 -5.26 22.34
C PHE C 152 35.93 -5.28 22.79
N ALA C 153 36.56 -4.11 22.87
CA ALA C 153 37.96 -4.05 23.25
C ALA C 153 38.29 -2.73 23.95
N ARG C 154 39.18 -2.81 24.93
CA ARG C 154 39.75 -1.65 25.59
C ARG C 154 41.27 -1.77 25.66
N GLU C 155 41.96 -0.73 25.19
CA GLU C 155 43.41 -0.58 25.27
C GLU C 155 43.82 -0.19 26.69
N ARG C 156 45.12 -0.29 26.95
CA ARG C 156 45.75 0.36 28.10
C ARG C 156 45.20 -0.14 29.44
N THR C 157 44.87 -1.42 29.50
CA THR C 157 44.16 -1.97 30.65
C THR C 157 45.06 -2.14 31.87
N SER C 158 46.29 -2.59 31.67
CA SER C 158 47.19 -2.85 32.78
C SER C 158 47.78 -1.54 33.29
N SER C 159 47.45 -1.19 34.54
CA SER C 159 47.90 0.05 35.18
C SER C 159 48.21 -0.25 36.63
N HIS C 160 48.74 0.75 37.33
CA HIS C 160 49.11 0.55 38.73
C HIS C 160 47.89 0.10 39.53
N GLY C 161 48.06 -0.97 40.30
CA GLY C 161 46.97 -1.56 41.02
C GLY C 161 45.97 -2.33 40.19
N CYS C 162 46.09 -2.32 38.87
CA CYS C 162 45.14 -3.00 37.99
C CYS C 162 45.86 -4.07 37.15
N GLU C 163 46.50 -5.03 37.82
CA GLU C 163 47.35 -6.01 37.17
C GLU C 163 46.77 -7.42 37.22
N GLU C 164 47.41 -8.31 36.47
CA GLU C 164 47.42 -9.75 36.72
C GLU C 164 48.81 -10.11 37.25
N PHE C 165 48.91 -11.29 37.88
CA PHE C 165 50.15 -11.69 38.54
C PHE C 165 51.31 -11.73 37.54
N GLY C 166 52.39 -11.04 37.90
CA GLY C 166 53.56 -10.97 37.06
C GLY C 166 53.54 -9.87 36.02
N CYS C 167 52.43 -9.16 35.88
CA CYS C 167 52.30 -8.10 34.90
C CYS C 167 52.65 -6.78 35.56
N LEU C 168 53.69 -6.11 35.06
CA LEU C 168 54.18 -4.91 35.69
C LEU C 168 54.03 -3.66 34.82
N ALA C 169 53.44 -3.80 33.63
CA ALA C 169 53.32 -2.69 32.70
C ALA C 169 52.23 -1.72 33.16
N VAL C 170 52.23 -0.54 32.54
CA VAL C 170 51.26 0.50 32.84
C VAL C 170 50.82 1.16 31.53
N SER C 171 49.55 1.53 31.47
CA SER C 171 48.96 2.14 30.28
C SER C 171 49.29 1.32 29.04
N ASP C 172 49.17 0.01 29.17
CA ASP C 172 49.48 -0.93 28.10
C ASP C 172 48.68 -2.19 28.35
N GLY C 173 48.68 -3.09 27.38
CA GLY C 173 47.87 -4.28 27.47
C GLY C 173 46.51 -4.11 26.83
N CYS C 174 45.67 -5.11 27.02
CA CYS C 174 44.37 -5.10 26.38
C CYS C 174 43.40 -5.96 27.16
N VAL C 175 42.11 -5.67 26.98
CA VAL C 175 41.02 -6.57 27.36
C VAL C 175 40.06 -6.60 26.18
N PHE C 176 39.85 -7.78 25.60
CA PHE C 176 38.96 -7.90 24.44
C PHE C 176 38.04 -9.10 24.62
N GLY C 177 36.96 -9.10 23.84
CA GLY C 177 36.00 -10.19 23.98
C GLY C 177 34.87 -10.11 22.96
N SER C 178 33.97 -11.08 23.08
CA SER C 178 32.82 -11.27 22.21
C SER C 178 31.59 -11.49 23.07
N CYS C 179 30.41 -11.09 22.56
CA CYS C 179 29.17 -11.33 23.28
C CYS C 179 28.06 -11.64 22.28
N GLN C 180 27.05 -12.37 22.78
CA GLN C 180 25.83 -12.71 22.04
C GLN C 180 24.67 -12.73 23.02
N ASP C 181 23.56 -12.11 22.64
CA ASP C 181 22.38 -12.20 23.51
C ASP C 181 21.82 -13.62 23.51
N ILE C 182 21.20 -13.97 24.63
CA ILE C 182 20.40 -15.17 24.77
C ILE C 182 18.96 -14.73 24.99
N ILE C 183 18.08 -15.19 24.12
CA ILE C 183 16.69 -14.74 24.14
C ILE C 183 15.78 -15.95 24.31
N LYS C 184 14.54 -15.68 24.68
CA LYS C 184 13.48 -16.67 24.68
C LYS C 184 12.52 -16.37 23.54
N GLU C 185 12.29 -17.38 22.69
CA GLU C 185 11.51 -17.21 21.47
C GLU C 185 10.05 -17.03 21.88
N GLU C 186 9.53 -15.83 21.66
CA GLU C 186 8.16 -15.55 22.06
C GLU C 186 7.32 -14.98 20.92
N LEU C 187 7.85 -14.99 19.70
CA LEU C 187 7.23 -14.40 18.52
C LEU C 187 7.96 -14.89 17.27
N SER C 188 7.25 -14.96 16.13
CA SER C 188 7.83 -15.32 14.84
C SER C 188 7.42 -14.32 13.77
N VAL C 189 8.29 -14.11 12.79
CA VAL C 189 8.10 -13.09 11.75
C VAL C 189 8.17 -13.73 10.37
N TYR C 190 7.17 -13.44 9.53
CA TYR C 190 7.06 -13.99 8.19
C TYR C 190 7.05 -12.87 7.15
N ARG C 191 7.49 -13.21 5.94
CA ARG C 191 7.60 -12.28 4.82
C ARG C 191 6.73 -12.71 3.65
N LYS C 192 6.08 -11.73 3.01
CA LYS C 192 5.12 -12.03 1.94
C LYS C 192 5.86 -12.46 0.69
N GLU C 193 5.70 -13.73 0.31
CA GLU C 193 6.47 -14.30 -0.77
C GLU C 193 5.72 -14.33 -2.09
N THR C 194 4.43 -14.65 -2.08
CA THR C 194 3.60 -14.77 -3.28
C THR C 194 2.78 -13.51 -3.50
N GLU C 195 2.43 -13.27 -4.76
CA GLU C 195 1.47 -12.22 -5.06
C GLU C 195 0.10 -12.60 -4.51
N GLU C 196 -0.78 -11.60 -4.44
CA GLU C 196 -2.04 -11.69 -3.72
C GLU C 196 -3.14 -12.18 -4.65
N VAL C 197 -3.84 -13.26 -4.25
CA VAL C 197 -4.81 -13.88 -5.16
C VAL C 197 -6.19 -13.95 -4.50
N THR C 198 -7.22 -13.91 -5.35
CA THR C 198 -8.61 -13.75 -4.94
C THR C 198 -9.37 -15.06 -5.10
N ASP C 199 -10.06 -15.48 -4.05
CA ASP C 199 -10.97 -16.62 -4.07
C ASP C 199 -12.39 -16.08 -3.89
N VAL C 200 -13.22 -16.24 -4.92
CA VAL C 200 -14.63 -15.87 -4.89
C VAL C 200 -15.45 -17.08 -5.29
N GLU C 201 -16.43 -17.44 -4.47
CA GLU C 201 -17.27 -18.61 -4.67
C GLU C 201 -18.74 -18.20 -4.56
N LEU C 202 -19.52 -18.49 -5.60
CA LEU C 202 -20.93 -18.12 -5.68
C LEU C 202 -21.80 -19.37 -5.76
N CYS C 203 -23.06 -19.24 -5.35
CA CYS C 203 -23.97 -20.37 -5.28
C CYS C 203 -25.33 -20.00 -5.84
N LEU C 204 -26.07 -21.04 -6.26
CA LEU C 204 -27.42 -20.90 -6.80
C LEU C 204 -28.32 -21.95 -6.17
N THR C 205 -29.52 -21.53 -5.76
CA THR C 205 -30.46 -22.41 -5.09
C THR C 205 -31.80 -22.40 -5.80
N PHE C 206 -32.29 -23.60 -6.15
CA PHE C 206 -33.63 -23.72 -6.72
C PHE C 206 -34.21 -25.07 -6.28
N SER C 207 -35.50 -25.05 -5.93
CA SER C 207 -36.22 -26.26 -5.54
C SER C 207 -35.43 -27.06 -4.49
N ASP C 208 -34.86 -26.35 -3.52
CA ASP C 208 -34.07 -26.94 -2.44
C ASP C 208 -32.87 -27.74 -2.93
N LYS C 209 -32.16 -27.20 -3.93
CA LYS C 209 -30.91 -27.76 -4.42
C LYS C 209 -29.94 -26.61 -4.63
N THR C 210 -28.66 -26.80 -4.27
CA THR C 210 -27.72 -25.70 -4.45
C THR C 210 -26.50 -26.15 -5.23
N TYR C 211 -26.04 -25.30 -6.15
CA TYR C 211 -24.83 -25.56 -6.92
C TYR C 211 -23.90 -24.36 -6.81
N CYS C 212 -22.64 -24.60 -6.47
CA CYS C 212 -21.67 -23.54 -6.19
C CYS C 212 -20.46 -23.68 -7.11
N THR C 213 -19.70 -22.59 -7.25
CA THR C 213 -18.50 -22.60 -8.06
C THR C 213 -17.57 -21.46 -7.64
N ASN C 214 -16.29 -21.64 -7.95
CA ASN C 214 -15.32 -20.56 -7.86
C ASN C 214 -15.38 -19.69 -9.11
N LEU C 215 -14.85 -18.48 -8.98
CA LEU C 215 -14.84 -17.52 -10.08
C LEU C 215 -13.43 -17.03 -10.35
N ASN C 216 -13.21 -16.59 -11.59
CA ASN C 216 -11.92 -16.15 -12.06
C ASN C 216 -12.05 -14.76 -12.70
N PRO C 217 -11.12 -13.86 -12.41
CA PRO C 217 -11.14 -12.56 -13.11
C PRO C 217 -10.90 -12.67 -14.61
N VAL C 218 -10.19 -13.69 -15.07
CA VAL C 218 -9.87 -13.78 -16.49
C VAL C 218 -11.01 -14.41 -17.28
N THR C 219 -11.46 -15.60 -16.87
CA THR C 219 -12.35 -16.42 -17.68
C THR C 219 -13.76 -16.40 -17.11
N PRO C 220 -14.76 -15.93 -17.87
CA PRO C 220 -16.14 -16.01 -17.40
C PRO C 220 -16.64 -17.45 -17.44
N ILE C 221 -17.60 -17.75 -16.57
CA ILE C 221 -18.26 -19.04 -16.57
C ILE C 221 -19.61 -18.83 -17.26
N ILE C 222 -19.71 -19.30 -18.49
CA ILE C 222 -20.89 -19.13 -19.32
C ILE C 222 -21.49 -20.51 -19.60
N THR C 223 -22.68 -20.77 -19.07
CA THR C 223 -23.43 -21.95 -19.44
C THR C 223 -24.40 -21.60 -20.56
N ASP C 224 -25.21 -22.57 -20.95
CA ASP C 224 -26.28 -22.26 -21.91
C ASP C 224 -27.35 -21.41 -21.24
N LEU C 225 -27.74 -21.76 -20.03
CA LEU C 225 -28.83 -21.08 -19.34
C LEU C 225 -28.39 -20.01 -18.34
N PHE C 226 -27.11 -19.92 -18.00
CA PHE C 226 -26.71 -19.01 -16.94
C PHE C 226 -25.25 -18.61 -17.13
N GLU C 227 -24.95 -17.33 -16.91
CA GLU C 227 -23.62 -16.78 -17.18
C GLU C 227 -23.22 -15.85 -16.04
N VAL C 228 -21.99 -15.98 -15.56
CA VAL C 228 -21.44 -15.07 -14.56
C VAL C 228 -20.08 -14.57 -15.03
N GLN C 229 -19.77 -13.33 -14.66
CA GLN C 229 -18.50 -12.70 -14.97
C GLN C 229 -18.06 -11.85 -13.78
N PHE C 230 -16.83 -12.07 -13.32
CA PHE C 230 -16.30 -11.41 -12.14
C PHE C 230 -15.41 -10.25 -12.54
N LYS C 231 -15.78 -9.04 -12.10
CA LYS C 231 -15.09 -7.82 -12.45
C LYS C 231 -14.28 -7.33 -11.24
N THR C 232 -13.05 -6.89 -11.49
CA THR C 232 -12.21 -6.45 -10.40
C THR C 232 -11.07 -5.59 -10.95
N VAL C 233 -10.33 -4.96 -10.04
CA VAL C 233 -8.99 -4.47 -10.30
C VAL C 233 -8.06 -5.19 -9.32
N GLU C 234 -6.84 -5.46 -9.78
CA GLU C 234 -5.95 -6.38 -9.07
C GLU C 234 -4.96 -5.57 -8.24
N THR C 235 -5.44 -5.10 -7.09
CA THR C 235 -4.65 -4.35 -6.12
C THR C 235 -5.15 -4.67 -4.72
N TYR C 236 -4.29 -5.22 -3.87
CA TYR C 236 -4.73 -5.71 -2.57
C TYR C 236 -3.73 -5.33 -1.48
N SER C 237 -4.25 -5.00 -0.30
CA SER C 237 -3.41 -4.57 0.80
C SER C 237 -3.17 -5.75 1.73
N LEU C 238 -2.20 -6.58 1.36
CA LEU C 238 -1.64 -7.55 2.29
C LEU C 238 -0.27 -7.10 2.74
N PRO C 239 -0.02 -6.99 4.04
CA PRO C 239 1.25 -6.46 4.52
C PRO C 239 2.41 -7.37 4.11
N ARG C 240 3.54 -6.76 3.75
CA ARG C 240 4.65 -7.55 3.23
C ARG C 240 5.32 -8.36 4.35
N ILE C 241 5.34 -7.83 5.57
CA ILE C 241 5.95 -8.52 6.71
C ILE C 241 4.98 -8.55 7.87
N VAL C 242 4.81 -9.72 8.48
CA VAL C 242 3.81 -9.95 9.52
C VAL C 242 4.44 -10.68 10.69
N ALA C 243 4.06 -10.30 11.90
CA ALA C 243 4.41 -11.07 13.08
C ALA C 243 3.25 -11.97 13.47
N VAL C 244 3.60 -13.14 13.99
CA VAL C 244 2.66 -14.08 14.59
C VAL C 244 3.11 -14.29 16.03
N GLN C 245 2.18 -14.11 16.97
CA GLN C 245 2.46 -14.26 18.39
C GLN C 245 1.31 -15.02 19.05
N ASN C 246 1.62 -16.18 19.62
CA ASN C 246 0.63 -17.01 20.32
C ASN C 246 -0.64 -17.16 19.49
N HIS C 247 -0.45 -17.53 18.22
CA HIS C 247 -1.49 -17.83 17.24
C HIS C 247 -2.30 -16.61 16.82
N GLU C 248 -1.85 -15.40 17.11
CA GLU C 248 -2.45 -14.19 16.56
C GLU C 248 -1.52 -13.54 15.55
N ILE C 249 -2.13 -12.67 14.74
CA ILE C 249 -1.47 -12.03 13.62
C ILE C 249 -1.36 -10.53 13.93
N LYS C 250 -0.13 -10.06 14.12
CA LYS C 250 0.14 -8.67 14.49
C LYS C 250 0.98 -8.00 13.40
N ILE C 251 0.56 -6.79 13.01
CA ILE C 251 1.24 -6.02 11.97
C ILE C 251 1.70 -4.69 12.56
N GLY C 252 2.66 -4.07 11.88
CA GLY C 252 3.27 -2.83 12.33
C GLY C 252 4.65 -2.68 11.70
N GLN C 253 5.50 -1.90 12.36
CA GLN C 253 6.86 -1.71 11.88
C GLN C 253 7.72 -2.85 12.42
N ILE C 254 8.00 -3.81 11.57
CA ILE C 254 8.63 -5.07 11.95
C ILE C 254 9.78 -5.36 11.00
N ASN C 255 10.97 -5.60 11.56
CA ASN C 255 12.18 -5.68 10.76
C ASN C 255 12.13 -6.83 9.77
N ASP C 256 12.55 -6.54 8.53
CA ASP C 256 12.80 -7.60 7.56
C ASP C 256 14.09 -8.34 7.92
N LEU C 257 14.28 -9.50 7.30
CA LEU C 257 15.45 -10.33 7.56
C LEU C 257 16.74 -9.52 7.45
N GLY C 258 17.60 -9.63 8.47
CA GLY C 258 18.88 -8.98 8.46
C GLY C 258 18.86 -7.47 8.66
N VAL C 259 17.72 -6.89 8.97
CA VAL C 259 17.59 -5.46 9.19
C VAL C 259 17.54 -5.21 10.69
N TYR C 260 18.52 -4.46 11.19
CA TYR C 260 18.78 -4.34 12.62
C TYR C 260 18.26 -3.04 13.23
N SER C 261 17.52 -2.22 12.47
CA SER C 261 17.03 -0.94 12.98
C SER C 261 16.28 -1.15 14.29
N LYS C 262 16.41 -0.17 15.19
CA LYS C 262 15.82 -0.29 16.51
C LYS C 262 14.29 -0.34 16.43
N GLY C 263 13.72 -1.40 16.99
CA GLY C 263 12.29 -1.64 16.87
C GLY C 263 11.99 -3.11 17.08
N CYS C 264 10.78 -3.49 16.71
CA CYS C 264 10.35 -4.88 16.91
C CYS C 264 11.11 -5.81 15.98
N GLY C 265 11.80 -6.78 16.56
CA GLY C 265 12.52 -7.77 15.77
C GLY C 265 13.92 -7.37 15.36
N ASN C 266 14.59 -6.51 16.13
CA ASN C 266 15.99 -6.16 15.88
C ASN C 266 16.96 -7.17 16.47
N VAL C 267 16.45 -8.25 17.07
CA VAL C 267 17.24 -9.42 17.44
C VAL C 267 16.58 -10.61 16.75
N GLN C 268 17.25 -11.15 15.73
CA GLN C 268 16.67 -12.16 14.87
C GLN C 268 17.39 -13.49 15.07
N LYS C 269 16.64 -14.53 15.40
CA LYS C 269 17.20 -15.87 15.53
C LYS C 269 16.84 -16.62 14.26
N VAL C 270 17.83 -16.78 13.38
CA VAL C 270 17.65 -17.37 12.07
C VAL C 270 18.41 -18.70 12.04
N ASN C 271 17.72 -19.77 11.67
CA ASN C 271 18.27 -21.12 11.65
C ASN C 271 18.81 -21.41 13.05
N GLY C 272 20.11 -21.64 13.24
CA GLY C 272 20.62 -21.99 14.55
C GLY C 272 21.02 -20.85 15.47
N THR C 273 21.51 -19.75 14.91
CA THR C 273 22.19 -18.73 15.69
C THR C 273 21.39 -17.43 15.75
N ILE C 274 21.51 -16.76 16.90
CA ILE C 274 20.86 -15.47 17.12
C ILE C 274 21.75 -14.37 16.56
N TYR C 275 21.16 -13.48 15.79
CA TYR C 275 21.86 -12.34 15.20
C TYR C 275 21.34 -11.04 15.80
N GLY C 276 22.25 -10.07 15.96
CA GLY C 276 21.85 -8.78 16.49
C GLY C 276 22.91 -7.75 16.19
N ASN C 277 22.64 -6.52 16.62
CA ASN C 277 23.55 -5.41 16.37
C ASN C 277 23.44 -4.41 17.52
N GLY C 278 24.48 -3.59 17.64
CA GLY C 278 24.54 -2.58 18.69
C GLY C 278 25.99 -2.35 19.08
N VAL C 279 26.17 -1.51 20.11
CA VAL C 279 27.47 -1.34 20.76
C VAL C 279 27.37 -1.91 22.17
N PRO C 280 28.13 -2.96 22.48
CA PRO C 280 28.02 -3.58 23.81
C PRO C 280 28.45 -2.60 24.90
N ARG C 281 27.68 -2.59 25.99
CA ARG C 281 28.06 -1.84 27.17
C ARG C 281 29.07 -2.66 27.94
N PHE C 282 30.31 -2.22 27.91
CA PHE C 282 31.45 -3.02 28.34
C PHE C 282 32.43 -2.18 29.13
N ASP C 283 32.90 -2.74 30.24
CA ASP C 283 33.89 -2.09 31.08
C ASP C 283 34.52 -3.19 31.94
N TYR C 284 35.63 -2.87 32.58
CA TYR C 284 36.27 -3.85 33.47
C TYR C 284 36.39 -3.36 34.90
N LEU C 285 36.71 -4.33 35.76
CA LEU C 285 37.07 -4.15 37.15
C LEU C 285 38.53 -4.57 37.33
N CYS C 286 39.21 -3.98 38.31
CA CYS C 286 40.62 -4.26 38.56
C CYS C 286 40.80 -5.21 39.74
N HIS C 287 41.80 -6.09 39.61
CA HIS C 287 42.35 -6.85 40.72
C HIS C 287 43.85 -6.59 40.77
N LEU C 288 44.43 -6.81 41.95
CA LEU C 288 45.86 -6.57 42.12
C LEU C 288 46.69 -7.72 41.55
N ALA C 289 46.32 -8.96 41.87
CA ALA C 289 47.10 -10.13 41.52
C ALA C 289 46.36 -11.11 40.63
N SER C 290 45.14 -10.81 40.21
CA SER C 290 44.29 -11.74 39.50
C SER C 290 43.95 -11.20 38.12
N ARG C 291 43.24 -12.01 37.33
CA ARG C 291 42.79 -11.56 36.03
C ARG C 291 41.66 -10.56 36.20
N LYS C 292 41.55 -9.65 35.25
CA LYS C 292 40.53 -8.62 35.32
C LYS C 292 39.16 -9.19 35.00
N GLU C 293 38.15 -8.64 35.69
CA GLU C 293 36.77 -9.06 35.50
C GLU C 293 36.08 -8.14 34.50
N VAL C 294 35.25 -8.72 33.66
CA VAL C 294 34.53 -7.99 32.63
C VAL C 294 33.12 -7.71 33.13
N ILE C 295 32.64 -6.49 32.91
CA ILE C 295 31.27 -6.09 33.23
C ILE C 295 30.58 -5.81 31.90
N VAL C 296 29.61 -6.66 31.55
CA VAL C 296 28.83 -6.48 30.33
C VAL C 296 27.39 -6.23 30.76
N ARG C 297 26.91 -5.02 30.56
CA ARG C 297 25.53 -4.67 30.86
C ARG C 297 24.59 -4.87 29.68
N LYS C 298 25.10 -4.85 28.46
CA LYS C 298 24.28 -4.95 27.26
C LYS C 298 25.14 -5.46 26.12
N CYS C 299 24.54 -6.25 25.24
CA CYS C 299 25.27 -6.65 24.05
C CYS C 299 24.52 -6.18 22.80
N PHE C 300 23.51 -6.94 22.39
CA PHE C 300 22.66 -6.50 21.29
C PHE C 300 21.74 -5.39 21.77
N ASP C 301 21.40 -4.49 20.85
CA ASP C 301 20.22 -3.67 21.02
C ASP C 301 19.01 -4.59 20.85
N ASN C 302 18.16 -4.69 21.87
CA ASN C 302 16.97 -5.51 21.78
C ASN C 302 15.76 -4.66 22.18
N ASP C 303 14.95 -4.27 21.19
CA ASP C 303 13.76 -3.46 21.38
C ASP C 303 12.48 -4.29 21.37
N TYR C 304 12.57 -5.57 21.74
CA TYR C 304 11.39 -6.42 21.71
C TYR C 304 10.19 -5.81 22.41
N GLN C 305 10.39 -4.91 23.38
CA GLN C 305 9.25 -4.30 24.05
C GLN C 305 8.33 -3.59 23.06
N ALA C 306 8.91 -3.00 22.01
CA ALA C 306 8.10 -2.30 21.01
C ALA C 306 7.12 -3.24 20.32
N CYS C 307 7.43 -4.54 20.28
CA CYS C 307 6.52 -5.52 19.69
C CYS C 307 5.16 -5.50 20.38
N LYS C 308 5.12 -5.07 21.64
CA LYS C 308 3.86 -4.99 22.37
C LYS C 308 2.92 -3.95 21.78
N PHE C 309 3.43 -2.99 21.00
CA PHE C 309 2.62 -1.89 20.48
C PHE C 309 2.14 -2.13 19.06
N LEU C 310 2.42 -3.30 18.50
CA LEU C 310 1.91 -3.64 17.18
C LEU C 310 0.38 -3.62 17.16
N GLN C 311 -0.19 -3.27 16.01
CA GLN C 311 -1.62 -3.40 15.81
C GLN C 311 -1.98 -4.85 15.51
N SER C 312 -3.18 -5.25 15.92
CA SER C 312 -3.68 -6.60 15.64
C SER C 312 -4.92 -6.49 14.76
N PRO C 313 -4.79 -6.65 13.44
CA PRO C 313 -5.91 -6.38 12.54
C PRO C 313 -6.98 -7.46 12.64
N ALA C 314 -8.25 -7.01 12.65
CA ALA C 314 -9.38 -7.91 12.78
C ALA C 314 -9.81 -8.52 11.46
N SER C 315 -9.45 -7.93 10.32
CA SER C 315 -9.96 -8.33 9.03
C SER C 315 -9.15 -9.44 8.37
N TYR C 316 -8.16 -10.00 9.07
CA TYR C 316 -7.36 -11.09 8.53
C TYR C 316 -7.61 -12.37 9.32
N ARG C 317 -7.19 -13.50 8.75
CA ARG C 317 -7.19 -14.77 9.46
C ARG C 317 -6.04 -15.61 8.96
N LEU C 318 -5.50 -16.43 9.86
CA LEU C 318 -4.28 -17.19 9.67
C LEU C 318 -4.55 -18.63 9.26
N GLU C 319 -3.63 -19.16 8.46
CA GLU C 319 -3.45 -20.59 8.28
C GLU C 319 -1.97 -20.86 8.51
N GLU C 320 -1.65 -21.59 9.57
CA GLU C 320 -0.26 -21.87 9.94
C GLU C 320 0.17 -23.22 9.37
N ASP C 321 1.20 -23.21 8.54
CA ASP C 321 1.93 -24.39 8.15
C ASP C 321 3.37 -24.25 8.61
N SER C 322 4.05 -25.38 8.78
CA SER C 322 5.41 -25.33 9.29
C SER C 322 6.29 -24.49 8.38
N GLY C 323 6.77 -23.37 8.90
CA GLY C 323 7.64 -22.47 8.16
C GLY C 323 6.95 -21.49 7.23
N THR C 324 5.65 -21.65 6.96
CA THR C 324 4.95 -20.79 6.01
C THR C 324 3.56 -20.49 6.54
N VAL C 325 3.07 -19.27 6.31
CA VAL C 325 1.79 -18.86 6.87
C VAL C 325 0.95 -18.21 5.78
N THR C 326 -0.20 -18.80 5.50
CA THR C 326 -1.17 -18.18 4.59
C THR C 326 -2.02 -17.17 5.35
N ILE C 327 -2.20 -15.99 4.78
CA ILE C 327 -2.99 -14.92 5.37
C ILE C 327 -4.15 -14.62 4.44
N ILE C 328 -5.35 -14.52 5.01
CA ILE C 328 -6.59 -14.37 4.25
C ILE C 328 -7.33 -13.14 4.73
N ASP C 329 -7.80 -12.32 3.78
CA ASP C 329 -8.70 -11.20 4.02
C ASP C 329 -10.07 -11.58 3.45
N TYR C 330 -11.04 -11.83 4.34
CA TYR C 330 -12.39 -12.24 3.95
C TYR C 330 -13.44 -11.14 3.89
N LYS C 331 -13.22 -9.98 4.50
CA LYS C 331 -14.35 -9.10 4.84
C LYS C 331 -14.67 -8.04 3.80
N LYS C 332 -13.91 -7.96 2.71
CA LYS C 332 -13.97 -6.75 1.89
C LYS C 332 -14.58 -7.03 0.53
N ILE C 333 -14.97 -5.96 -0.14
CA ILE C 333 -15.62 -6.00 -1.45
C ILE C 333 -14.54 -6.06 -2.53
N LEU C 334 -14.54 -7.14 -3.29
CA LEU C 334 -13.48 -7.40 -4.26
C LEU C 334 -13.87 -7.12 -5.71
N GLY C 335 -15.06 -6.59 -5.96
CA GLY C 335 -15.45 -6.32 -7.33
C GLY C 335 -16.95 -6.43 -7.49
N THR C 336 -17.35 -6.80 -8.72
CA THR C 336 -18.76 -6.97 -9.05
C THR C 336 -18.98 -8.32 -9.73
N ILE C 337 -20.07 -8.99 -9.36
CA ILE C 337 -20.52 -10.21 -10.04
C ILE C 337 -21.63 -9.83 -11.01
N LYS C 338 -21.38 -10.01 -12.31
CA LYS C 338 -22.38 -9.73 -13.34
C LYS C 338 -22.99 -11.05 -13.78
N MET C 339 -24.32 -11.07 -13.89
CA MET C 339 -25.07 -12.29 -14.18
C MET C 339 -25.97 -12.07 -15.39
N LYS C 340 -26.04 -13.09 -16.25
CA LYS C 340 -27.00 -13.14 -17.35
C LYS C 340 -27.73 -14.48 -17.26
N ALA C 341 -29.01 -14.44 -16.88
CA ALA C 341 -29.83 -15.64 -16.80
C ALA C 341 -30.72 -15.71 -18.04
N ILE C 342 -30.37 -16.60 -18.96
CA ILE C 342 -31.10 -16.78 -20.21
C ILE C 342 -31.69 -18.19 -20.20
N LEU C 343 -32.97 -18.30 -19.84
CA LEU C 343 -33.62 -19.58 -19.60
C LEU C 343 -34.46 -20.04 -20.79
N GLY C 344 -35.39 -19.20 -21.23
CA GLY C 344 -36.37 -19.62 -22.22
C GLY C 344 -37.49 -18.60 -22.30
N ASP C 345 -38.68 -19.09 -22.66
CA ASP C 345 -39.84 -18.20 -22.72
C ASP C 345 -40.39 -18.07 -21.30
N VAL C 346 -40.00 -16.99 -20.65
CA VAL C 346 -40.33 -16.70 -19.26
C VAL C 346 -40.31 -15.19 -19.08
N LYS C 347 -40.76 -14.74 -17.91
CA LYS C 347 -40.65 -13.35 -17.51
C LYS C 347 -40.04 -13.28 -16.11
N TYR C 348 -39.20 -12.28 -15.87
CA TYR C 348 -38.41 -12.19 -14.66
C TYR C 348 -38.92 -11.08 -13.75
N LYS C 349 -38.99 -11.38 -12.45
CA LYS C 349 -39.31 -10.38 -11.44
C LYS C 349 -38.40 -10.60 -10.25
N THR C 350 -37.52 -9.64 -9.98
CA THR C 350 -36.56 -9.79 -8.90
C THR C 350 -37.23 -9.61 -7.54
N PHE C 351 -36.77 -10.38 -6.55
CA PHE C 351 -37.28 -10.21 -5.20
C PHE C 351 -36.14 -10.10 -4.19
N ALA C 352 -36.52 -9.57 -3.03
CA ALA C 352 -35.73 -9.59 -1.81
C ALA C 352 -36.69 -9.50 -0.63
N ASP C 353 -36.35 -10.18 0.46
CA ASP C 353 -37.17 -10.11 1.66
C ASP C 353 -36.75 -8.93 2.53
N SER C 354 -37.57 -8.64 3.53
CA SER C 354 -37.22 -7.67 4.56
C SER C 354 -36.52 -8.37 5.70
N VAL C 355 -35.56 -7.68 6.32
CA VAL C 355 -34.73 -8.26 7.38
C VAL C 355 -35.26 -7.78 8.72
N ASP C 356 -35.43 -8.73 9.65
CA ASP C 356 -35.82 -8.44 11.02
C ASP C 356 -34.64 -8.72 11.94
N ILE C 357 -34.20 -7.70 12.67
CA ILE C 357 -33.07 -7.82 13.59
C ILE C 357 -33.44 -7.13 14.89
N THR C 358 -33.19 -7.80 16.02
CA THR C 358 -33.29 -7.18 17.33
C THR C 358 -31.91 -7.15 17.96
N ALA C 359 -31.61 -6.09 18.71
CA ALA C 359 -30.25 -5.92 19.17
C ALA C 359 -30.18 -5.13 20.47
N GLU C 360 -29.05 -5.32 21.15
CA GLU C 360 -28.68 -4.54 22.32
C GLU C 360 -27.17 -4.32 22.26
N GLY C 361 -26.66 -3.42 23.09
CA GLY C 361 -25.24 -3.12 23.06
C GLY C 361 -24.71 -2.67 24.39
N SER C 362 -23.43 -2.98 24.63
CA SER C 362 -22.72 -2.51 25.81
C SER C 362 -21.34 -2.05 25.36
N CYS C 363 -21.02 -0.79 25.63
CA CYS C 363 -19.80 -0.17 25.14
C CYS C 363 -18.99 0.40 26.30
N THR C 364 -17.68 0.17 26.28
CA THR C 364 -16.78 0.78 27.25
C THR C 364 -15.48 1.18 26.56
N GLY C 365 -14.84 2.21 27.07
CA GLY C 365 -13.59 2.68 26.48
C GLY C 365 -13.23 4.05 26.99
N CYS C 366 -12.40 4.75 26.21
CA CYS C 366 -11.85 6.04 26.60
C CYS C 366 -11.81 6.95 25.38
N ILE C 367 -11.14 8.08 25.52
CA ILE C 367 -11.02 9.09 24.47
C ILE C 367 -9.55 9.44 24.30
N ASN C 368 -9.16 9.75 23.06
CA ASN C 368 -7.82 10.23 22.77
C ASN C 368 -6.77 9.25 23.29
N CYS C 369 -7.10 7.96 23.21
CA CYS C 369 -6.30 6.90 23.80
C CYS C 369 -6.06 5.83 22.75
N PHE C 370 -5.15 4.91 23.07
CA PHE C 370 -4.72 3.92 22.09
C PHE C 370 -5.79 2.86 21.85
N GLU C 371 -6.49 2.43 22.90
CA GLU C 371 -7.45 1.35 22.81
C GLU C 371 -8.83 1.81 22.39
N ASN C 372 -9.17 3.09 22.65
CA ASN C 372 -10.45 3.67 22.24
C ASN C 372 -11.63 2.89 22.84
N ILE C 373 -12.67 2.63 22.05
CA ILE C 373 -13.91 2.08 22.61
C ILE C 373 -14.19 0.73 21.98
N HIS C 374 -14.65 -0.21 22.82
CA HIS C 374 -15.07 -1.55 22.39
C HIS C 374 -16.53 -1.75 22.78
N CYS C 375 -17.29 -2.36 21.86
CA CYS C 375 -18.71 -2.60 22.03
C CYS C 375 -19.03 -4.07 21.76
N GLU C 376 -19.80 -4.68 22.67
CA GLU C 376 -20.38 -5.99 22.46
C GLU C 376 -21.87 -5.83 22.23
N LEU C 377 -22.32 -6.23 21.05
CA LEU C 377 -23.70 -6.15 20.59
C LEU C 377 -24.31 -7.55 20.60
N THR C 378 -25.56 -7.63 21.05
CA THR C 378 -26.35 -8.83 20.89
C THR C 378 -27.32 -8.61 19.72
N LEU C 379 -27.08 -9.34 18.62
CA LEU C 379 -27.82 -9.22 17.37
C LEU C 379 -28.47 -10.54 17.04
N HIS C 380 -29.81 -10.56 17.05
CA HIS C 380 -30.58 -11.72 16.60
C HIS C 380 -31.23 -11.36 15.27
N THR C 381 -30.92 -12.15 14.25
CA THR C 381 -31.47 -11.99 12.91
C THR C 381 -32.08 -13.30 12.45
N THR C 382 -33.16 -13.20 11.68
CA THR C 382 -33.82 -14.38 11.17
C THR C 382 -33.16 -14.94 9.92
N ILE C 383 -32.59 -14.07 9.07
CA ILE C 383 -31.93 -14.48 7.83
C ILE C 383 -30.53 -13.90 7.80
N GLU C 384 -29.67 -14.53 7.01
CA GLU C 384 -28.30 -14.05 6.88
C GLU C 384 -28.30 -12.74 6.12
N ALA C 385 -27.72 -11.71 6.72
CA ALA C 385 -27.76 -10.36 6.17
C ALA C 385 -26.39 -9.72 6.23
N SER C 386 -26.04 -9.00 5.17
CA SER C 386 -24.87 -8.14 5.14
C SER C 386 -25.34 -6.73 5.52
N CYS C 387 -25.01 -6.29 6.73
CA CYS C 387 -25.58 -5.07 7.29
C CYS C 387 -24.59 -3.93 7.25
N PRO C 388 -24.89 -2.83 6.56
CA PRO C 388 -24.14 -1.59 6.80
C PRO C 388 -24.48 -1.07 8.18
N ILE C 389 -23.46 -0.76 8.96
CA ILE C 389 -23.65 -0.26 10.32
C ILE C 389 -23.21 1.20 10.36
N LYS C 390 -24.02 2.02 11.03
CA LYS C 390 -23.79 3.46 11.10
C LYS C 390 -23.72 3.89 12.57
N SER C 391 -22.92 4.91 12.83
CA SER C 391 -22.80 5.45 14.18
C SER C 391 -22.40 6.92 14.12
N SER C 392 -22.76 7.64 15.18
CA SER C 392 -22.26 8.99 15.37
C SER C 392 -20.74 8.99 15.46
N CYS C 393 -20.19 8.10 16.29
CA CYS C 393 -18.75 7.92 16.34
C CYS C 393 -18.29 7.16 15.09
N THR C 394 -16.97 7.05 14.95
CA THR C 394 -16.38 6.34 13.82
C THR C 394 -16.11 4.90 14.22
N VAL C 395 -16.86 3.96 13.64
CA VAL C 395 -16.65 2.53 13.88
C VAL C 395 -15.50 2.05 12.99
N PHE C 396 -14.74 1.06 13.47
CA PHE C 396 -13.58 0.59 12.71
C PHE C 396 -13.99 0.02 11.35
N HIS C 397 -14.84 -0.99 11.35
CA HIS C 397 -15.30 -1.64 10.13
C HIS C 397 -16.68 -1.12 9.77
N ASP C 398 -16.85 -0.73 8.51
CA ASP C 398 -18.05 -0.05 8.07
C ASP C 398 -19.30 -0.92 8.13
N ARG C 399 -19.18 -2.24 8.12
CA ARG C 399 -20.34 -3.12 8.04
C ARG C 399 -20.13 -4.31 8.97
N ILE C 400 -21.16 -5.15 9.07
CA ILE C 400 -21.14 -6.35 9.90
C ILE C 400 -22.12 -7.36 9.32
N LEU C 401 -21.73 -8.63 9.32
CA LEU C 401 -22.53 -9.70 8.73
C LEU C 401 -23.23 -10.46 9.84
N VAL C 402 -24.55 -10.33 9.91
CA VAL C 402 -25.35 -11.01 10.93
C VAL C 402 -25.87 -12.31 10.36
N THR C 403 -25.73 -13.38 11.12
CA THR C 403 -26.20 -14.70 10.73
C THR C 403 -27.00 -15.30 11.89
N PRO C 404 -28.01 -16.14 11.59
CA PRO C 404 -28.81 -16.71 12.67
C PRO C 404 -28.02 -17.55 13.66
N ASN C 405 -26.78 -17.92 13.33
CA ASN C 405 -26.00 -18.79 14.20
C ASN C 405 -25.53 -18.07 15.45
N GLU C 406 -24.70 -17.04 15.27
CA GLU C 406 -24.07 -16.32 16.37
C GLU C 406 -24.88 -15.08 16.73
N HIS C 407 -25.18 -14.92 18.02
CA HIS C 407 -25.98 -13.80 18.49
C HIS C 407 -25.16 -12.67 19.08
N LYS C 408 -23.89 -12.88 19.39
CA LYS C 408 -23.05 -11.86 20.02
C LYS C 408 -21.90 -11.49 19.09
N TYR C 409 -21.79 -10.19 18.80
CA TYR C 409 -20.84 -9.65 17.85
C TYR C 409 -20.12 -8.47 18.49
N ALA C 410 -18.86 -8.28 18.14
CA ALA C 410 -18.05 -7.20 18.70
C ALA C 410 -17.69 -6.20 17.61
N LEU C 411 -17.54 -4.94 18.00
CA LEU C 411 -17.06 -3.91 17.08
C LEU C 411 -16.48 -2.74 17.88
N LYS C 412 -15.49 -2.07 17.31
CA LYS C 412 -14.77 -1.02 18.01
C LYS C 412 -14.99 0.34 17.36
N MET C 413 -14.76 1.39 18.15
CA MET C 413 -15.05 2.77 17.76
C MET C 413 -13.99 3.73 18.27
N VAL C 414 -13.86 4.84 17.54
CA VAL C 414 -13.14 6.02 17.98
C VAL C 414 -14.14 7.16 18.08
N CYS C 415 -14.41 7.62 19.30
CA CYS C 415 -15.26 8.79 19.52
C CYS C 415 -14.34 9.99 19.67
N THR C 416 -14.43 10.94 18.73
CA THR C 416 -13.59 12.13 18.77
C THR C 416 -13.93 13.04 19.94
N GLU C 417 -15.19 13.06 20.37
CA GLU C 417 -15.65 13.84 21.50
C GLU C 417 -16.08 12.88 22.61
N LYS C 418 -16.64 13.43 23.69
CA LYS C 418 -16.96 12.63 24.85
C LYS C 418 -18.40 12.15 24.79
N PRO C 419 -18.64 10.84 24.68
CA PRO C 419 -20.02 10.34 24.66
C PRO C 419 -20.59 10.29 26.06
N GLY C 420 -21.91 10.25 26.12
CA GLY C 420 -22.64 10.13 27.38
C GLY C 420 -22.94 8.69 27.72
N ASN C 421 -24.10 8.48 28.34
CA ASN C 421 -24.56 7.11 28.60
C ASN C 421 -25.05 6.46 27.31
N THR C 422 -25.71 7.22 26.45
CA THR C 422 -26.21 6.72 25.18
C THR C 422 -25.13 6.80 24.10
N LEU C 423 -24.98 5.71 23.36
CA LEU C 423 -24.10 5.66 22.18
C LEU C 423 -24.90 4.99 21.07
N THR C 424 -25.28 5.75 20.05
CA THR C 424 -26.23 5.30 19.03
C THR C 424 -25.50 4.51 17.94
N ILE C 425 -25.99 3.31 17.67
CA ILE C 425 -25.43 2.43 16.65
C ILE C 425 -26.58 1.82 15.86
N LYS C 426 -26.42 1.69 14.54
CA LYS C 426 -27.53 1.24 13.69
C LYS C 426 -27.06 0.08 12.82
N VAL C 427 -27.67 -1.10 13.03
CA VAL C 427 -27.32 -2.31 12.29
C VAL C 427 -28.45 -2.61 11.31
N CYS C 428 -28.14 -2.60 10.00
CA CYS C 428 -29.14 -2.62 8.93
C CYS C 428 -30.15 -1.51 9.25
N ASN C 429 -31.45 -1.78 9.28
CA ASN C 429 -32.44 -0.79 9.62
C ASN C 429 -32.77 -0.76 11.10
N THR C 430 -32.27 -1.72 11.88
CA THR C 430 -32.52 -1.74 13.32
C THR C 430 -31.64 -0.70 14.00
N LYS C 431 -32.29 0.23 14.71
CA LYS C 431 -31.60 1.35 15.34
C LYS C 431 -31.46 1.02 16.84
N VAL C 432 -30.21 0.99 17.30
CA VAL C 432 -29.84 0.39 18.58
C VAL C 432 -29.25 1.46 19.49
N GLU C 433 -29.73 1.50 20.73
CA GLU C 433 -29.14 2.31 21.79
C GLU C 433 -28.12 1.47 22.54
N ALA C 434 -26.88 1.94 22.59
CA ALA C 434 -25.80 1.23 23.26
C ALA C 434 -25.47 1.92 24.59
N SER C 435 -25.31 1.12 25.63
CA SER C 435 -24.91 1.62 26.95
C SER C 435 -23.41 1.88 26.96
N MET C 436 -23.02 3.13 27.24
CA MET C 436 -21.62 3.53 27.23
C MET C 436 -21.17 3.93 28.64
N ALA C 437 -19.98 3.47 29.02
CA ALA C 437 -19.34 3.86 30.28
C ALA C 437 -17.88 4.19 29.99
N LEU C 438 -17.49 5.43 30.23
CA LEU C 438 -16.10 5.85 30.08
C LEU C 438 -15.25 5.36 31.23
N VAL C 439 -14.19 4.62 30.91
CA VAL C 439 -13.15 4.25 31.86
C VAL C 439 -11.87 4.97 31.44
N ASP C 440 -11.01 5.26 32.43
CA ASP C 440 -9.74 5.90 32.14
C ASP C 440 -8.88 5.03 31.22
N ALA C 441 -8.02 5.70 30.45
CA ALA C 441 -7.11 5.01 29.54
C ALA C 441 -6.16 4.08 30.29
N LYS C 442 -5.89 2.92 29.69
CA LYS C 442 -4.99 1.96 30.30
C LYS C 442 -3.61 2.58 30.49
N PRO C 443 -2.93 2.30 31.59
CA PRO C 443 -1.61 2.91 31.81
C PRO C 443 -0.61 2.44 30.77
N ILE C 444 0.31 3.33 30.41
CA ILE C 444 1.34 3.04 29.43
C ILE C 444 2.53 2.43 30.15
N ILE C 445 2.91 1.22 29.77
CA ILE C 445 3.95 0.49 30.47
C ILE C 445 4.96 -0.03 29.45
N GLU C 446 6.23 -0.11 29.89
CA GLU C 446 7.33 -0.65 29.08
C GLU C 446 7.49 0.08 27.76
N LEU C 447 7.11 1.35 27.69
CA LEU C 447 7.39 2.11 26.48
C LEU C 447 8.89 2.44 26.33
N ALA C 448 9.59 2.63 27.45
CA ALA C 448 11.00 3.01 27.40
C ALA C 448 11.88 1.80 27.03
N PRO C 449 13.00 2.03 26.36
CA PRO C 449 13.89 0.93 25.98
C PRO C 449 14.68 0.43 27.19
N VAL C 450 15.31 -0.73 27.01
CA VAL C 450 16.12 -1.33 28.07
C VAL C 450 17.58 -0.89 27.90
N ASP C 451 18.04 -0.08 28.86
CA ASP C 451 19.47 0.25 28.91
C ASP C 451 20.30 -1.01 29.06
N GLN C 452 19.87 -1.91 29.95
CA GLN C 452 20.67 -3.02 30.43
C GLN C 452 19.86 -4.29 30.27
N THR C 453 20.30 -5.17 29.36
CA THR C 453 19.61 -6.44 29.16
C THR C 453 19.89 -7.42 30.30
N ALA C 454 21.12 -7.42 30.83
CA ALA C 454 21.48 -8.20 32.00
C ALA C 454 22.75 -7.62 32.61
N TYR C 455 23.13 -8.12 33.78
CA TYR C 455 24.38 -7.75 34.44
C TYR C 455 25.30 -8.95 34.45
N ILE C 456 26.34 -8.94 33.62
CA ILE C 456 27.28 -10.05 33.49
C ILE C 456 28.62 -9.62 34.08
N ARG C 457 29.00 -10.26 35.18
CA ARG C 457 30.28 -10.03 35.85
C ARG C 457 31.02 -11.35 36.06
N GLU C 458 32.11 -11.55 35.33
CA GLU C 458 32.90 -12.75 35.50
C GLU C 458 34.32 -12.56 34.95
#